data_6FW4
#
_entry.id   6FW4
#
_entity_poly.entity_id   1
_entity_poly.type   'polypeptide(L)'
_entity_poly.pdbx_seq_one_letter_code
;AARQQFVTSEVGRYGAIYTQLIRQNLLVEDSFRGKQCRVNLKLIPTGTGALLGSLTVLDGDSRLCAATKRAVAQVNSFPL
PKDQPDVVEKLKNINLTVAPE
;
_entity_poly.pdbx_strand_id   A
#
# COMPACT_ATOMS: atom_id res chain seq x y z
N ALA A 1 14.89 16.54 -12.44
CA ALA A 1 13.66 15.79 -12.19
C ALA A 1 12.78 15.56 -13.43
N ALA A 2 12.84 16.46 -14.42
CA ALA A 2 12.34 16.34 -15.81
C ALA A 2 10.82 16.54 -15.93
N ARG A 3 10.06 15.92 -15.02
CA ARG A 3 8.63 16.19 -14.73
C ARG A 3 7.66 15.60 -15.77
N GLN A 4 8.15 14.83 -16.74
CA GLN A 4 7.33 14.22 -17.81
C GLN A 4 6.88 12.80 -17.46
N GLN A 5 7.58 12.14 -16.54
CA GLN A 5 7.51 10.68 -16.28
C GLN A 5 7.76 10.32 -14.80
N PHE A 6 8.45 11.18 -14.03
CA PHE A 6 8.99 10.89 -12.69
C PHE A 6 7.96 10.42 -11.63
N VAL A 7 6.66 10.56 -11.90
CA VAL A 7 5.58 9.94 -11.11
C VAL A 7 5.79 8.43 -10.93
N THR A 8 6.46 7.77 -11.90
CA THR A 8 6.87 6.36 -11.81
C THR A 8 7.93 6.08 -10.75
N SER A 9 8.72 7.09 -10.38
CA SER A 9 9.64 7.01 -9.24
C SER A 9 8.98 7.42 -7.93
N GLU A 10 7.99 8.34 -7.98
CA GLU A 10 7.20 8.68 -6.80
C GLU A 10 6.28 7.55 -6.40
N VAL A 11 5.74 6.75 -7.34
CA VAL A 11 4.83 5.65 -6.97
C VAL A 11 5.57 4.53 -6.23
N GLY A 12 6.88 4.44 -6.48
CA GLY A 12 7.84 3.59 -5.79
C GLY A 12 8.13 4.05 -4.34
N ARG A 13 7.74 5.27 -3.95
CA ARG A 13 7.66 5.71 -2.56
C ARG A 13 6.23 5.65 -2.02
N TYR A 14 5.30 6.33 -2.69
CA TYR A 14 3.93 6.62 -2.26
C TYR A 14 3.15 5.37 -1.84
N GLY A 15 3.22 4.30 -2.63
CA GLY A 15 2.65 2.98 -2.32
C GLY A 15 3.55 2.09 -1.46
N ALA A 16 4.84 2.41 -1.38
CA ALA A 16 5.80 1.65 -0.56
C ALA A 16 5.59 1.92 0.94
N ILE A 17 5.19 3.13 1.33
CA ILE A 17 4.94 3.49 2.74
C ILE A 17 3.84 2.61 3.36
N TYR A 18 2.91 2.13 2.52
CA TYR A 18 1.85 1.22 2.90
C TYR A 18 2.40 -0.22 2.95
N THR A 19 2.94 -0.71 1.82
CA THR A 19 3.36 -2.11 1.64
C THR A 19 4.44 -2.53 2.63
N GLN A 20 5.35 -1.62 2.97
CA GLN A 20 6.45 -1.83 3.91
C GLN A 20 5.94 -1.88 5.35
N LEU A 21 4.89 -1.14 5.69
CA LEU A 21 4.26 -1.25 7.02
C LEU A 21 3.45 -2.53 7.15
N ILE A 22 2.84 -3.01 6.06
CA ILE A 22 2.07 -4.26 6.05
C ILE A 22 2.98 -5.46 6.26
N ARG A 23 4.00 -5.61 5.40
CA ARG A 23 4.90 -6.77 5.43
C ARG A 23 5.72 -6.83 6.72
N GLN A 24 5.88 -5.70 7.41
CA GLN A 24 6.57 -5.67 8.70
C GLN A 24 5.68 -6.16 9.87
N ASN A 25 4.38 -6.38 9.66
CA ASN A 25 3.57 -7.17 10.61
C ASN A 25 3.76 -8.68 10.39
N LEU A 26 3.79 -9.10 9.12
CA LEU A 26 3.82 -10.50 8.69
C LEU A 26 4.97 -10.71 7.69
N LEU A 27 6.17 -10.98 8.21
CA LEU A 27 7.44 -11.09 7.46
C LEU A 27 7.58 -12.39 6.64
N VAL A 28 6.50 -12.84 6.00
CA VAL A 28 6.37 -14.19 5.42
C VAL A 28 7.13 -14.31 4.09
N GLU A 29 6.76 -13.50 3.10
CA GLU A 29 7.44 -13.27 1.81
C GLU A 29 7.32 -14.43 0.81
N ASP A 30 7.68 -15.66 1.22
CA ASP A 30 7.80 -16.83 0.35
C ASP A 30 6.45 -17.29 -0.24
N SER A 31 5.36 -17.12 0.51
CA SER A 31 3.97 -17.37 0.07
C SER A 31 3.25 -16.09 -0.40
N PHE A 32 3.95 -14.95 -0.47
CA PHE A 32 3.49 -13.68 -1.05
C PHE A 32 4.06 -13.46 -2.46
N ARG A 33 5.24 -14.04 -2.73
CA ARG A 33 5.91 -14.08 -4.04
C ARG A 33 5.58 -15.36 -4.84
N GLY A 34 6.02 -15.45 -6.09
CA GLY A 34 5.88 -16.61 -6.99
C GLY A 34 4.51 -16.76 -7.64
N LYS A 35 3.45 -16.35 -6.94
CA LYS A 35 2.08 -16.12 -7.44
C LYS A 35 1.85 -14.62 -7.70
N GLN A 36 0.60 -14.20 -7.91
CA GLN A 36 0.24 -12.79 -8.10
C GLN A 36 -0.90 -12.41 -7.15
N CYS A 37 -1.06 -11.11 -6.87
CA CYS A 37 -2.18 -10.55 -6.11
C CYS A 37 -2.36 -9.06 -6.46
N ARG A 38 -3.60 -8.56 -6.38
CA ARG A 38 -3.97 -7.16 -6.56
C ARG A 38 -5.10 -6.78 -5.59
N VAL A 39 -4.82 -5.83 -4.73
CA VAL A 39 -5.76 -5.30 -3.75
C VAL A 39 -5.58 -3.79 -3.67
N ASN A 40 -6.46 -3.10 -2.97
CA ASN A 40 -6.61 -1.67 -3.04
C ASN A 40 -6.93 -1.10 -1.65
N LEU A 41 -6.09 -0.15 -1.21
CA LEU A 41 -6.25 0.53 0.07
C LEU A 41 -6.78 1.95 -0.18
N LYS A 42 -7.85 2.30 0.54
CA LYS A 42 -8.42 3.64 0.59
C LYS A 42 -8.35 4.16 2.04
N LEU A 43 -7.42 5.09 2.31
CA LEU A 43 -7.14 5.62 3.64
C LEU A 43 -7.82 6.97 3.86
N ILE A 44 -7.97 7.34 5.13
CA ILE A 44 -8.35 8.68 5.60
C ILE A 44 -7.11 9.44 6.10
N PRO A 45 -7.08 10.78 6.06
CA PRO A 45 -5.96 11.57 6.59
C PRO A 45 -5.97 11.59 8.12
N THR A 46 -4.77 11.74 8.70
CA THR A 46 -4.48 11.75 10.16
C THR A 46 -3.04 12.24 10.35
N GLY A 47 -2.75 12.92 11.46
CA GLY A 47 -1.53 13.73 11.65
C GLY A 47 -0.22 12.93 11.76
N THR A 48 -0.29 11.63 12.08
CA THR A 48 0.85 10.70 12.16
C THR A 48 1.04 9.87 10.89
N GLY A 49 0.10 9.98 9.93
CA GLY A 49 0.00 9.14 8.73
C GLY A 49 -1.45 8.77 8.43
N ALA A 50 -1.73 8.26 7.22
CA ALA A 50 -3.08 7.87 6.81
C ALA A 50 -3.58 6.68 7.66
N LEU A 51 -4.91 6.45 7.69
CA LEU A 51 -5.56 5.37 8.46
C LEU A 51 -6.52 4.58 7.57
N LEU A 52 -6.62 3.25 7.78
CA LEU A 52 -7.52 2.39 7.00
C LEU A 52 -9.00 2.80 7.12
N GLY A 53 -9.53 3.34 6.02
CA GLY A 53 -10.94 3.65 5.83
C GLY A 53 -11.67 2.48 5.16
N SER A 54 -11.07 1.90 4.11
CA SER A 54 -11.63 0.77 3.35
C SER A 54 -10.52 -0.02 2.64
N LEU A 55 -10.68 -1.34 2.52
CA LEU A 55 -9.81 -2.20 1.72
C LEU A 55 -10.66 -3.01 0.72
N THR A 56 -10.30 -2.91 -0.56
CA THR A 56 -10.91 -3.65 -1.66
C THR A 56 -9.94 -4.74 -2.09
N VAL A 57 -10.34 -6.00 -2.04
CA VAL A 57 -9.61 -7.10 -2.71
C VAL A 57 -10.14 -7.23 -4.14
N LEU A 58 -9.25 -7.19 -5.14
CA LEU A 58 -9.62 -7.28 -6.56
C LEU A 58 -9.32 -8.68 -7.12
N ASP A 59 -8.18 -9.26 -6.75
CA ASP A 59 -7.79 -10.65 -7.05
C ASP A 59 -6.51 -11.07 -6.27
N GLY A 60 -6.15 -12.35 -6.35
CA GLY A 60 -4.89 -12.92 -5.88
C GLY A 60 -5.00 -14.34 -5.37
N ASP A 61 -3.84 -14.94 -5.09
CA ASP A 61 -3.76 -16.19 -4.35
C ASP A 61 -3.99 -15.88 -2.87
N SER A 62 -5.01 -16.52 -2.29
CA SER A 62 -5.71 -16.07 -1.08
C SER A 62 -4.81 -15.85 0.15
N ARG A 63 -3.69 -16.59 0.21
CA ARG A 63 -2.70 -16.47 1.27
C ARG A 63 -2.11 -15.05 1.43
N LEU A 64 -2.12 -14.20 0.39
CA LEU A 64 -1.71 -12.78 0.50
C LEU A 64 -2.90 -11.85 0.81
N CYS A 65 -3.95 -11.77 -0.02
CA CYS A 65 -5.08 -10.85 0.21
C CYS A 65 -5.78 -11.01 1.56
N ALA A 66 -5.84 -12.22 2.13
CA ALA A 66 -6.35 -12.45 3.49
C ALA A 66 -5.37 -11.93 4.58
N ALA A 67 -4.06 -12.11 4.37
CA ALA A 67 -3.01 -11.73 5.31
C ALA A 67 -2.81 -10.20 5.38
N THR A 68 -2.60 -9.55 4.23
CA THR A 68 -2.43 -8.08 4.13
C THR A 68 -3.61 -7.37 4.78
N LYS A 69 -4.82 -7.75 4.40
CA LYS A 69 -6.09 -7.18 4.87
C LYS A 69 -6.15 -7.12 6.40
N ARG A 70 -5.80 -8.22 7.07
CA ARG A 70 -5.74 -8.29 8.54
C ARG A 70 -4.68 -7.34 9.13
N ALA A 71 -3.50 -7.23 8.51
CA ALA A 71 -2.44 -6.27 8.88
C ALA A 71 -2.90 -4.81 8.69
N VAL A 72 -3.50 -4.46 7.56
CA VAL A 72 -4.01 -3.10 7.30
C VAL A 72 -5.13 -2.69 8.27
N ALA A 73 -5.85 -3.67 8.80
CA ALA A 73 -6.92 -3.46 9.79
C ALA A 73 -6.37 -3.24 11.22
N GLN A 74 -5.05 -3.39 11.42
CA GLN A 74 -4.41 -3.31 12.74
C GLN A 74 -3.16 -2.41 12.79
N VAL A 75 -2.63 -1.98 11.63
CA VAL A 75 -1.54 -0.98 11.55
C VAL A 75 -1.82 0.32 12.34
N ASN A 76 -0.75 0.97 12.83
CA ASN A 76 -0.83 2.22 13.59
C ASN A 76 -1.27 3.41 12.72
N SER A 77 -0.62 3.61 11.57
CA SER A 77 -0.74 4.72 10.61
C SER A 77 0.40 4.68 9.59
N PHE A 78 0.14 5.11 8.35
CA PHE A 78 1.08 5.04 7.23
C PHE A 78 1.80 6.37 7.06
N PRO A 79 3.10 6.50 7.42
CA PRO A 79 3.77 7.79 7.39
C PRO A 79 4.15 8.16 5.95
N LEU A 80 3.57 9.26 5.47
CA LEU A 80 3.88 9.88 4.18
C LEU A 80 5.02 10.93 4.34
N PRO A 81 5.95 11.06 3.37
CA PRO A 81 7.04 12.03 3.42
C PRO A 81 6.57 13.45 3.10
N LYS A 82 5.46 13.60 2.37
CA LYS A 82 4.86 14.88 1.99
C LYS A 82 3.86 15.40 3.04
N ASP A 83 3.25 16.57 2.78
CA ASP A 83 2.29 17.23 3.67
C ASP A 83 1.33 18.20 2.94
N GLN A 84 1.23 18.11 1.60
CA GLN A 84 0.43 19.04 0.80
C GLN A 84 -0.94 18.42 0.51
N PRO A 85 -2.07 19.13 0.78
CA PRO A 85 -3.42 18.69 0.45
C PRO A 85 -3.66 18.34 -1.03
N ASP A 86 -2.69 18.53 -1.93
CA ASP A 86 -2.77 18.04 -3.32
C ASP A 86 -2.34 16.58 -3.42
N VAL A 87 -1.24 16.20 -2.75
CA VAL A 87 -0.62 14.86 -2.87
C VAL A 87 -1.03 13.91 -1.74
N VAL A 88 -1.48 14.45 -0.59
CA VAL A 88 -2.18 13.68 0.46
C VAL A 88 -3.41 12.94 -0.11
N GLU A 89 -3.99 13.46 -1.20
CA GLU A 89 -5.14 12.89 -1.90
C GLU A 89 -4.78 11.82 -2.93
N LYS A 90 -3.48 11.61 -3.22
CA LYS A 90 -3.01 10.61 -4.18
C LYS A 90 -2.56 9.32 -3.51
N LEU A 91 -1.78 9.46 -2.44
CA LEU A 91 -1.22 8.33 -1.69
C LEU A 91 -2.28 7.59 -0.87
N LYS A 92 -3.40 8.23 -0.53
CA LYS A 92 -4.52 7.61 0.20
C LYS A 92 -5.24 6.52 -0.57
N ASN A 93 -5.14 6.50 -1.90
CA ASN A 93 -5.88 5.56 -2.76
C ASN A 93 -4.91 4.81 -3.68
N ILE A 94 -4.25 3.79 -3.12
CA ILE A 94 -3.29 2.94 -3.82
C ILE A 94 -3.89 1.60 -4.20
N ASN A 95 -3.29 0.95 -5.19
CA ASN A 95 -3.43 -0.49 -5.39
C ASN A 95 -2.07 -1.16 -5.11
N LEU A 96 -2.07 -2.12 -4.18
CA LEU A 96 -0.95 -3.04 -3.99
C LEU A 96 -1.15 -4.21 -4.95
N THR A 97 -0.27 -4.29 -5.96
CA THR A 97 -0.35 -5.24 -7.06
C THR A 97 1.02 -5.86 -7.29
N VAL A 98 1.08 -7.18 -7.26
CA VAL A 98 2.31 -7.98 -7.21
C VAL A 98 2.21 -9.18 -8.16
N ALA A 99 3.36 -9.61 -8.70
CA ALA A 99 3.52 -10.71 -9.66
C ALA A 99 5.01 -11.08 -9.86
N PRO A 100 5.33 -12.25 -10.45
CA PRO A 100 6.70 -12.63 -10.80
C PRO A 100 7.32 -11.69 -11.86
N GLU A 101 8.64 -11.61 -11.87
CA GLU A 101 9.44 -10.78 -12.81
C GLU A 101 10.91 -11.22 -12.83
N ALA A 1 18.04 15.29 -13.54
CA ALA A 1 17.28 15.38 -12.29
C ALA A 1 16.19 16.45 -12.45
N ALA A 2 14.99 16.13 -11.95
CA ALA A 2 13.76 16.88 -12.23
C ALA A 2 12.63 16.46 -11.29
N ARG A 3 11.58 17.29 -11.26
CA ARG A 3 10.49 17.26 -10.27
C ARG A 3 9.19 17.89 -10.78
N GLN A 4 9.06 18.03 -12.10
CA GLN A 4 7.91 18.68 -12.78
C GLN A 4 6.89 17.65 -13.30
N GLN A 5 7.33 16.40 -13.49
CA GLN A 5 6.58 15.31 -14.13
C GLN A 5 6.86 13.94 -13.49
N PHE A 6 7.94 13.80 -12.71
CA PHE A 6 8.44 12.56 -12.11
C PHE A 6 7.51 11.86 -11.10
N VAL A 7 6.27 12.35 -10.92
CA VAL A 7 5.27 11.82 -9.97
C VAL A 7 4.96 10.33 -10.22
N THR A 8 5.07 9.88 -11.47
CA THR A 8 4.99 8.46 -11.84
C THR A 8 6.06 7.63 -11.12
N SER A 9 7.31 8.06 -11.13
CA SER A 9 8.41 7.43 -10.41
C SER A 9 8.21 7.46 -8.87
N GLU A 10 7.53 8.49 -8.36
CA GLU A 10 7.14 8.57 -6.95
C GLU A 10 6.00 7.60 -6.58
N VAL A 11 5.20 7.06 -7.53
CA VAL A 11 4.16 6.04 -7.20
C VAL A 11 4.80 4.80 -6.57
N GLY A 12 6.05 4.48 -6.97
CA GLY A 12 6.85 3.38 -6.42
C GLY A 12 7.35 3.62 -4.99
N ARG A 13 7.20 4.84 -4.45
CA ARG A 13 7.46 5.19 -3.05
C ARG A 13 6.15 5.38 -2.27
N TYR A 14 5.20 6.11 -2.85
CA TYR A 14 3.87 6.41 -2.30
C TYR A 14 3.10 5.17 -1.85
N GLY A 15 3.11 4.10 -2.64
CA GLY A 15 2.54 2.79 -2.30
C GLY A 15 3.46 1.91 -1.43
N ALA A 16 4.75 2.22 -1.39
CA ALA A 16 5.73 1.52 -0.58
C ALA A 16 5.55 1.82 0.91
N ILE A 17 5.17 3.04 1.28
CA ILE A 17 4.95 3.42 2.68
C ILE A 17 3.88 2.56 3.36
N TYR A 18 2.92 2.07 2.56
CA TYR A 18 1.86 1.17 2.99
C TYR A 18 2.40 -0.27 3.07
N THR A 19 2.92 -0.80 1.96
CA THR A 19 3.36 -2.20 1.81
C THR A 19 4.48 -2.57 2.80
N GLN A 20 5.37 -1.61 3.08
CA GLN A 20 6.49 -1.77 4.01
C GLN A 20 6.02 -1.75 5.47
N LEU A 21 4.94 -1.04 5.80
CA LEU A 21 4.35 -1.09 7.15
C LEU A 21 3.57 -2.40 7.35
N ILE A 22 2.91 -2.92 6.32
CA ILE A 22 2.13 -4.16 6.38
C ILE A 22 3.02 -5.36 6.65
N ARG A 23 4.17 -5.44 5.97
CA ARG A 23 5.10 -6.57 6.07
C ARG A 23 5.88 -6.59 7.38
N GLN A 24 5.86 -5.48 8.12
CA GLN A 24 6.27 -5.49 9.54
C GLN A 24 5.47 -6.52 10.34
N ASN A 25 4.20 -6.71 10.00
CA ASN A 25 3.34 -7.61 10.78
C ASN A 25 3.54 -9.07 10.37
N LEU A 26 3.89 -9.28 9.08
CA LEU A 26 3.99 -10.58 8.43
C LEU A 26 5.16 -10.57 7.43
N LEU A 27 6.39 -10.76 7.94
CA LEU A 27 7.64 -10.71 7.16
C LEU A 27 7.90 -11.98 6.31
N VAL A 28 6.83 -12.54 5.72
CA VAL A 28 6.81 -13.93 5.21
C VAL A 28 7.55 -14.08 3.87
N GLU A 29 7.20 -13.24 2.89
CA GLU A 29 7.82 -13.10 1.55
C GLU A 29 7.53 -14.29 0.61
N ASP A 30 7.92 -15.51 0.99
CA ASP A 30 7.95 -16.68 0.08
C ASP A 30 6.55 -17.12 -0.39
N SER A 31 5.54 -16.98 0.46
CA SER A 31 4.12 -17.23 0.14
C SER A 31 3.40 -16.00 -0.44
N PHE A 32 4.08 -14.84 -0.56
CA PHE A 32 3.60 -13.63 -1.21
C PHE A 32 4.15 -13.47 -2.64
N ARG A 33 5.30 -14.09 -2.90
CA ARG A 33 5.96 -14.23 -4.21
C ARG A 33 5.53 -15.52 -4.93
N GLY A 34 5.94 -15.68 -6.19
CA GLY A 34 5.69 -16.88 -7.03
C GLY A 34 4.29 -16.95 -7.65
N LYS A 35 3.29 -16.46 -6.93
CA LYS A 35 1.93 -16.17 -7.41
C LYS A 35 1.75 -14.66 -7.67
N GLN A 36 0.52 -14.20 -7.89
CA GLN A 36 0.21 -12.78 -8.08
C GLN A 36 -0.95 -12.36 -7.16
N CYS A 37 -1.10 -11.05 -6.91
CA CYS A 37 -2.23 -10.46 -6.21
C CYS A 37 -2.37 -8.98 -6.58
N ARG A 38 -3.60 -8.46 -6.58
CA ARG A 38 -3.94 -7.03 -6.65
C ARG A 38 -5.06 -6.70 -5.65
N VAL A 39 -4.79 -5.76 -4.75
CA VAL A 39 -5.77 -5.24 -3.80
C VAL A 39 -5.56 -3.73 -3.69
N ASN A 40 -6.53 -2.99 -3.16
CA ASN A 40 -6.49 -1.55 -3.11
C ASN A 40 -6.88 -1.01 -1.74
N LEU A 41 -6.06 -0.11 -1.21
CA LEU A 41 -6.26 0.54 0.09
C LEU A 41 -6.84 1.93 -0.10
N LYS A 42 -7.92 2.22 0.64
CA LYS A 42 -8.57 3.52 0.71
C LYS A 42 -8.40 4.08 2.13
N LEU A 43 -7.49 5.05 2.32
CA LEU A 43 -7.22 5.62 3.65
C LEU A 43 -7.95 6.94 3.85
N ILE A 44 -8.13 7.30 5.13
CA ILE A 44 -8.57 8.61 5.59
C ILE A 44 -7.36 9.43 6.09
N PRO A 45 -7.28 10.75 5.81
CA PRO A 45 -6.20 11.59 6.32
C PRO A 45 -6.41 11.87 7.82
N THR A 46 -5.40 11.57 8.63
CA THR A 46 -5.44 11.70 10.09
C THR A 46 -4.52 12.81 10.58
N GLY A 47 -3.41 13.07 9.88
CA GLY A 47 -2.42 14.11 10.18
C GLY A 47 -1.17 13.94 9.35
N THR A 48 -0.03 13.69 10.01
CA THR A 48 1.25 13.26 9.40
C THR A 48 1.19 11.86 8.77
N GLY A 49 0.08 11.14 8.93
CA GLY A 49 -0.23 9.88 8.26
C GLY A 49 -1.70 9.69 7.90
N ALA A 50 -1.99 8.61 7.17
CA ALA A 50 -3.35 8.13 6.84
C ALA A 50 -3.74 6.90 7.69
N LEU A 51 -5.04 6.57 7.75
CA LEU A 51 -5.61 5.42 8.47
C LEU A 51 -6.53 4.59 7.56
N LEU A 52 -6.61 3.27 7.76
CA LEU A 52 -7.48 2.39 6.97
C LEU A 52 -8.96 2.77 7.10
N GLY A 53 -9.53 3.27 5.99
CA GLY A 53 -10.96 3.54 5.83
C GLY A 53 -11.69 2.34 5.21
N SER A 54 -11.11 1.75 4.16
CA SER A 54 -11.64 0.56 3.47
C SER A 54 -10.52 -0.17 2.71
N LEU A 55 -10.67 -1.48 2.53
CA LEU A 55 -9.79 -2.30 1.70
C LEU A 55 -10.61 -3.13 0.71
N THR A 56 -10.25 -3.02 -0.58
CA THR A 56 -10.88 -3.67 -1.72
C THR A 56 -9.95 -4.78 -2.20
N VAL A 57 -10.40 -6.03 -2.22
CA VAL A 57 -9.69 -7.12 -2.94
C VAL A 57 -10.17 -7.15 -4.39
N LEU A 58 -9.24 -7.10 -5.34
CA LEU A 58 -9.54 -7.16 -6.78
C LEU A 58 -9.19 -8.54 -7.37
N ASP A 59 -8.08 -9.14 -6.95
CA ASP A 59 -7.68 -10.52 -7.27
C ASP A 59 -6.47 -10.97 -6.42
N GLY A 60 -6.16 -12.26 -6.45
CA GLY A 60 -4.93 -12.85 -5.93
C GLY A 60 -5.07 -14.26 -5.39
N ASP A 61 -3.92 -14.85 -5.04
CA ASP A 61 -3.88 -16.06 -4.24
C ASP A 61 -4.10 -15.68 -2.77
N SER A 62 -5.18 -16.19 -2.19
CA SER A 62 -5.82 -15.65 -0.98
C SER A 62 -4.93 -15.58 0.27
N ARG A 63 -3.84 -16.35 0.29
CA ARG A 63 -2.80 -16.29 1.32
C ARG A 63 -2.20 -14.88 1.48
N LEU A 64 -2.15 -14.06 0.41
CA LEU A 64 -1.76 -12.64 0.52
C LEU A 64 -2.98 -11.76 0.85
N CYS A 65 -4.09 -11.84 0.10
CA CYS A 65 -5.32 -11.07 0.34
C CYS A 65 -5.77 -11.09 1.81
N ALA A 66 -5.80 -12.25 2.46
CA ALA A 66 -6.20 -12.39 3.86
C ALA A 66 -5.16 -11.82 4.83
N ALA A 67 -3.87 -12.08 4.57
CA ALA A 67 -2.76 -11.62 5.38
C ALA A 67 -2.65 -10.08 5.43
N THR A 68 -2.52 -9.45 4.26
CA THR A 68 -2.39 -7.99 4.15
C THR A 68 -3.59 -7.31 4.78
N LYS A 69 -4.81 -7.73 4.41
CA LYS A 69 -6.08 -7.18 4.91
C LYS A 69 -6.12 -7.16 6.44
N ARG A 70 -5.74 -8.27 7.09
CA ARG A 70 -5.70 -8.35 8.55
C ARG A 70 -4.66 -7.40 9.15
N ALA A 71 -3.48 -7.26 8.54
CA ALA A 71 -2.45 -6.30 8.93
C ALA A 71 -2.93 -4.83 8.76
N VAL A 72 -3.49 -4.47 7.61
CA VAL A 72 -3.98 -3.10 7.33
C VAL A 72 -5.14 -2.71 8.26
N ALA A 73 -5.86 -3.70 8.79
CA ALA A 73 -6.94 -3.50 9.75
C ALA A 73 -6.42 -3.26 11.19
N GLN A 74 -5.10 -3.40 11.42
CA GLN A 74 -4.49 -3.33 12.76
C GLN A 74 -3.23 -2.45 12.83
N VAL A 75 -2.65 -2.06 11.70
CA VAL A 75 -1.51 -1.10 11.64
C VAL A 75 -1.86 0.26 12.27
N ASN A 76 -0.85 0.90 12.88
CA ASN A 76 -1.04 2.15 13.63
C ASN A 76 -1.44 3.36 12.75
N SER A 77 -0.77 3.55 11.61
CA SER A 77 -0.83 4.75 10.74
C SER A 77 0.30 4.74 9.72
N PHE A 78 0.01 5.18 8.48
CA PHE A 78 0.97 5.19 7.37
C PHE A 78 1.60 6.59 7.27
N PRO A 79 2.90 6.79 7.60
CA PRO A 79 3.53 8.10 7.58
C PRO A 79 3.79 8.53 6.14
N LEU A 80 3.41 9.76 5.78
CA LEU A 80 3.48 10.24 4.39
C LEU A 80 4.92 10.65 4.00
N PRO A 81 5.35 10.45 2.73
CA PRO A 81 6.63 10.93 2.24
C PRO A 81 6.61 12.45 1.98
N LYS A 82 5.43 13.00 1.64
CA LYS A 82 5.13 14.43 1.50
C LYS A 82 3.74 14.76 2.08
N ASP A 83 3.56 15.99 2.57
CA ASP A 83 2.45 16.39 3.45
C ASP A 83 1.58 17.51 2.84
N GLN A 84 1.57 17.68 1.51
CA GLN A 84 0.78 18.73 0.86
C GLN A 84 -0.66 18.23 0.61
N PRO A 85 -1.69 19.08 0.76
CA PRO A 85 -3.09 18.73 0.47
C PRO A 85 -3.34 18.38 -1.01
N ASP A 86 -2.33 18.52 -1.89
CA ASP A 86 -2.35 18.04 -3.27
C ASP A 86 -1.89 16.58 -3.39
N VAL A 87 -0.94 16.13 -2.55
CA VAL A 87 -0.38 14.78 -2.59
C VAL A 87 -1.02 13.85 -1.57
N VAL A 88 -1.61 14.38 -0.48
CA VAL A 88 -2.49 13.65 0.43
C VAL A 88 -3.66 12.98 -0.31
N GLU A 89 -4.02 13.52 -1.49
CA GLU A 89 -5.10 13.01 -2.35
C GLU A 89 -4.66 11.87 -3.30
N LYS A 90 -3.36 11.56 -3.36
CA LYS A 90 -2.80 10.53 -4.26
C LYS A 90 -2.53 9.23 -3.50
N LEU A 91 -1.90 9.35 -2.34
CA LEU A 91 -1.49 8.23 -1.46
C LEU A 91 -2.66 7.60 -0.71
N LYS A 92 -3.79 8.31 -0.57
CA LYS A 92 -5.01 7.79 0.06
C LYS A 92 -5.63 6.61 -0.69
N ASN A 93 -5.37 6.48 -1.99
CA ASN A 93 -5.99 5.51 -2.88
C ASN A 93 -4.90 4.78 -3.70
N ILE A 94 -4.25 3.78 -3.09
CA ILE A 94 -3.18 2.98 -3.72
C ILE A 94 -3.67 1.58 -4.08
N ASN A 95 -3.09 0.99 -5.11
CA ASN A 95 -3.12 -0.45 -5.32
C ASN A 95 -1.82 -1.08 -4.78
N LEU A 96 -1.95 -2.13 -3.97
CA LEU A 96 -0.88 -3.11 -3.78
C LEU A 96 -1.09 -4.21 -4.83
N THR A 97 -0.16 -4.29 -5.79
CA THR A 97 -0.21 -5.21 -6.92
C THR A 97 1.15 -5.86 -7.10
N VAL A 98 1.16 -7.19 -7.14
CA VAL A 98 2.37 -8.03 -7.11
C VAL A 98 2.24 -9.20 -8.09
N ALA A 99 3.37 -9.69 -8.61
CA ALA A 99 3.48 -10.77 -9.60
C ALA A 99 4.94 -11.23 -9.78
N PRO A 100 5.21 -12.40 -10.40
CA PRO A 100 6.55 -12.84 -10.80
C PRO A 100 7.18 -11.91 -11.84
N GLU A 101 8.49 -12.06 -12.05
CA GLU A 101 9.25 -11.22 -13.00
C GLU A 101 8.99 -11.62 -14.45
N ALA A 1 18.32 17.01 -11.01
CA ALA A 1 16.99 17.59 -10.85
C ALA A 1 16.22 17.36 -12.15
N ALA A 2 14.93 17.03 -12.08
CA ALA A 2 14.09 16.64 -13.20
C ALA A 2 12.61 16.55 -12.81
N ARG A 3 11.75 16.46 -13.82
CA ARG A 3 10.29 16.61 -13.75
C ARG A 3 9.56 16.13 -15.03
N GLN A 4 10.23 15.30 -15.84
CA GLN A 4 9.75 14.84 -17.16
C GLN A 4 9.25 13.38 -17.14
N GLN A 5 9.68 12.60 -16.14
CA GLN A 5 9.56 11.14 -16.10
C GLN A 5 9.33 10.56 -14.68
N PHE A 6 9.44 11.40 -13.65
CA PHE A 6 9.72 10.97 -12.28
C PHE A 6 8.56 10.27 -11.54
N VAL A 7 7.42 10.08 -12.19
CA VAL A 7 6.28 9.31 -11.64
C VAL A 7 6.70 7.89 -11.23
N THR A 8 7.65 7.27 -11.95
CA THR A 8 8.27 5.99 -11.58
C THR A 8 8.94 6.03 -10.20
N SER A 9 9.59 7.15 -9.87
CA SER A 9 10.23 7.35 -8.57
C SER A 9 9.22 7.71 -7.46
N GLU A 10 8.06 8.26 -7.81
CA GLU A 10 6.92 8.36 -6.87
C GLU A 10 6.27 7.00 -6.62
N VAL A 11 6.21 6.08 -7.60
CA VAL A 11 5.61 4.74 -7.39
C VAL A 11 6.46 3.91 -6.41
N GLY A 12 7.76 4.20 -6.35
CA GLY A 12 8.69 3.67 -5.35
C GLY A 12 8.51 4.22 -3.93
N ARG A 13 7.53 5.11 -3.71
CA ARG A 13 7.23 5.76 -2.43
C ARG A 13 5.72 5.70 -2.10
N TYR A 14 4.88 6.35 -2.90
CA TYR A 14 3.45 6.64 -2.66
C TYR A 14 2.53 5.42 -2.47
N GLY A 15 3.00 4.25 -2.89
CA GLY A 15 2.42 2.92 -2.59
C GLY A 15 3.35 2.01 -1.76
N ALA A 16 4.64 2.38 -1.64
CA ALA A 16 5.67 1.65 -0.91
C ALA A 16 5.56 1.93 0.60
N ILE A 17 5.12 3.12 1.02
CA ILE A 17 4.92 3.45 2.44
C ILE A 17 3.86 2.56 3.10
N TYR A 18 2.90 2.09 2.29
CA TYR A 18 1.85 1.18 2.72
C TYR A 18 2.40 -0.25 2.79
N THR A 19 2.94 -0.76 1.67
CA THR A 19 3.46 -2.14 1.55
C THR A 19 4.55 -2.45 2.56
N GLN A 20 5.40 -1.47 2.89
CA GLN A 20 6.49 -1.57 3.87
C GLN A 20 5.98 -1.67 5.30
N LEU A 21 4.83 -1.05 5.60
CA LEU A 21 4.18 -1.19 6.90
C LEU A 21 3.39 -2.50 7.01
N ILE A 22 2.77 -2.97 5.92
CA ILE A 22 2.00 -4.23 5.92
C ILE A 22 2.92 -5.43 6.11
N ARG A 23 3.96 -5.53 5.27
CA ARG A 23 4.92 -6.65 5.31
C ARG A 23 5.63 -6.76 6.65
N GLN A 24 5.76 -5.65 7.38
CA GLN A 24 6.43 -5.63 8.68
C GLN A 24 5.57 -6.22 9.81
N ASN A 25 4.25 -6.39 9.60
CA ASN A 25 3.46 -7.30 10.44
C ASN A 25 3.60 -8.76 9.97
N LEU A 26 3.62 -8.97 8.66
CA LEU A 26 3.40 -10.26 8.03
C LEU A 26 4.71 -10.98 7.75
N LEU A 27 5.12 -11.73 8.77
CA LEU A 27 6.39 -12.45 8.81
C LEU A 27 6.37 -13.81 8.07
N VAL A 28 5.51 -13.93 7.05
CA VAL A 28 5.10 -15.23 6.47
C VAL A 28 6.03 -15.68 5.34
N GLU A 29 6.21 -14.85 4.31
CA GLU A 29 7.14 -14.98 3.18
C GLU A 29 6.74 -16.06 2.15
N ASP A 30 6.56 -17.31 2.60
CA ASP A 30 6.28 -18.46 1.72
C ASP A 30 4.86 -18.43 1.13
N SER A 31 3.94 -17.74 1.79
CA SER A 31 2.58 -17.46 1.29
C SER A 31 2.50 -16.24 0.36
N PHE A 32 3.62 -15.54 0.11
CA PHE A 32 3.69 -14.30 -0.66
C PHE A 32 4.55 -14.43 -1.94
N ARG A 33 5.46 -15.42 -1.99
CA ARG A 33 6.39 -15.68 -3.09
C ARG A 33 5.77 -16.54 -4.21
N GLY A 34 6.27 -16.37 -5.43
CA GLY A 34 5.99 -17.23 -6.59
C GLY A 34 4.63 -17.05 -7.27
N LYS A 35 3.71 -16.26 -6.67
CA LYS A 35 2.36 -15.97 -7.17
C LYS A 35 2.13 -14.46 -7.34
N GLN A 36 0.94 -14.06 -7.77
CA GLN A 36 0.54 -12.65 -7.93
C GLN A 36 -0.65 -12.31 -7.02
N CYS A 37 -0.84 -11.00 -6.76
CA CYS A 37 -2.00 -10.47 -6.06
C CYS A 37 -2.17 -8.97 -6.38
N ARG A 38 -3.41 -8.51 -6.49
CA ARG A 38 -3.82 -7.11 -6.55
C ARG A 38 -4.93 -6.84 -5.54
N VAL A 39 -4.76 -5.83 -4.69
CA VAL A 39 -5.80 -5.33 -3.77
C VAL A 39 -5.68 -3.81 -3.70
N ASN A 40 -6.59 -3.14 -2.99
CA ASN A 40 -6.74 -1.71 -3.03
C ASN A 40 -7.03 -1.15 -1.63
N LEU A 41 -6.23 -0.18 -1.21
CA LEU A 41 -6.38 0.51 0.08
C LEU A 41 -6.95 1.92 -0.17
N LYS A 42 -8.02 2.25 0.54
CA LYS A 42 -8.59 3.59 0.60
C LYS A 42 -8.49 4.13 2.05
N LEU A 43 -7.58 5.08 2.29
CA LEU A 43 -7.29 5.63 3.60
C LEU A 43 -8.00 6.96 3.82
N ILE A 44 -8.19 7.32 5.09
CA ILE A 44 -8.59 8.65 5.55
C ILE A 44 -7.36 9.46 6.00
N PRO A 45 -7.38 10.80 5.91
CA PRO A 45 -6.31 11.65 6.40
C PRO A 45 -6.30 11.70 7.95
N THR A 46 -5.10 11.88 8.51
CA THR A 46 -4.80 11.95 9.96
C THR A 46 -3.38 12.50 10.12
N GLY A 47 -3.13 13.23 11.22
CA GLY A 47 -1.93 14.08 11.38
C GLY A 47 -0.60 13.35 11.51
N THR A 48 -0.63 12.05 11.82
CA THR A 48 0.55 11.15 11.92
C THR A 48 0.78 10.33 10.65
N GLY A 49 -0.10 10.44 9.65
CA GLY A 49 -0.19 9.54 8.49
C GLY A 49 -1.63 9.06 8.24
N ALA A 50 -1.91 8.50 7.07
CA ALA A 50 -3.26 8.04 6.70
C ALA A 50 -3.69 6.84 7.57
N LEU A 51 -5.01 6.57 7.62
CA LEU A 51 -5.62 5.49 8.40
C LEU A 51 -6.57 4.66 7.54
N LEU A 52 -6.65 3.34 7.76
CA LEU A 52 -7.53 2.45 6.99
C LEU A 52 -9.01 2.84 7.12
N GLY A 53 -9.59 3.32 6.01
CA GLY A 53 -11.02 3.57 5.84
C GLY A 53 -11.71 2.36 5.21
N SER A 54 -11.14 1.80 4.13
CA SER A 54 -11.66 0.63 3.43
C SER A 54 -10.53 -0.15 2.74
N LEU A 55 -10.63 -1.49 2.73
CA LEU A 55 -9.75 -2.34 1.91
C LEU A 55 -10.62 -3.14 0.91
N THR A 56 -10.34 -2.98 -0.38
CA THR A 56 -11.02 -3.67 -1.49
C THR A 56 -10.08 -4.75 -2.01
N VAL A 57 -10.46 -6.02 -1.95
CA VAL A 57 -9.71 -7.11 -2.63
C VAL A 57 -10.15 -7.20 -4.09
N LEU A 58 -9.18 -7.20 -5.01
CA LEU A 58 -9.45 -7.24 -6.46
C LEU A 58 -9.29 -8.68 -6.98
N ASP A 59 -8.13 -9.32 -6.73
CA ASP A 59 -7.83 -10.73 -7.02
C ASP A 59 -6.41 -11.12 -6.56
N GLY A 60 -6.11 -12.40 -6.46
CA GLY A 60 -4.78 -12.95 -6.16
C GLY A 60 -4.81 -14.40 -5.72
N ASP A 61 -3.65 -14.92 -5.30
CA ASP A 61 -3.57 -16.17 -4.58
C ASP A 61 -3.90 -15.87 -3.10
N SER A 62 -5.00 -16.47 -2.62
CA SER A 62 -5.85 -15.92 -1.54
C SER A 62 -5.12 -15.61 -0.24
N ARG A 63 -4.00 -16.30 0.05
CA ARG A 63 -3.23 -16.13 1.27
C ARG A 63 -2.69 -14.70 1.46
N LEU A 64 -2.40 -13.96 0.38
CA LEU A 64 -1.96 -12.55 0.50
C LEU A 64 -3.15 -11.61 0.76
N CYS A 65 -4.26 -11.72 0.00
CA CYS A 65 -5.53 -11.06 0.30
C CYS A 65 -5.97 -11.27 1.77
N ALA A 66 -5.87 -12.49 2.30
CA ALA A 66 -6.22 -12.84 3.68
C ALA A 66 -5.29 -12.16 4.70
N ALA A 67 -3.98 -12.22 4.50
CA ALA A 67 -2.97 -11.68 5.42
C ALA A 67 -2.96 -10.14 5.45
N THR A 68 -2.89 -9.49 4.28
CA THR A 68 -2.86 -8.02 4.18
C THR A 68 -4.06 -7.40 4.86
N LYS A 69 -5.25 -7.92 4.56
CA LYS A 69 -6.56 -7.48 5.08
C LYS A 69 -6.54 -7.32 6.60
N ARG A 70 -5.94 -8.29 7.30
CA ARG A 70 -5.78 -8.25 8.75
C ARG A 70 -4.74 -7.22 9.20
N ALA A 71 -3.58 -7.17 8.55
CA ALA A 71 -2.49 -6.23 8.84
C ALA A 71 -2.97 -4.77 8.71
N VAL A 72 -3.61 -4.43 7.59
CA VAL A 72 -4.10 -3.06 7.31
C VAL A 72 -5.23 -2.63 8.26
N ALA A 73 -5.94 -3.61 8.84
CA ALA A 73 -6.97 -3.39 9.85
C ALA A 73 -6.38 -3.16 11.27
N GLN A 74 -5.07 -3.33 11.45
CA GLN A 74 -4.40 -3.24 12.76
C GLN A 74 -3.14 -2.34 12.77
N VAL A 75 -2.60 -1.95 11.61
CA VAL A 75 -1.50 -0.96 11.48
C VAL A 75 -1.84 0.38 12.14
N ASN A 76 -0.81 1.03 12.71
CA ASN A 76 -0.95 2.29 13.45
C ASN A 76 -1.35 3.49 12.57
N SER A 77 -0.72 3.66 11.40
CA SER A 77 -0.78 4.84 10.51
C SER A 77 0.34 4.78 9.46
N PHE A 78 0.05 5.21 8.23
CA PHE A 78 0.98 5.15 7.11
C PHE A 78 1.78 6.45 6.98
N PRO A 79 3.10 6.48 7.25
CA PRO A 79 3.87 7.72 7.29
C PRO A 79 4.14 8.23 5.86
N LEU A 80 3.83 9.50 5.60
CA LEU A 80 3.84 10.08 4.25
C LEU A 80 5.25 10.56 3.85
N PRO A 81 5.62 10.51 2.55
CA PRO A 81 6.85 11.11 2.05
C PRO A 81 6.75 12.65 2.02
N LYS A 82 5.54 13.17 1.75
CA LYS A 82 5.18 14.60 1.78
C LYS A 82 3.75 14.78 2.35
N ASP A 83 3.48 15.95 2.94
CA ASP A 83 2.31 16.21 3.80
C ASP A 83 1.39 17.34 3.25
N GLN A 84 1.48 17.65 1.95
CA GLN A 84 0.65 18.70 1.34
C GLN A 84 -0.74 18.12 0.98
N PRO A 85 -1.84 18.85 1.18
CA PRO A 85 -3.18 18.46 0.71
C PRO A 85 -3.25 18.11 -0.79
N ASP A 86 -2.23 18.47 -1.58
CA ASP A 86 -2.13 18.16 -3.00
C ASP A 86 -1.62 16.74 -3.26
N VAL A 87 -0.80 16.20 -2.33
CA VAL A 87 -0.22 14.85 -2.39
C VAL A 87 -0.91 13.87 -1.44
N VAL A 88 -1.51 14.36 -0.34
CA VAL A 88 -2.38 13.57 0.56
C VAL A 88 -3.52 12.90 -0.23
N GLU A 89 -3.92 13.51 -1.35
CA GLU A 89 -4.98 13.04 -2.23
C GLU A 89 -4.55 11.91 -3.19
N LYS A 90 -3.24 11.63 -3.30
CA LYS A 90 -2.72 10.60 -4.22
C LYS A 90 -2.47 9.28 -3.47
N LEU A 91 -1.82 9.38 -2.31
CA LEU A 91 -1.42 8.24 -1.48
C LEU A 91 -2.59 7.57 -0.76
N LYS A 92 -3.70 8.28 -0.58
CA LYS A 92 -4.88 7.76 0.11
C LYS A 92 -5.58 6.63 -0.65
N ASN A 93 -5.42 6.55 -1.97
CA ASN A 93 -6.12 5.59 -2.82
C ASN A 93 -5.11 4.83 -3.71
N ILE A 94 -4.48 3.80 -3.16
CA ILE A 94 -3.51 2.96 -3.85
C ILE A 94 -4.10 1.59 -4.22
N ASN A 95 -3.49 0.96 -5.21
CA ASN A 95 -3.58 -0.49 -5.37
C ASN A 95 -2.21 -1.10 -5.00
N LEU A 96 -2.21 -2.06 -4.08
CA LEU A 96 -1.07 -2.93 -3.85
C LEU A 96 -1.16 -4.09 -4.83
N THR A 97 -0.23 -4.15 -5.78
CA THR A 97 -0.19 -5.14 -6.87
C THR A 97 1.21 -5.72 -6.96
N VAL A 98 1.29 -7.05 -6.89
CA VAL A 98 2.54 -7.83 -6.82
C VAL A 98 2.48 -9.01 -7.80
N ALA A 99 3.63 -9.44 -8.31
CA ALA A 99 3.78 -10.50 -9.32
C ALA A 99 5.26 -10.96 -9.48
N PRO A 100 5.51 -12.20 -9.97
CA PRO A 100 6.85 -12.68 -10.30
C PRO A 100 7.39 -12.02 -11.58
N GLU A 101 8.70 -12.13 -11.80
CA GLU A 101 9.38 -11.61 -13.00
C GLU A 101 9.00 -12.41 -14.26
N ALA A 1 19.34 13.89 -13.03
CA ALA A 1 18.33 14.86 -13.45
C ALA A 1 17.83 14.49 -14.85
N ALA A 2 16.52 14.42 -15.03
CA ALA A 2 15.87 13.84 -16.21
C ALA A 2 14.38 14.24 -16.29
N ARG A 3 13.55 13.74 -15.35
CA ARG A 3 12.14 14.11 -15.14
C ARG A 3 11.18 13.58 -16.22
N GLN A 4 11.64 12.65 -17.05
CA GLN A 4 10.85 12.05 -18.13
C GLN A 4 10.17 10.72 -17.72
N GLN A 5 10.68 10.09 -16.65
CA GLN A 5 10.37 8.71 -16.27
C GLN A 5 10.35 8.47 -14.75
N PHE A 6 11.03 9.33 -13.97
CA PHE A 6 11.34 9.12 -12.56
C PHE A 6 10.12 8.91 -11.63
N VAL A 7 8.92 9.28 -12.07
CA VAL A 7 7.66 9.14 -11.31
C VAL A 7 7.39 7.71 -10.86
N THR A 8 7.89 6.72 -11.62
CA THR A 8 7.87 5.30 -11.24
C THR A 8 8.59 5.03 -9.92
N SER A 9 9.64 5.79 -9.61
CA SER A 9 10.36 5.67 -8.33
C SER A 9 9.66 6.43 -7.20
N GLU A 10 8.90 7.49 -7.48
CA GLU A 10 7.98 8.08 -6.50
C GLU A 10 6.82 7.10 -6.20
N VAL A 11 6.33 6.33 -7.17
CA VAL A 11 5.33 5.27 -6.90
C VAL A 11 5.96 4.17 -6.00
N GLY A 12 7.28 4.00 -6.11
CA GLY A 12 8.12 3.16 -5.26
C GLY A 12 8.42 3.77 -3.88
N ARG A 13 7.88 4.95 -3.56
CA ARG A 13 7.76 5.48 -2.19
C ARG A 13 6.30 5.53 -1.74
N TYR A 14 5.45 6.24 -2.48
CA TYR A 14 4.03 6.54 -2.17
C TYR A 14 3.21 5.32 -1.79
N GLY A 15 3.31 4.25 -2.56
CA GLY A 15 2.69 2.94 -2.26
C GLY A 15 3.56 2.03 -1.39
N ALA A 16 4.85 2.34 -1.24
CA ALA A 16 5.76 1.57 -0.41
C ALA A 16 5.53 1.83 1.08
N ILE A 17 5.14 3.05 1.46
CA ILE A 17 4.88 3.41 2.87
C ILE A 17 3.75 2.56 3.47
N TYR A 18 2.85 2.08 2.61
CA TYR A 18 1.78 1.16 2.95
C TYR A 18 2.32 -0.28 2.99
N THR A 19 2.85 -0.77 1.86
CA THR A 19 3.24 -2.17 1.67
C THR A 19 4.33 -2.62 2.64
N GLN A 20 5.25 -1.72 2.98
CA GLN A 20 6.34 -1.98 3.91
C GLN A 20 5.80 -2.10 5.33
N LEU A 21 4.88 -1.21 5.74
CA LEU A 21 4.27 -1.27 7.06
C LEU A 21 3.40 -2.53 7.23
N ILE A 22 2.80 -3.03 6.15
CA ILE A 22 2.01 -4.26 6.15
C ILE A 22 2.91 -5.47 6.34
N ARG A 23 3.94 -5.62 5.51
CA ARG A 23 4.82 -6.80 5.52
C ARG A 23 5.69 -6.86 6.79
N GLN A 24 5.83 -5.74 7.51
CA GLN A 24 6.40 -5.74 8.87
C GLN A 24 5.63 -6.68 9.80
N ASN A 25 4.30 -6.77 9.63
CA ASN A 25 3.49 -7.67 10.47
C ASN A 25 3.57 -9.14 10.04
N LEU A 26 3.72 -9.38 8.73
CA LEU A 26 3.44 -10.64 8.08
C LEU A 26 4.72 -11.41 7.78
N LEU A 27 4.90 -12.48 8.53
CA LEU A 27 6.10 -13.32 8.52
C LEU A 27 5.99 -14.60 7.66
N VAL A 28 5.06 -14.60 6.71
CA VAL A 28 4.62 -15.82 6.01
C VAL A 28 5.60 -16.22 4.90
N GLU A 29 5.75 -15.35 3.88
CA GLU A 29 6.78 -15.38 2.82
C GLU A 29 6.54 -16.48 1.78
N ASP A 30 6.51 -17.76 2.16
CA ASP A 30 6.31 -18.90 1.25
C ASP A 30 4.93 -18.89 0.55
N SER A 31 3.91 -18.33 1.22
CA SER A 31 2.57 -18.11 0.65
C SER A 31 2.37 -16.69 0.06
N PHE A 32 3.41 -15.86 0.00
CA PHE A 32 3.43 -14.53 -0.65
C PHE A 32 4.18 -14.56 -1.99
N ARG A 33 5.07 -15.55 -2.17
CA ARG A 33 5.98 -15.71 -3.31
C ARG A 33 5.46 -16.75 -4.32
N GLY A 34 5.90 -16.65 -5.57
CA GLY A 34 5.55 -17.56 -6.68
C GLY A 34 4.19 -17.30 -7.32
N LYS A 35 3.23 -16.74 -6.57
CA LYS A 35 1.91 -16.30 -7.03
C LYS A 35 1.84 -14.78 -7.20
N GLN A 36 0.67 -14.23 -7.51
CA GLN A 36 0.44 -12.80 -7.67
C GLN A 36 -0.77 -12.34 -6.82
N CYS A 37 -0.88 -11.04 -6.55
CA CYS A 37 -2.13 -10.39 -6.12
C CYS A 37 -2.20 -8.94 -6.59
N ARG A 38 -3.41 -8.40 -6.67
CA ARG A 38 -3.72 -6.97 -6.72
C ARG A 38 -4.85 -6.65 -5.73
N VAL A 39 -4.63 -5.70 -4.83
CA VAL A 39 -5.64 -5.22 -3.89
C VAL A 39 -5.50 -3.70 -3.78
N ASN A 40 -6.47 -3.02 -3.19
CA ASN A 40 -6.50 -1.56 -3.13
C ASN A 40 -6.88 -1.05 -1.73
N LEU A 41 -6.09 -0.11 -1.22
CA LEU A 41 -6.29 0.51 0.09
C LEU A 41 -6.90 1.90 -0.08
N LYS A 42 -7.96 2.19 0.68
CA LYS A 42 -8.58 3.51 0.81
C LYS A 42 -8.38 4.02 2.24
N LEU A 43 -7.48 5.00 2.45
CA LEU A 43 -7.19 5.54 3.77
C LEU A 43 -7.91 6.88 4.01
N ILE A 44 -8.08 7.23 5.27
CA ILE A 44 -8.50 8.56 5.73
C ILE A 44 -7.27 9.37 6.18
N PRO A 45 -7.11 10.66 5.77
CA PRO A 45 -6.03 11.51 6.25
C PRO A 45 -6.31 11.91 7.71
N THR A 46 -5.43 11.49 8.63
CA THR A 46 -5.60 11.63 10.08
C THR A 46 -4.69 12.72 10.66
N GLY A 47 -3.51 12.92 10.07
CA GLY A 47 -2.52 13.92 10.50
C GLY A 47 -1.17 13.69 9.84
N THR A 48 -0.16 13.31 10.64
CA THR A 48 1.17 12.88 10.20
C THR A 48 1.12 11.67 9.26
N GLY A 49 0.07 10.86 9.34
CA GLY A 49 -0.20 9.74 8.43
C GLY A 49 -1.68 9.55 8.08
N ALA A 50 -1.95 8.57 7.22
CA ALA A 50 -3.29 8.08 6.90
C ALA A 50 -3.68 6.85 7.77
N LEU A 51 -4.96 6.49 7.80
CA LEU A 51 -5.53 5.33 8.54
C LEU A 51 -6.49 4.53 7.67
N LEU A 52 -6.56 3.20 7.85
CA LEU A 52 -7.46 2.34 7.08
C LEU A 52 -8.95 2.73 7.23
N GLY A 53 -9.52 3.24 6.13
CA GLY A 53 -10.95 3.55 5.99
C GLY A 53 -11.69 2.40 5.31
N SER A 54 -11.06 1.71 4.33
CA SER A 54 -11.61 0.54 3.64
C SER A 54 -10.52 -0.18 2.83
N LEU A 55 -10.69 -1.49 2.61
CA LEU A 55 -9.79 -2.31 1.78
C LEU A 55 -10.62 -3.11 0.77
N THR A 56 -10.25 -2.97 -0.50
CA THR A 56 -10.85 -3.67 -1.66
C THR A 56 -9.87 -4.75 -2.11
N VAL A 57 -10.33 -5.98 -2.35
CA VAL A 57 -9.56 -6.99 -3.09
C VAL A 57 -9.97 -6.94 -4.57
N LEU A 58 -8.98 -6.91 -5.48
CA LEU A 58 -9.23 -6.90 -6.92
C LEU A 58 -9.02 -8.30 -7.50
N ASP A 59 -7.94 -8.98 -7.10
CA ASP A 59 -7.61 -10.37 -7.45
C ASP A 59 -6.37 -10.87 -6.67
N GLY A 60 -6.12 -12.19 -6.70
CA GLY A 60 -4.90 -12.82 -6.19
C GLY A 60 -5.10 -14.23 -5.67
N ASP A 61 -4.02 -14.80 -5.17
CA ASP A 61 -4.04 -16.02 -4.36
C ASP A 61 -4.31 -15.61 -2.91
N SER A 62 -5.43 -16.09 -2.36
CA SER A 62 -6.10 -15.50 -1.18
C SER A 62 -5.25 -15.44 0.09
N ARG A 63 -4.21 -16.28 0.17
CA ARG A 63 -3.28 -16.31 1.31
C ARG A 63 -2.52 -15.00 1.52
N LEU A 64 -2.37 -14.13 0.48
CA LEU A 64 -1.87 -12.76 0.69
C LEU A 64 -3.02 -11.77 0.92
N CYS A 65 -4.08 -11.77 0.10
CA CYS A 65 -5.26 -10.91 0.24
C CYS A 65 -5.89 -10.94 1.66
N ALA A 66 -5.95 -12.10 2.32
CA ALA A 66 -6.42 -12.21 3.70
C ALA A 66 -5.40 -11.71 4.73
N ALA A 67 -4.11 -12.02 4.54
CA ALA A 67 -3.04 -11.62 5.44
C ALA A 67 -2.85 -10.10 5.49
N THR A 68 -2.75 -9.44 4.32
CA THR A 68 -2.70 -7.97 4.22
C THR A 68 -3.94 -7.36 4.84
N LYS A 69 -5.14 -7.86 4.52
CA LYS A 69 -6.42 -7.34 5.01
C LYS A 69 -6.48 -7.32 6.55
N ARG A 70 -5.88 -8.32 7.22
CA ARG A 70 -5.70 -8.32 8.68
C ARG A 70 -4.65 -7.29 9.13
N ALA A 71 -3.46 -7.26 8.50
CA ALA A 71 -2.38 -6.32 8.82
C ALA A 71 -2.86 -4.85 8.70
N VAL A 72 -3.47 -4.48 7.59
CA VAL A 72 -3.93 -3.10 7.32
C VAL A 72 -5.05 -2.69 8.28
N ALA A 73 -5.78 -3.66 8.83
CA ALA A 73 -6.80 -3.43 9.84
C ALA A 73 -6.22 -3.23 11.25
N GLN A 74 -4.91 -3.43 11.45
CA GLN A 74 -4.25 -3.38 12.76
C GLN A 74 -2.98 -2.51 12.80
N VAL A 75 -2.44 -2.09 11.63
CA VAL A 75 -1.31 -1.14 11.54
C VAL A 75 -1.62 0.21 12.20
N ASN A 76 -0.59 0.84 12.79
CA ASN A 76 -0.73 2.06 13.60
C ASN A 76 -1.16 3.30 12.79
N SER A 77 -0.59 3.50 11.60
CA SER A 77 -0.69 4.69 10.74
C SER A 77 0.42 4.70 9.68
N PHE A 78 0.11 5.18 8.47
CA PHE A 78 1.05 5.24 7.33
C PHE A 78 1.66 6.64 7.21
N PRO A 79 2.93 6.88 7.59
CA PRO A 79 3.52 8.22 7.57
C PRO A 79 3.85 8.66 6.13
N LEU A 80 3.49 9.89 5.78
CA LEU A 80 3.56 10.37 4.39
C LEU A 80 4.99 10.78 3.97
N PRO A 81 5.39 10.55 2.70
CA PRO A 81 6.66 11.05 2.17
C PRO A 81 6.60 12.57 1.87
N LYS A 82 5.41 13.09 1.55
CA LYS A 82 5.11 14.52 1.36
C LYS A 82 3.72 14.85 1.95
N ASP A 83 3.49 16.10 2.35
CA ASP A 83 2.35 16.51 3.19
C ASP A 83 1.64 17.77 2.65
N GLN A 84 1.33 17.77 1.35
CA GLN A 84 0.53 18.83 0.72
C GLN A 84 -0.85 18.25 0.36
N PRO A 85 -1.95 19.02 0.52
CA PRO A 85 -3.30 18.61 0.13
C PRO A 85 -3.45 18.09 -1.32
N ASP A 86 -2.49 18.38 -2.20
CA ASP A 86 -2.49 17.87 -3.58
C ASP A 86 -1.99 16.43 -3.67
N VAL A 87 -1.03 16.04 -2.81
CA VAL A 87 -0.43 14.70 -2.78
C VAL A 87 -1.08 13.80 -1.72
N VAL A 88 -1.65 14.37 -0.65
CA VAL A 88 -2.52 13.67 0.32
C VAL A 88 -3.68 12.96 -0.39
N GLU A 89 -4.08 13.47 -1.55
CA GLU A 89 -5.16 12.93 -2.39
C GLU A 89 -4.73 11.74 -3.27
N LYS A 90 -3.42 11.46 -3.38
CA LYS A 90 -2.90 10.37 -4.22
C LYS A 90 -2.61 9.12 -3.38
N LEU A 91 -1.93 9.30 -2.26
CA LEU A 91 -1.48 8.23 -1.36
C LEU A 91 -2.64 7.60 -0.58
N LYS A 92 -3.76 8.29 -0.44
CA LYS A 92 -4.96 7.75 0.21
C LYS A 92 -5.60 6.57 -0.56
N ASN A 93 -5.39 6.49 -1.87
CA ASN A 93 -6.03 5.53 -2.76
C ASN A 93 -4.97 4.81 -3.63
N ILE A 94 -4.30 3.82 -3.04
CA ILE A 94 -3.26 3.03 -3.70
C ILE A 94 -3.74 1.64 -4.07
N ASN A 95 -3.18 1.09 -5.15
CA ASN A 95 -3.20 -0.34 -5.39
C ASN A 95 -1.87 -0.95 -4.91
N LEU A 96 -1.94 -2.01 -4.09
CA LEU A 96 -0.82 -2.92 -3.85
C LEU A 96 -0.95 -4.09 -4.83
N THR A 97 0.03 -4.23 -5.73
CA THR A 97 0.05 -5.24 -6.79
C THR A 97 1.42 -5.88 -6.86
N VAL A 98 1.44 -7.22 -6.83
CA VAL A 98 2.65 -8.05 -6.65
C VAL A 98 2.61 -9.27 -7.57
N ALA A 99 3.80 -9.83 -7.86
CA ALA A 99 4.06 -10.95 -8.77
C ALA A 99 5.52 -11.44 -8.61
N PRO A 100 5.86 -12.68 -9.06
CA PRO A 100 7.21 -13.23 -8.92
C PRO A 100 8.21 -12.57 -9.89
N GLU A 101 9.50 -12.75 -9.61
CA GLU A 101 10.62 -12.20 -10.37
C GLU A 101 11.92 -12.99 -10.11
N ALA A 1 16.08 14.83 -15.17
CA ALA A 1 16.47 15.33 -16.50
C ALA A 1 15.29 15.35 -17.51
N ALA A 2 14.12 14.86 -17.11
CA ALA A 2 12.99 14.56 -18.00
C ALA A 2 11.67 15.09 -17.44
N ARG A 3 11.14 14.45 -16.38
CA ARG A 3 9.94 14.83 -15.63
C ARG A 3 8.61 14.62 -16.39
N GLN A 4 8.65 13.87 -17.51
CA GLN A 4 7.46 13.66 -18.37
C GLN A 4 6.69 12.38 -18.05
N GLN A 5 7.35 11.43 -17.37
CA GLN A 5 6.91 10.03 -17.22
C GLN A 5 7.22 9.45 -15.84
N PHE A 6 8.23 10.00 -15.14
CA PHE A 6 8.82 9.42 -13.92
C PHE A 6 7.85 9.32 -12.72
N VAL A 7 6.66 9.93 -12.81
CA VAL A 7 5.55 9.78 -11.84
C VAL A 7 5.15 8.31 -11.60
N THR A 8 5.38 7.45 -12.59
CA THR A 8 5.22 5.99 -12.47
C THR A 8 6.18 5.37 -11.46
N SER A 9 7.31 6.01 -11.17
CA SER A 9 8.17 5.64 -10.04
C SER A 9 7.73 6.27 -8.73
N GLU A 10 7.12 7.46 -8.74
CA GLU A 10 6.50 7.98 -7.51
C GLU A 10 5.33 7.11 -7.07
N VAL A 11 4.50 6.56 -7.97
CA VAL A 11 3.35 5.73 -7.54
C VAL A 11 3.82 4.38 -6.96
N GLY A 12 5.00 3.95 -7.38
CA GLY A 12 5.75 2.80 -6.85
C GLY A 12 6.37 3.03 -5.47
N ARG A 13 6.35 4.25 -4.94
CA ARG A 13 6.83 4.64 -3.61
C ARG A 13 5.64 4.97 -2.71
N TYR A 14 4.72 5.79 -3.22
CA TYR A 14 3.45 6.20 -2.60
C TYR A 14 2.62 5.03 -2.08
N GLY A 15 2.50 3.95 -2.85
CA GLY A 15 1.86 2.68 -2.45
C GLY A 15 2.77 1.75 -1.65
N ALA A 16 4.10 1.96 -1.68
CA ALA A 16 5.08 1.17 -0.95
C ALA A 16 5.13 1.55 0.53
N ILE A 17 4.86 2.81 0.90
CA ILE A 17 4.79 3.23 2.31
C ILE A 17 3.74 2.41 3.09
N TYR A 18 2.71 1.95 2.37
CA TYR A 18 1.65 1.10 2.89
C TYR A 18 2.14 -0.35 2.97
N THR A 19 2.57 -0.94 1.84
CA THR A 19 2.95 -2.36 1.74
C THR A 19 4.11 -2.73 2.67
N GLN A 20 5.04 -1.80 2.88
CA GLN A 20 6.20 -1.94 3.76
C GLN A 20 5.80 -1.90 5.22
N LEU A 21 4.78 -1.10 5.59
CA LEU A 21 4.23 -1.13 6.95
C LEU A 21 3.46 -2.42 7.23
N ILE A 22 2.75 -2.95 6.23
CA ILE A 22 1.94 -4.19 6.37
C ILE A 22 2.83 -5.39 6.68
N ARG A 23 3.96 -5.51 5.97
CA ARG A 23 4.90 -6.64 6.09
C ARG A 23 5.78 -6.56 7.35
N GLN A 24 5.79 -5.41 8.01
CA GLN A 24 6.27 -5.34 9.41
C GLN A 24 5.46 -6.30 10.29
N ASN A 25 4.16 -6.43 10.03
CA ASN A 25 3.34 -7.43 10.74
C ASN A 25 3.56 -8.81 10.12
N LEU A 26 3.45 -8.87 8.79
CA LEU A 26 3.51 -10.10 8.01
C LEU A 26 4.94 -10.44 7.62
N LEU A 27 5.68 -10.92 8.59
CA LEU A 27 7.11 -11.24 8.50
C LEU A 27 7.44 -12.51 7.70
N VAL A 28 6.56 -12.90 6.76
CA VAL A 28 6.50 -14.26 6.22
C VAL A 28 7.30 -14.42 4.92
N GLU A 29 6.92 -13.68 3.87
CA GLU A 29 7.57 -13.59 2.55
C GLU A 29 7.34 -14.84 1.67
N ASP A 30 7.52 -16.05 2.20
CA ASP A 30 7.38 -17.33 1.46
C ASP A 30 5.97 -17.55 0.89
N SER A 31 4.96 -16.97 1.55
CA SER A 31 3.56 -16.96 1.12
C SER A 31 3.17 -15.75 0.25
N PHE A 32 4.08 -14.80 -0.01
CA PHE A 32 3.81 -13.52 -0.68
C PHE A 32 4.58 -13.34 -2.00
N ARG A 33 5.77 -13.94 -2.11
CA ARG A 33 6.66 -13.83 -3.26
C ARG A 33 6.43 -14.95 -4.29
N GLY A 34 6.95 -14.76 -5.49
CA GLY A 34 6.91 -15.73 -6.62
C GLY A 34 5.58 -15.72 -7.37
N LYS A 35 4.46 -15.66 -6.66
CA LYS A 35 3.11 -15.41 -7.20
C LYS A 35 2.83 -13.90 -7.32
N GLN A 36 1.61 -13.54 -7.71
CA GLN A 36 1.18 -12.15 -7.83
C GLN A 36 -0.05 -11.87 -6.96
N CYS A 37 -0.31 -10.59 -6.71
CA CYS A 37 -1.54 -10.09 -6.11
C CYS A 37 -1.73 -8.61 -6.46
N ARG A 38 -2.99 -8.19 -6.63
CA ARG A 38 -3.42 -6.79 -6.64
C ARG A 38 -4.58 -6.56 -5.66
N VAL A 39 -4.51 -5.54 -4.81
CA VAL A 39 -5.61 -5.09 -3.93
C VAL A 39 -5.56 -3.57 -3.84
N ASN A 40 -6.55 -2.93 -3.23
CA ASN A 40 -6.64 -1.49 -3.14
C ASN A 40 -6.99 -1.02 -1.72
N LEU A 41 -6.24 -0.02 -1.24
CA LEU A 41 -6.45 0.59 0.07
C LEU A 41 -7.04 1.99 -0.09
N LYS A 42 -8.12 2.27 0.65
CA LYS A 42 -8.66 3.62 0.81
C LYS A 42 -8.45 4.09 2.26
N LEU A 43 -7.61 5.09 2.48
CA LEU A 43 -7.32 5.64 3.80
C LEU A 43 -8.03 6.97 4.02
N ILE A 44 -8.19 7.33 5.29
CA ILE A 44 -8.56 8.68 5.75
C ILE A 44 -7.31 9.50 6.13
N PRO A 45 -7.31 10.84 6.00
CA PRO A 45 -6.23 11.68 6.49
C PRO A 45 -6.25 11.73 8.02
N THR A 46 -5.06 11.83 8.63
CA THR A 46 -4.82 11.84 10.09
C THR A 46 -3.38 12.32 10.33
N GLY A 47 -3.14 13.02 11.45
CA GLY A 47 -1.90 13.77 11.72
C GLY A 47 -0.65 12.92 11.94
N THR A 48 -0.80 11.64 12.26
CA THR A 48 0.27 10.63 12.40
C THR A 48 0.53 9.83 11.12
N GLY A 49 -0.15 10.16 10.01
CA GLY A 49 -0.23 9.37 8.77
C GLY A 49 -1.66 8.88 8.51
N ALA A 50 -1.93 8.40 7.29
CA ALA A 50 -3.28 7.97 6.89
C ALA A 50 -3.74 6.74 7.72
N LEU A 51 -5.05 6.51 7.79
CA LEU A 51 -5.67 5.42 8.56
C LEU A 51 -6.63 4.60 7.68
N LEU A 52 -6.70 3.28 7.89
CA LEU A 52 -7.58 2.40 7.11
C LEU A 52 -9.07 2.78 7.24
N GLY A 53 -9.66 3.24 6.13
CA GLY A 53 -11.08 3.52 5.96
C GLY A 53 -11.79 2.36 5.26
N SER A 54 -11.19 1.79 4.21
CA SER A 54 -11.71 0.60 3.51
C SER A 54 -10.57 -0.17 2.81
N LEU A 55 -10.73 -1.49 2.67
CA LEU A 55 -9.85 -2.35 1.88
C LEU A 55 -10.68 -3.14 0.86
N THR A 56 -10.23 -3.12 -0.40
CA THR A 56 -10.86 -3.78 -1.55
C THR A 56 -9.89 -4.80 -2.14
N VAL A 57 -10.23 -6.07 -2.17
CA VAL A 57 -9.45 -7.09 -2.91
C VAL A 57 -9.82 -7.05 -4.40
N LEU A 58 -8.82 -7.12 -5.28
CA LEU A 58 -9.02 -7.13 -6.73
C LEU A 58 -8.71 -8.53 -7.30
N ASP A 59 -7.55 -9.11 -6.98
CA ASP A 59 -7.15 -10.50 -7.29
C ASP A 59 -5.81 -10.87 -6.63
N GLY A 60 -5.46 -12.15 -6.67
CA GLY A 60 -4.15 -12.67 -6.27
C GLY A 60 -4.20 -14.13 -5.86
N ASP A 61 -3.04 -14.64 -5.42
CA ASP A 61 -2.97 -15.92 -4.70
C ASP A 61 -3.32 -15.63 -3.25
N SER A 62 -4.46 -16.17 -2.79
CA SER A 62 -5.29 -15.63 -1.69
C SER A 62 -4.56 -15.50 -0.34
N ARG A 63 -3.45 -16.22 -0.15
CA ARG A 63 -2.56 -16.11 1.02
C ARG A 63 -2.17 -14.65 1.32
N LEU A 64 -1.95 -13.80 0.30
CA LEU A 64 -1.60 -12.39 0.53
C LEU A 64 -2.85 -11.57 0.86
N CYS A 65 -3.90 -11.63 0.03
CA CYS A 65 -5.21 -11.01 0.28
C CYS A 65 -5.74 -11.24 1.70
N ALA A 66 -5.66 -12.48 2.22
CA ALA A 66 -6.12 -12.83 3.56
C ALA A 66 -5.28 -12.18 4.67
N ALA A 67 -3.95 -12.17 4.51
CA ALA A 67 -3.00 -11.68 5.51
C ALA A 67 -2.93 -10.15 5.57
N THR A 68 -2.81 -9.48 4.41
CA THR A 68 -2.75 -8.00 4.34
C THR A 68 -3.99 -7.38 4.96
N LYS A 69 -5.16 -7.93 4.62
CA LYS A 69 -6.48 -7.52 5.10
C LYS A 69 -6.52 -7.42 6.64
N ARG A 70 -5.91 -8.39 7.33
CA ARG A 70 -5.76 -8.34 8.79
C ARG A 70 -4.76 -7.26 9.24
N ALA A 71 -3.57 -7.19 8.63
CA ALA A 71 -2.51 -6.23 8.98
C ALA A 71 -3.00 -4.78 8.82
N VAL A 72 -3.62 -4.43 7.69
CA VAL A 72 -4.10 -3.07 7.41
C VAL A 72 -5.23 -2.66 8.35
N ALA A 73 -5.95 -3.63 8.91
CA ALA A 73 -7.00 -3.42 9.90
C ALA A 73 -6.45 -3.19 11.32
N GLN A 74 -5.13 -3.32 11.53
CA GLN A 74 -4.49 -3.24 12.85
C GLN A 74 -3.21 -2.37 12.88
N VAL A 75 -2.66 -1.97 11.73
CA VAL A 75 -1.54 -1.01 11.63
C VAL A 75 -1.87 0.35 12.27
N ASN A 76 -0.83 1.02 12.80
CA ASN A 76 -0.97 2.27 13.57
C ASN A 76 -1.37 3.47 12.68
N SER A 77 -0.69 3.67 11.56
CA SER A 77 -0.77 4.82 10.66
C SER A 77 0.33 4.75 9.60
N PHE A 78 0.05 5.21 8.38
CA PHE A 78 0.97 5.16 7.24
C PHE A 78 1.71 6.50 7.08
N PRO A 79 3.03 6.57 7.39
CA PRO A 79 3.77 7.83 7.34
C PRO A 79 4.05 8.22 5.87
N LEU A 80 3.86 9.50 5.53
CA LEU A 80 3.89 9.99 4.16
C LEU A 80 5.33 10.27 3.66
N PRO A 81 5.60 10.19 2.35
CA PRO A 81 6.85 10.69 1.75
C PRO A 81 6.81 12.23 1.68
N LYS A 82 5.67 12.80 1.30
CA LYS A 82 5.40 14.24 1.18
C LYS A 82 4.03 14.57 1.82
N ASP A 83 3.89 15.78 2.38
CA ASP A 83 2.81 16.18 3.30
C ASP A 83 1.82 17.22 2.73
N GLN A 84 1.87 17.55 1.44
CA GLN A 84 1.11 18.65 0.87
C GLN A 84 -0.35 18.21 0.63
N PRO A 85 -1.34 19.09 0.81
CA PRO A 85 -2.75 18.76 0.58
C PRO A 85 -3.09 18.45 -0.89
N ASP A 86 -2.11 18.55 -1.80
CA ASP A 86 -2.24 18.06 -3.18
C ASP A 86 -1.83 16.57 -3.32
N VAL A 87 -0.86 16.11 -2.52
CA VAL A 87 -0.31 14.75 -2.57
C VAL A 87 -0.94 13.82 -1.52
N VAL A 88 -1.42 14.37 -0.40
CA VAL A 88 -2.22 13.64 0.60
C VAL A 88 -3.48 13.02 -0.05
N GLU A 89 -3.94 13.60 -1.16
CA GLU A 89 -5.10 13.14 -1.93
C GLU A 89 -4.79 12.01 -2.92
N LYS A 90 -3.51 11.69 -3.14
CA LYS A 90 -3.06 10.65 -4.08
C LYS A 90 -2.71 9.34 -3.37
N LEU A 91 -2.02 9.44 -2.22
CA LEU A 91 -1.60 8.31 -1.40
C LEU A 91 -2.75 7.68 -0.61
N LYS A 92 -3.86 8.39 -0.40
CA LYS A 92 -5.03 7.86 0.29
C LYS A 92 -5.74 6.74 -0.48
N ASN A 93 -5.60 6.69 -1.80
CA ASN A 93 -6.29 5.72 -2.65
C ASN A 93 -5.28 5.02 -3.58
N ILE A 94 -4.61 4.00 -3.05
CA ILE A 94 -3.57 3.23 -3.77
C ILE A 94 -4.06 1.85 -4.15
N ASN A 95 -3.53 1.32 -5.25
CA ASN A 95 -3.44 -0.12 -5.42
C ASN A 95 -2.11 -0.62 -4.85
N LEU A 96 -2.14 -1.65 -4.02
CA LEU A 96 -0.98 -2.51 -3.77
C LEU A 96 -0.98 -3.57 -4.88
N THR A 97 0.16 -3.75 -5.56
CA THR A 97 0.29 -4.72 -6.66
C THR A 97 1.69 -5.29 -6.65
N VAL A 98 1.79 -6.62 -6.64
CA VAL A 98 3.02 -7.38 -6.46
C VAL A 98 3.13 -8.52 -7.49
N ALA A 99 4.36 -8.97 -7.75
CA ALA A 99 4.72 -10.04 -8.70
C ALA A 99 6.18 -10.54 -8.57
N PRO A 100 7.23 -9.69 -8.53
CA PRO A 100 7.28 -8.26 -8.87
C PRO A 100 7.35 -8.03 -10.40
N GLU A 101 7.14 -6.79 -10.82
CA GLU A 101 7.20 -6.38 -12.23
C GLU A 101 8.64 -6.40 -12.77
N ALA A 1 14.42 12.95 -18.28
CA ALA A 1 13.36 13.76 -17.68
C ALA A 1 12.06 13.60 -18.48
N ALA A 2 10.95 13.36 -17.77
CA ALA A 2 9.70 12.89 -18.35
C ALA A 2 8.52 12.94 -17.36
N ARG A 3 7.32 12.78 -17.93
CA ARG A 3 6.01 12.93 -17.26
C ARG A 3 4.89 12.12 -17.93
N GLN A 4 5.25 11.15 -18.79
CA GLN A 4 4.30 10.31 -19.56
C GLN A 4 4.08 8.94 -18.88
N GLN A 5 4.99 8.56 -17.99
CA GLN A 5 5.17 7.20 -17.46
C GLN A 5 5.64 7.16 -16.00
N PHE A 6 6.25 8.25 -15.49
CA PHE A 6 7.02 8.28 -14.23
C PHE A 6 6.19 8.06 -12.95
N VAL A 7 4.88 7.92 -13.06
CA VAL A 7 3.97 7.49 -11.95
C VAL A 7 4.42 6.16 -11.32
N THR A 8 5.04 5.28 -12.12
CA THR A 8 5.71 4.06 -11.64
C THR A 8 6.85 4.41 -10.68
N SER A 9 7.73 5.32 -11.05
CA SER A 9 8.86 5.76 -10.22
C SER A 9 8.40 6.43 -8.92
N GLU A 10 7.22 7.09 -8.93
CA GLU A 10 6.60 7.61 -7.70
C GLU A 10 6.02 6.49 -6.82
N VAL A 11 5.63 5.33 -7.36
CA VAL A 11 4.98 4.26 -6.57
C VAL A 11 5.95 3.60 -5.56
N GLY A 12 7.25 3.68 -5.86
CA GLY A 12 8.36 3.31 -4.99
C GLY A 12 8.50 4.21 -3.76
N ARG A 13 7.73 5.30 -3.69
CA ARG A 13 7.42 6.07 -2.48
C ARG A 13 5.96 5.87 -2.09
N TYR A 14 5.03 6.43 -2.86
CA TYR A 14 3.62 6.69 -2.54
C TYR A 14 2.87 5.45 -2.06
N GLY A 15 2.95 4.35 -2.80
CA GLY A 15 2.43 3.02 -2.43
C GLY A 15 3.40 2.19 -1.59
N ALA A 16 4.68 2.57 -1.53
CA ALA A 16 5.70 1.85 -0.78
C ALA A 16 5.59 2.11 0.73
N ILE A 17 5.12 3.29 1.14
CA ILE A 17 4.91 3.60 2.57
C ILE A 17 3.86 2.67 3.21
N TYR A 18 2.92 2.20 2.39
CA TYR A 18 1.87 1.25 2.78
C TYR A 18 2.43 -0.18 2.80
N THR A 19 2.98 -0.64 1.67
CA THR A 19 3.48 -2.02 1.50
C THR A 19 4.55 -2.36 2.53
N GLN A 20 5.40 -1.39 2.90
CA GLN A 20 6.45 -1.53 3.91
C GLN A 20 5.88 -1.71 5.32
N LEU A 21 4.78 -1.01 5.64
CA LEU A 21 4.13 -1.15 6.93
C LEU A 21 3.29 -2.43 7.05
N ILE A 22 2.77 -2.95 5.93
CA ILE A 22 1.99 -4.19 5.88
C ILE A 22 2.92 -5.40 5.97
N ARG A 23 3.91 -5.49 5.09
CA ARG A 23 4.83 -6.63 5.03
C ARG A 23 5.64 -6.76 6.33
N GLN A 24 5.82 -5.67 7.08
CA GLN A 24 6.54 -5.73 8.36
C GLN A 24 5.72 -6.39 9.48
N ASN A 25 4.39 -6.55 9.32
CA ASN A 25 3.62 -7.43 10.21
C ASN A 25 3.73 -8.92 9.84
N LEU A 26 3.85 -9.22 8.54
CA LEU A 26 3.52 -10.51 7.95
C LEU A 26 4.79 -11.29 7.62
N LEU A 27 4.98 -12.35 8.40
CA LEU A 27 6.19 -13.20 8.36
C LEU A 27 6.01 -14.52 7.57
N VAL A 28 5.08 -14.52 6.62
CA VAL A 28 4.58 -15.76 5.98
C VAL A 28 5.55 -16.29 4.92
N GLU A 29 5.85 -15.47 3.90
CA GLU A 29 6.87 -15.67 2.85
C GLU A 29 6.51 -16.77 1.83
N ASP A 30 6.39 -18.02 2.27
CA ASP A 30 6.19 -19.20 1.41
C ASP A 30 4.83 -19.16 0.67
N SER A 31 3.80 -18.64 1.34
CA SER A 31 2.47 -18.38 0.74
C SER A 31 2.33 -16.97 0.14
N PHE A 32 3.40 -16.18 0.07
CA PHE A 32 3.49 -14.90 -0.65
C PHE A 32 4.28 -15.01 -1.97
N ARG A 33 4.95 -16.15 -2.19
CA ARG A 33 5.77 -16.45 -3.39
C ARG A 33 5.18 -17.59 -4.23
N GLY A 34 5.59 -17.62 -5.50
CA GLY A 34 5.08 -18.55 -6.53
C GLY A 34 3.76 -18.12 -7.18
N LYS A 35 3.23 -16.94 -6.81
CA LYS A 35 1.91 -16.41 -7.22
C LYS A 35 1.90 -14.87 -7.28
N GLN A 36 0.77 -14.27 -7.66
CA GLN A 36 0.57 -12.83 -7.71
C GLN A 36 -0.64 -12.42 -6.85
N CYS A 37 -0.76 -11.13 -6.52
CA CYS A 37 -1.95 -10.54 -5.90
C CYS A 37 -2.05 -9.05 -6.22
N ARG A 38 -3.26 -8.53 -6.43
CA ARG A 38 -3.56 -7.10 -6.41
C ARG A 38 -4.73 -6.81 -5.48
N VAL A 39 -4.58 -5.85 -4.57
CA VAL A 39 -5.66 -5.33 -3.72
C VAL A 39 -5.50 -3.82 -3.61
N ASN A 40 -6.45 -3.12 -3.02
CA ASN A 40 -6.48 -1.67 -3.02
C ASN A 40 -6.89 -1.10 -1.66
N LEU A 41 -6.10 -0.13 -1.18
CA LEU A 41 -6.33 0.55 0.10
C LEU A 41 -6.91 1.94 -0.13
N LYS A 42 -7.99 2.25 0.59
CA LYS A 42 -8.61 3.58 0.65
C LYS A 42 -8.47 4.13 2.07
N LEU A 43 -7.56 5.10 2.28
CA LEU A 43 -7.28 5.66 3.60
C LEU A 43 -7.99 6.99 3.82
N ILE A 44 -8.17 7.35 5.09
CA ILE A 44 -8.60 8.67 5.55
C ILE A 44 -7.40 9.50 6.02
N PRO A 45 -7.43 10.85 5.95
CA PRO A 45 -6.38 11.71 6.48
C PRO A 45 -6.42 11.74 8.01
N THR A 46 -5.23 11.89 8.62
CA THR A 46 -4.97 11.91 10.07
C THR A 46 -3.56 12.47 10.30
N GLY A 47 -3.33 13.15 11.43
CA GLY A 47 -2.13 13.97 11.68
C GLY A 47 -0.81 13.20 11.84
N THR A 48 -0.88 11.88 12.08
CA THR A 48 0.28 10.95 12.14
C THR A 48 0.55 10.24 10.81
N GLY A 49 -0.28 10.45 9.79
CA GLY A 49 -0.33 9.66 8.56
C GLY A 49 -1.74 9.13 8.27
N ALA A 50 -1.98 8.56 7.10
CA ALA A 50 -3.30 8.08 6.71
C ALA A 50 -3.74 6.88 7.59
N LEU A 51 -5.05 6.60 7.64
CA LEU A 51 -5.65 5.50 8.42
C LEU A 51 -6.58 4.65 7.55
N LEU A 52 -6.66 3.34 7.80
CA LEU A 52 -7.53 2.43 7.04
C LEU A 52 -9.02 2.82 7.19
N GLY A 53 -9.58 3.32 6.08
CA GLY A 53 -11.00 3.60 5.90
C GLY A 53 -11.71 2.39 5.29
N SER A 54 -11.15 1.81 4.22
CA SER A 54 -11.67 0.61 3.54
C SER A 54 -10.56 -0.13 2.81
N LEU A 55 -10.71 -1.46 2.65
CA LEU A 55 -9.84 -2.31 1.86
C LEU A 55 -10.67 -3.10 0.85
N THR A 56 -10.25 -3.04 -0.41
CA THR A 56 -10.90 -3.64 -1.58
C THR A 56 -9.97 -4.72 -2.13
N VAL A 57 -10.38 -5.99 -2.16
CA VAL A 57 -9.63 -7.03 -2.89
C VAL A 57 -9.98 -6.99 -4.38
N LEU A 58 -8.98 -7.07 -5.26
CA LEU A 58 -9.18 -7.05 -6.71
C LEU A 58 -8.95 -8.45 -7.30
N ASP A 59 -7.83 -9.09 -6.96
CA ASP A 59 -7.52 -10.50 -7.26
C ASP A 59 -6.24 -10.98 -6.53
N GLY A 60 -5.98 -12.28 -6.57
CA GLY A 60 -4.74 -12.91 -6.10
C GLY A 60 -4.92 -14.35 -5.66
N ASP A 61 -3.82 -14.94 -5.20
CA ASP A 61 -3.84 -16.21 -4.50
C ASP A 61 -4.13 -15.89 -3.02
N SER A 62 -5.30 -16.35 -2.55
CA SER A 62 -6.08 -15.69 -1.49
C SER A 62 -5.41 -15.63 -0.11
N ARG A 63 -4.37 -16.45 0.12
CA ARG A 63 -3.55 -16.39 1.34
C ARG A 63 -2.93 -15.01 1.56
N LEU A 64 -2.58 -14.26 0.48
CA LEU A 64 -2.03 -12.90 0.61
C LEU A 64 -3.16 -11.88 0.88
N CYS A 65 -4.27 -11.91 0.12
CA CYS A 65 -5.50 -11.15 0.41
C CYS A 65 -5.94 -11.27 1.89
N ALA A 66 -5.95 -12.48 2.44
CA ALA A 66 -6.31 -12.73 3.85
C ALA A 66 -5.31 -12.09 4.84
N ALA A 67 -4.01 -12.23 4.58
CA ALA A 67 -2.94 -11.72 5.43
C ALA A 67 -2.87 -10.18 5.44
N THR A 68 -2.82 -9.54 4.27
CA THR A 68 -2.77 -8.07 4.13
C THR A 68 -3.98 -7.42 4.80
N LYS A 69 -5.18 -7.93 4.51
CA LYS A 69 -6.45 -7.43 5.03
C LYS A 69 -6.42 -7.28 6.56
N ARG A 70 -5.88 -8.30 7.23
CA ARG A 70 -5.71 -8.30 8.69
C ARG A 70 -4.63 -7.32 9.16
N ALA A 71 -3.46 -7.28 8.51
CA ALA A 71 -2.39 -6.33 8.81
C ALA A 71 -2.86 -4.87 8.69
N VAL A 72 -3.52 -4.51 7.60
CA VAL A 72 -4.00 -3.14 7.34
C VAL A 72 -5.13 -2.74 8.30
N ALA A 73 -5.82 -3.72 8.88
CA ALA A 73 -6.84 -3.50 9.91
C ALA A 73 -6.24 -3.30 11.31
N GLN A 74 -4.91 -3.47 11.48
CA GLN A 74 -4.23 -3.41 12.78
C GLN A 74 -2.98 -2.51 12.79
N VAL A 75 -2.47 -2.08 11.63
CA VAL A 75 -1.40 -1.07 11.51
C VAL A 75 -1.79 0.27 12.17
N ASN A 76 -0.79 0.98 12.72
CA ASN A 76 -1.00 2.22 13.48
C ASN A 76 -1.41 3.41 12.59
N SER A 77 -0.70 3.64 11.47
CA SER A 77 -0.78 4.84 10.61
C SER A 77 0.34 4.83 9.56
N PHE A 78 0.03 5.29 8.34
CA PHE A 78 0.97 5.25 7.20
C PHE A 78 1.72 6.59 7.07
N PRO A 79 3.03 6.65 7.38
CA PRO A 79 3.77 7.91 7.42
C PRO A 79 4.01 8.42 6.00
N LEU A 80 3.68 9.69 5.75
CA LEU A 80 3.67 10.28 4.42
C LEU A 80 5.10 10.63 3.94
N PRO A 81 5.38 10.56 2.62
CA PRO A 81 6.60 11.11 2.06
C PRO A 81 6.55 12.65 2.02
N LYS A 82 5.38 13.23 1.76
CA LYS A 82 5.06 14.66 1.76
C LYS A 82 3.62 14.88 2.26
N ASP A 83 3.34 16.05 2.84
CA ASP A 83 2.14 16.34 3.63
C ASP A 83 1.13 17.32 3.00
N GLN A 84 1.31 17.71 1.73
CA GLN A 84 0.52 18.76 1.10
C GLN A 84 -0.85 18.22 0.68
N PRO A 85 -1.93 19.01 0.77
CA PRO A 85 -3.28 18.58 0.37
C PRO A 85 -3.41 18.25 -1.13
N ASP A 86 -2.36 18.46 -1.93
CA ASP A 86 -2.29 17.96 -3.31
C ASP A 86 -1.77 16.51 -3.37
N VAL A 87 -0.81 16.14 -2.52
CA VAL A 87 -0.18 14.79 -2.52
C VAL A 87 -0.87 13.84 -1.54
N VAL A 88 -1.51 14.35 -0.48
CA VAL A 88 -2.36 13.57 0.44
C VAL A 88 -3.50 12.88 -0.33
N GLU A 89 -3.92 13.46 -1.47
CA GLU A 89 -4.96 12.94 -2.34
C GLU A 89 -4.48 11.78 -3.25
N LYS A 90 -3.17 11.55 -3.36
CA LYS A 90 -2.59 10.51 -4.21
C LYS A 90 -2.29 9.23 -3.44
N LEU A 91 -1.73 9.40 -2.24
CA LEU A 91 -1.34 8.28 -1.36
C LEU A 91 -2.55 7.60 -0.71
N LYS A 92 -3.69 8.27 -0.59
CA LYS A 92 -4.89 7.73 0.07
C LYS A 92 -5.55 6.57 -0.70
N ASN A 93 -5.34 6.49 -2.01
CA ASN A 93 -5.98 5.50 -2.88
C ASN A 93 -4.91 4.77 -3.71
N ILE A 94 -4.31 3.73 -3.12
CA ILE A 94 -3.25 2.91 -3.76
C ILE A 94 -3.72 1.50 -4.05
N ASN A 95 -3.09 0.86 -5.03
CA ASN A 95 -3.05 -0.60 -5.09
C ASN A 95 -1.79 -1.12 -4.35
N LEU A 96 -1.96 -2.17 -3.54
CA LEU A 96 -0.88 -3.10 -3.22
C LEU A 96 -0.91 -4.22 -4.25
N THR A 97 0.17 -4.37 -5.02
CA THR A 97 0.27 -5.30 -6.15
C THR A 97 1.61 -6.02 -6.11
N VAL A 98 1.55 -7.34 -6.22
CA VAL A 98 2.60 -8.30 -5.93
C VAL A 98 2.62 -9.35 -7.05
N ALA A 99 3.79 -9.88 -7.40
CA ALA A 99 4.00 -10.89 -8.45
C ALA A 99 5.30 -11.71 -8.21
N PRO A 100 5.45 -12.90 -8.83
CA PRO A 100 6.57 -13.80 -8.57
C PRO A 100 7.82 -13.39 -9.38
N GLU A 101 8.96 -14.00 -9.04
CA GLU A 101 10.26 -13.77 -9.70
C GLU A 101 11.26 -14.90 -9.38
N ALA A 1 16.97 19.33 -12.48
CA ALA A 1 17.25 19.26 -13.92
C ALA A 1 15.99 18.88 -14.74
N ALA A 2 14.89 18.54 -14.07
CA ALA A 2 13.67 17.99 -14.63
C ALA A 2 12.44 18.32 -13.76
N ARG A 3 11.30 17.70 -14.15
CA ARG A 3 9.91 17.73 -13.62
C ARG A 3 8.87 17.48 -14.73
N GLN A 4 9.28 16.81 -15.81
CA GLN A 4 8.53 16.67 -17.06
C GLN A 4 7.79 15.32 -17.15
N GLN A 5 8.22 14.35 -16.32
CA GLN A 5 7.80 12.95 -16.36
C GLN A 5 7.65 12.30 -14.98
N PHE A 6 8.44 12.75 -13.98
CA PHE A 6 8.67 12.09 -12.69
C PHE A 6 7.46 11.82 -11.77
N VAL A 7 6.23 12.18 -12.17
CA VAL A 7 5.01 11.81 -11.41
C VAL A 7 4.91 10.29 -11.21
N THR A 8 5.41 9.50 -12.18
CA THR A 8 5.58 8.05 -12.08
C THR A 8 6.63 7.64 -11.06
N SER A 9 7.78 8.30 -11.03
CA SER A 9 8.90 8.01 -10.12
C SER A 9 8.51 8.15 -8.65
N GLU A 10 7.56 9.04 -8.32
CA GLU A 10 6.97 9.14 -6.98
C GLU A 10 6.10 7.92 -6.61
N VAL A 11 5.54 7.16 -7.55
CA VAL A 11 4.73 5.96 -7.22
C VAL A 11 5.55 4.89 -6.48
N GLY A 12 6.88 4.86 -6.70
CA GLY A 12 7.86 4.04 -5.97
C GLY A 12 8.06 4.45 -4.50
N ARG A 13 7.42 5.54 -4.07
CA ARG A 13 7.22 5.93 -2.66
C ARG A 13 5.75 5.81 -2.26
N TYR A 14 4.85 6.45 -3.00
CA TYR A 14 3.47 6.78 -2.61
C TYR A 14 2.53 5.58 -2.38
N GLY A 15 2.91 4.42 -2.89
CA GLY A 15 2.34 3.09 -2.57
C GLY A 15 3.29 2.16 -1.82
N ALA A 16 4.58 2.50 -1.75
CA ALA A 16 5.60 1.73 -1.07
C ALA A 16 5.60 1.99 0.44
N ILE A 17 5.20 3.17 0.90
CA ILE A 17 5.06 3.47 2.34
C ILE A 17 4.00 2.58 3.01
N TYR A 18 3.01 2.14 2.23
CA TYR A 18 1.95 1.22 2.65
C TYR A 18 2.46 -0.23 2.63
N THR A 19 2.97 -0.69 1.48
CA THR A 19 3.41 -2.08 1.27
C THR A 19 4.51 -2.48 2.26
N GLN A 20 5.38 -1.54 2.64
CA GLN A 20 6.46 -1.73 3.61
C GLN A 20 5.89 -1.94 5.01
N LEU A 21 4.85 -1.18 5.38
CA LEU A 21 4.22 -1.31 6.70
C LEU A 21 3.36 -2.58 6.82
N ILE A 22 2.81 -3.07 5.71
CA ILE A 22 2.00 -4.30 5.67
C ILE A 22 2.90 -5.53 5.75
N ARG A 23 3.90 -5.62 4.86
CA ARG A 23 4.78 -6.78 4.78
C ARG A 23 5.62 -6.95 6.04
N GLN A 24 5.83 -5.86 6.80
CA GLN A 24 6.55 -5.93 8.07
C GLN A 24 5.72 -6.56 9.21
N ASN A 25 4.39 -6.68 9.07
CA ASN A 25 3.62 -7.58 9.95
C ASN A 25 3.72 -9.04 9.50
N LEU A 26 3.68 -9.26 8.17
CA LEU A 26 3.35 -10.53 7.56
C LEU A 26 4.60 -11.33 7.20
N LEU A 27 5.10 -12.02 8.20
CA LEU A 27 6.32 -12.84 8.16
C LEU A 27 6.14 -14.20 7.44
N VAL A 28 5.23 -14.26 6.47
CA VAL A 28 4.69 -15.54 5.94
C VAL A 28 5.61 -16.15 4.87
N GLU A 29 5.82 -15.44 3.75
CA GLU A 29 6.79 -15.74 2.68
C GLU A 29 6.40 -16.94 1.80
N ASP A 30 6.30 -18.15 2.36
CA ASP A 30 6.04 -19.40 1.64
C ASP A 30 4.66 -19.41 0.96
N SER A 31 3.65 -18.83 1.60
CA SER A 31 2.31 -18.68 1.01
C SER A 31 2.17 -17.40 0.13
N PHE A 32 3.20 -16.57 0.01
CA PHE A 32 3.21 -15.31 -0.76
C PHE A 32 3.97 -15.43 -2.09
N ARG A 33 4.89 -16.40 -2.21
CA ARG A 33 5.79 -16.57 -3.35
C ARG A 33 5.31 -17.64 -4.33
N GLY A 34 5.69 -17.49 -5.60
CA GLY A 34 5.26 -18.35 -6.72
C GLY A 34 3.90 -17.97 -7.32
N LYS A 35 3.27 -16.91 -6.81
CA LYS A 35 1.96 -16.39 -7.25
C LYS A 35 1.90 -14.85 -7.21
N GLN A 36 0.77 -14.26 -7.63
CA GLN A 36 0.54 -12.81 -7.65
C GLN A 36 -0.70 -12.46 -6.82
N CYS A 37 -0.82 -11.19 -6.41
CA CYS A 37 -2.03 -10.65 -5.78
C CYS A 37 -2.13 -9.13 -6.03
N ARG A 38 -3.35 -8.62 -6.20
CA ARG A 38 -3.66 -7.19 -6.27
C ARG A 38 -4.84 -6.84 -5.37
N VAL A 39 -4.67 -5.85 -4.50
CA VAL A 39 -5.74 -5.29 -3.66
C VAL A 39 -5.56 -3.78 -3.58
N ASN A 40 -6.51 -3.05 -3.00
CA ASN A 40 -6.51 -1.60 -2.99
C ASN A 40 -6.90 -1.04 -1.62
N LEU A 41 -6.10 -0.09 -1.15
CA LEU A 41 -6.32 0.58 0.14
C LEU A 41 -6.90 1.97 -0.08
N LYS A 42 -7.93 2.29 0.72
CA LYS A 42 -8.57 3.61 0.78
C LYS A 42 -8.39 4.17 2.20
N LEU A 43 -7.48 5.14 2.39
CA LEU A 43 -7.19 5.71 3.69
C LEU A 43 -7.89 7.06 3.90
N ILE A 44 -8.05 7.42 5.17
CA ILE A 44 -8.42 8.76 5.63
C ILE A 44 -7.17 9.55 6.08
N PRO A 45 -7.14 10.89 5.93
CA PRO A 45 -6.01 11.71 6.37
C PRO A 45 -5.99 11.83 7.90
N THR A 46 -4.77 11.94 8.45
CA THR A 46 -4.45 12.03 9.89
C THR A 46 -2.99 12.47 10.04
N GLY A 47 -2.69 13.25 11.09
CA GLY A 47 -1.43 14.00 11.23
C GLY A 47 -0.17 13.14 11.45
N THR A 48 -0.32 11.91 11.92
CA THR A 48 0.74 10.89 12.08
C THR A 48 0.95 10.03 10.83
N GLY A 49 0.10 10.18 9.81
CA GLY A 49 -0.01 9.31 8.64
C GLY A 49 -1.46 8.90 8.39
N ALA A 50 -1.78 8.41 7.18
CA ALA A 50 -3.13 8.00 6.80
C ALA A 50 -3.62 6.81 7.66
N LEU A 51 -4.93 6.58 7.72
CA LEU A 51 -5.58 5.51 8.51
C LEU A 51 -6.54 4.69 7.64
N LEU A 52 -6.63 3.38 7.87
CA LEU A 52 -7.51 2.48 7.08
C LEU A 52 -9.00 2.88 7.22
N GLY A 53 -9.55 3.41 6.12
CA GLY A 53 -10.96 3.75 5.96
C GLY A 53 -11.74 2.64 5.27
N SER A 54 -11.13 1.95 4.29
CA SER A 54 -11.69 0.78 3.60
C SER A 54 -10.58 0.02 2.84
N LEU A 55 -10.80 -1.27 2.59
CA LEU A 55 -9.93 -2.14 1.81
C LEU A 55 -10.76 -2.94 0.80
N THR A 56 -10.33 -2.91 -0.46
CA THR A 56 -10.96 -3.50 -1.64
C THR A 56 -10.05 -4.58 -2.19
N VAL A 57 -10.49 -5.84 -2.24
CA VAL A 57 -9.74 -6.91 -2.95
C VAL A 57 -10.04 -6.85 -4.45
N LEU A 58 -9.01 -6.99 -5.30
CA LEU A 58 -9.17 -7.01 -6.76
C LEU A 58 -9.00 -8.43 -7.30
N ASP A 59 -7.95 -9.15 -6.86
CA ASP A 59 -7.70 -10.59 -7.08
C ASP A 59 -6.45 -11.06 -6.30
N GLY A 60 -6.27 -12.37 -6.17
CA GLY A 60 -5.06 -12.97 -5.59
C GLY A 60 -5.14 -14.48 -5.38
N ASP A 61 -3.98 -15.10 -5.17
CA ASP A 61 -3.87 -16.53 -4.87
C ASP A 61 -3.73 -16.75 -3.34
N SER A 62 -3.64 -18.02 -2.92
CA SER A 62 -3.85 -18.52 -1.55
C SER A 62 -3.51 -17.53 -0.42
N ARG A 63 -4.56 -16.93 0.18
CA ARG A 63 -4.56 -16.24 1.47
C ARG A 63 -3.81 -14.90 1.54
N LEU A 64 -3.15 -14.39 0.48
CA LEU A 64 -2.44 -13.10 0.58
C LEU A 64 -3.40 -11.92 0.76
N CYS A 65 -4.47 -11.82 -0.03
CA CYS A 65 -5.59 -10.89 0.23
C CYS A 65 -6.26 -11.04 1.62
N ALA A 66 -6.21 -12.23 2.24
CA ALA A 66 -6.73 -12.46 3.59
C ALA A 66 -5.76 -11.98 4.69
N ALA A 67 -4.45 -12.12 4.46
CA ALA A 67 -3.37 -11.72 5.36
C ALA A 67 -3.17 -10.20 5.38
N THR A 68 -3.03 -9.57 4.20
CA THR A 68 -2.90 -8.10 4.06
C THR A 68 -4.08 -7.39 4.71
N LYS A 69 -5.30 -7.83 4.42
CA LYS A 69 -6.55 -7.27 4.94
C LYS A 69 -6.53 -7.15 6.47
N ARG A 70 -6.05 -8.21 7.14
CA ARG A 70 -5.87 -8.25 8.59
C ARG A 70 -4.73 -7.34 9.08
N ALA A 71 -3.57 -7.33 8.41
CA ALA A 71 -2.45 -6.42 8.72
C ALA A 71 -2.87 -4.95 8.62
N VAL A 72 -3.51 -4.55 7.54
CA VAL A 72 -3.96 -3.16 7.30
C VAL A 72 -5.08 -2.73 8.26
N ALA A 73 -5.78 -3.70 8.85
CA ALA A 73 -6.79 -3.47 9.89
C ALA A 73 -6.15 -3.30 11.29
N GLN A 74 -4.84 -3.52 11.44
CA GLN A 74 -4.13 -3.47 12.73
C GLN A 74 -2.86 -2.60 12.73
N VAL A 75 -2.36 -2.18 11.55
CA VAL A 75 -1.29 -1.16 11.42
C VAL A 75 -1.70 0.18 12.08
N ASN A 76 -0.73 0.89 12.65
CA ASN A 76 -0.98 2.13 13.41
C ASN A 76 -1.37 3.32 12.52
N SER A 77 -0.65 3.54 11.42
CA SER A 77 -0.69 4.75 10.57
C SER A 77 0.42 4.70 9.51
N PHE A 78 0.13 5.17 8.29
CA PHE A 78 1.05 5.11 7.14
C PHE A 78 1.85 6.41 7.00
N PRO A 79 3.16 6.42 7.33
CA PRO A 79 3.93 7.66 7.37
C PRO A 79 4.22 8.15 5.96
N LEU A 80 3.72 9.35 5.65
CA LEU A 80 3.79 9.96 4.32
C LEU A 80 5.04 10.87 4.15
N PRO A 81 5.60 10.97 2.94
CA PRO A 81 6.78 11.80 2.68
C PRO A 81 6.45 13.30 2.58
N LYS A 82 5.23 13.64 2.12
CA LYS A 82 4.68 14.99 2.08
C LYS A 82 3.20 14.99 2.51
N ASP A 83 2.74 16.09 3.13
CA ASP A 83 1.46 16.19 3.85
C ASP A 83 0.53 17.28 3.28
N GLN A 84 0.70 17.68 2.01
CA GLN A 84 -0.12 18.72 1.38
C GLN A 84 -1.38 18.11 0.76
N PRO A 85 -2.55 18.79 0.84
CA PRO A 85 -3.82 18.32 0.27
C PRO A 85 -3.81 17.99 -1.24
N ASP A 86 -2.73 18.27 -1.98
CA ASP A 86 -2.62 17.89 -3.38
C ASP A 86 -2.02 16.47 -3.56
N VAL A 87 -1.00 16.12 -2.77
CA VAL A 87 -0.33 14.82 -2.77
C VAL A 87 -0.92 13.83 -1.75
N VAL A 88 -1.55 14.32 -0.68
CA VAL A 88 -2.33 13.47 0.25
C VAL A 88 -3.43 12.71 -0.47
N GLU A 89 -3.95 13.29 -1.56
CA GLU A 89 -5.00 12.71 -2.40
C GLU A 89 -4.48 11.60 -3.34
N LYS A 90 -3.16 11.40 -3.43
CA LYS A 90 -2.56 10.34 -4.24
C LYS A 90 -2.26 9.09 -3.41
N LEU A 91 -1.62 9.31 -2.27
CA LEU A 91 -1.27 8.26 -1.31
C LEU A 91 -2.49 7.60 -0.68
N LYS A 92 -3.64 8.29 -0.54
CA LYS A 92 -4.79 7.73 0.16
C LYS A 92 -5.52 6.62 -0.61
N ASN A 93 -5.39 6.60 -1.94
CA ASN A 93 -5.97 5.57 -2.81
C ASN A 93 -4.88 4.86 -3.64
N ILE A 94 -4.31 3.79 -3.07
CA ILE A 94 -3.26 2.97 -3.72
C ILE A 94 -3.73 1.55 -4.02
N ASN A 95 -3.10 0.91 -5.00
CA ASN A 95 -3.08 -0.56 -5.05
C ASN A 95 -1.83 -1.10 -4.33
N LEU A 96 -2.00 -2.17 -3.56
CA LEU A 96 -0.92 -3.14 -3.26
C LEU A 96 -1.02 -4.24 -4.32
N THR A 97 -0.02 -4.32 -5.19
CA THR A 97 0.03 -5.29 -6.30
C THR A 97 1.40 -5.92 -6.34
N VAL A 98 1.42 -7.26 -6.30
CA VAL A 98 2.63 -8.08 -6.21
C VAL A 98 2.59 -9.22 -7.22
N ALA A 99 3.77 -9.71 -7.64
CA ALA A 99 3.95 -10.73 -8.67
C ALA A 99 5.38 -11.33 -8.64
N PRO A 100 5.59 -12.55 -9.18
CA PRO A 100 6.90 -13.22 -9.20
C PRO A 100 7.80 -12.64 -10.30
N GLU A 101 9.07 -13.07 -10.32
CA GLU A 101 10.11 -12.60 -11.24
C GLU A 101 11.19 -13.68 -11.46
N ALA A 1 17.48 12.64 -14.79
CA ALA A 1 16.44 12.30 -13.81
C ALA A 1 15.03 12.27 -14.42
N ALA A 2 14.70 13.24 -15.28
CA ALA A 2 13.45 13.39 -16.04
C ALA A 2 12.23 13.74 -15.16
N ARG A 3 11.15 14.13 -15.83
CA ARG A 3 9.91 14.62 -15.22
C ARG A 3 8.64 14.40 -16.07
N GLN A 4 8.70 13.45 -17.01
CA GLN A 4 7.62 13.12 -17.96
C GLN A 4 6.90 11.79 -17.61
N GLN A 5 7.54 10.96 -16.78
CA GLN A 5 7.21 9.56 -16.49
C GLN A 5 7.52 9.17 -15.03
N PHE A 6 8.42 9.92 -14.35
CA PHE A 6 8.99 9.66 -13.03
C PHE A 6 8.00 9.37 -11.89
N VAL A 7 6.71 9.66 -12.07
CA VAL A 7 5.61 9.27 -11.15
C VAL A 7 5.61 7.76 -10.86
N THR A 8 6.05 6.93 -11.82
CA THR A 8 6.29 5.50 -11.61
C THR A 8 7.30 5.24 -10.49
N SER A 9 8.40 5.97 -10.45
CA SER A 9 9.39 5.90 -9.38
C SER A 9 8.86 6.46 -8.06
N GLU A 10 7.95 7.45 -8.11
CA GLU A 10 7.23 7.92 -6.92
C GLU A 10 6.26 6.88 -6.36
N VAL A 11 5.67 5.97 -7.16
CA VAL A 11 4.87 4.85 -6.62
C VAL A 11 5.75 3.90 -5.80
N GLY A 12 7.05 3.86 -6.11
CA GLY A 12 8.09 3.18 -5.32
C GLY A 12 8.38 3.81 -3.96
N ARG A 13 7.81 4.99 -3.67
CA ARG A 13 7.73 5.56 -2.32
C ARG A 13 6.29 5.60 -1.79
N TYR A 14 5.38 6.29 -2.50
CA TYR A 14 3.98 6.57 -2.15
C TYR A 14 3.18 5.32 -1.74
N GLY A 15 3.28 4.24 -2.50
CA GLY A 15 2.70 2.93 -2.19
C GLY A 15 3.61 2.07 -1.29
N ALA A 16 4.89 2.42 -1.16
CA ALA A 16 5.82 1.68 -0.32
C ALA A 16 5.62 1.98 1.17
N ILE A 17 5.19 3.20 1.53
CA ILE A 17 4.92 3.57 2.93
C ILE A 17 3.81 2.69 3.55
N TYR A 18 2.93 2.17 2.69
CA TYR A 18 1.88 1.22 3.04
C TYR A 18 2.46 -0.20 3.09
N THR A 19 3.03 -0.69 1.99
CA THR A 19 3.49 -2.08 1.83
C THR A 19 4.57 -2.47 2.84
N GLN A 20 5.43 -1.51 3.22
CA GLN A 20 6.50 -1.72 4.18
C GLN A 20 5.95 -1.84 5.60
N LEU A 21 4.89 -1.08 5.94
CA LEU A 21 4.24 -1.21 7.24
C LEU A 21 3.42 -2.50 7.36
N ILE A 22 2.85 -2.98 6.25
CA ILE A 22 2.08 -4.24 6.22
C ILE A 22 3.00 -5.44 6.40
N ARG A 23 4.10 -5.49 5.63
CA ARG A 23 5.03 -6.63 5.64
C ARG A 23 5.79 -6.76 6.96
N GLN A 24 5.85 -5.68 7.77
CA GLN A 24 6.33 -5.73 9.16
C GLN A 24 5.52 -6.72 9.99
N ASN A 25 4.22 -6.81 9.74
CA ASN A 25 3.38 -7.81 10.40
C ASN A 25 3.54 -9.21 9.78
N LEU A 26 3.63 -9.26 8.44
CA LEU A 26 3.44 -10.47 7.66
C LEU A 26 4.76 -11.11 7.26
N LEU A 27 5.22 -11.96 8.16
CA LEU A 27 6.49 -12.68 8.07
C LEU A 27 6.47 -13.89 7.12
N VAL A 28 5.66 -13.82 6.06
CA VAL A 28 5.32 -14.98 5.22
C VAL A 28 6.36 -15.19 4.10
N GLU A 29 6.48 -14.22 3.18
CA GLU A 29 7.53 -14.10 2.15
C GLU A 29 7.38 -15.13 1.01
N ASP A 30 7.49 -16.43 1.31
CA ASP A 30 7.48 -17.51 0.32
C ASP A 30 6.09 -17.73 -0.29
N SER A 31 5.04 -17.77 0.53
CA SER A 31 3.64 -17.91 0.07
C SER A 31 3.03 -16.59 -0.45
N PHE A 32 3.82 -15.49 -0.49
CA PHE A 32 3.52 -14.26 -1.22
C PHE A 32 4.14 -14.25 -2.63
N ARG A 33 5.02 -15.23 -2.92
CA ARG A 33 5.70 -15.44 -4.20
C ARG A 33 5.25 -16.76 -4.85
N GLY A 34 5.65 -16.99 -6.10
CA GLY A 34 5.16 -18.10 -6.95
C GLY A 34 3.78 -17.85 -7.58
N LYS A 35 2.98 -16.95 -6.99
CA LYS A 35 1.67 -16.46 -7.42
C LYS A 35 1.66 -14.93 -7.59
N GLN A 36 0.50 -14.33 -7.88
CA GLN A 36 0.34 -12.87 -7.96
C GLN A 36 -0.88 -12.44 -7.13
N CYS A 37 -0.99 -11.13 -6.85
CA CYS A 37 -2.14 -10.52 -6.21
C CYS A 37 -2.16 -9.02 -6.47
N ARG A 38 -3.36 -8.44 -6.63
CA ARG A 38 -3.61 -7.00 -6.58
C ARG A 38 -4.76 -6.70 -5.60
N VAL A 39 -4.56 -5.75 -4.69
CA VAL A 39 -5.60 -5.24 -3.80
C VAL A 39 -5.42 -3.72 -3.68
N ASN A 40 -6.37 -3.02 -3.08
CA ASN A 40 -6.37 -1.57 -3.02
C ASN A 40 -6.75 -1.06 -1.64
N LEU A 41 -5.94 -0.13 -1.14
CA LEU A 41 -6.15 0.51 0.17
C LEU A 41 -6.77 1.89 -0.02
N LYS A 42 -7.82 2.17 0.76
CA LYS A 42 -8.51 3.47 0.84
C LYS A 42 -8.34 4.04 2.25
N LEU A 43 -7.44 5.02 2.43
CA LEU A 43 -7.15 5.61 3.73
C LEU A 43 -7.90 6.94 3.94
N ILE A 44 -8.05 7.32 5.20
CA ILE A 44 -8.48 8.65 5.65
C ILE A 44 -7.26 9.48 6.10
N PRO A 45 -7.15 10.77 5.73
CA PRO A 45 -6.03 11.61 6.16
C PRO A 45 -6.13 11.89 7.66
N THR A 46 -5.01 11.65 8.37
CA THR A 46 -4.94 11.65 9.85
C THR A 46 -3.60 12.26 10.25
N GLY A 47 -3.59 13.59 10.41
CA GLY A 47 -2.40 14.34 10.81
C GLY A 47 -1.27 14.23 9.77
N THR A 48 -0.11 13.76 10.23
CA THR A 48 1.10 13.49 9.43
C THR A 48 1.07 12.15 8.68
N GLY A 49 -0.03 11.40 8.77
CA GLY A 49 -0.23 10.11 8.10
C GLY A 49 -1.63 9.92 7.50
N ALA A 50 -1.95 8.67 7.12
CA ALA A 50 -3.30 8.20 6.82
C ALA A 50 -3.67 6.97 7.69
N LEU A 51 -4.96 6.61 7.76
CA LEU A 51 -5.50 5.47 8.51
C LEU A 51 -6.44 4.63 7.64
N LEU A 52 -6.53 3.32 7.86
CA LEU A 52 -7.42 2.43 7.08
C LEU A 52 -8.90 2.82 7.23
N GLY A 53 -9.48 3.30 6.12
CA GLY A 53 -10.91 3.59 5.94
C GLY A 53 -11.64 2.44 5.27
N SER A 54 -11.00 1.75 4.32
CA SER A 54 -11.53 0.56 3.63
C SER A 54 -10.42 -0.17 2.86
N LEU A 55 -10.58 -1.48 2.66
CA LEU A 55 -9.70 -2.30 1.82
C LEU A 55 -10.53 -3.09 0.80
N THR A 56 -10.12 -2.99 -0.46
CA THR A 56 -10.78 -3.58 -1.64
C THR A 56 -9.88 -4.66 -2.21
N VAL A 57 -10.32 -5.92 -2.26
CA VAL A 57 -9.58 -6.96 -3.01
C VAL A 57 -9.94 -6.87 -4.50
N LEU A 58 -8.94 -6.86 -5.39
CA LEU A 58 -9.15 -6.80 -6.84
C LEU A 58 -8.96 -8.20 -7.45
N ASP A 59 -7.88 -8.90 -7.09
CA ASP A 59 -7.59 -10.30 -7.44
C ASP A 59 -6.39 -10.84 -6.65
N GLY A 60 -6.16 -12.14 -6.71
CA GLY A 60 -4.95 -12.80 -6.21
C GLY A 60 -5.17 -14.21 -5.69
N ASP A 61 -4.09 -14.82 -5.25
CA ASP A 61 -4.09 -16.06 -4.49
C ASP A 61 -4.32 -15.69 -3.01
N SER A 62 -5.41 -16.21 -2.44
CA SER A 62 -6.05 -15.67 -1.23
C SER A 62 -5.18 -15.62 0.03
N ARG A 63 -4.07 -16.39 0.04
CA ARG A 63 -3.08 -16.40 1.12
C ARG A 63 -2.48 -15.01 1.37
N LEU A 64 -2.40 -14.13 0.36
CA LEU A 64 -1.99 -12.73 0.57
C LEU A 64 -3.19 -11.82 0.88
N CYS A 65 -4.28 -11.88 0.10
CA CYS A 65 -5.51 -11.12 0.36
C CYS A 65 -6.01 -11.22 1.81
N ALA A 66 -5.99 -12.41 2.42
CA ALA A 66 -6.40 -12.61 3.82
C ALA A 66 -5.40 -12.00 4.82
N ALA A 67 -4.10 -12.15 4.55
CA ALA A 67 -3.02 -11.69 5.42
C ALA A 67 -2.91 -10.16 5.46
N THR A 68 -2.83 -9.51 4.28
CA THR A 68 -2.75 -8.04 4.15
C THR A 68 -3.96 -7.39 4.80
N LYS A 69 -5.15 -7.86 4.49
CA LYS A 69 -6.43 -7.35 4.99
C LYS A 69 -6.44 -7.25 6.52
N ARG A 70 -5.96 -8.31 7.19
CA ARG A 70 -5.79 -8.34 8.64
C ARG A 70 -4.74 -7.36 9.14
N ALA A 71 -3.55 -7.31 8.53
CA ALA A 71 -2.47 -6.39 8.87
C ALA A 71 -2.92 -4.92 8.75
N VAL A 72 -3.53 -4.55 7.64
CA VAL A 72 -3.96 -3.15 7.38
C VAL A 72 -5.10 -2.74 8.32
N ALA A 73 -5.84 -3.71 8.86
CA ALA A 73 -6.88 -3.47 9.86
C ALA A 73 -6.30 -3.28 11.28
N GLN A 74 -4.99 -3.49 11.48
CA GLN A 74 -4.34 -3.44 12.80
C GLN A 74 -3.06 -2.59 12.85
N VAL A 75 -2.50 -2.18 11.69
CA VAL A 75 -1.38 -1.22 11.62
C VAL A 75 -1.70 0.12 12.29
N ASN A 76 -0.66 0.78 12.84
CA ASN A 76 -0.83 2.00 13.64
C ASN A 76 -1.27 3.22 12.79
N SER A 77 -0.58 3.46 11.67
CA SER A 77 -0.68 4.68 10.83
C SER A 77 0.43 4.72 9.77
N PHE A 78 0.11 5.18 8.55
CA PHE A 78 1.06 5.27 7.43
C PHE A 78 1.59 6.71 7.32
N PRO A 79 2.87 7.00 7.61
CA PRO A 79 3.40 8.36 7.58
C PRO A 79 3.70 8.80 6.15
N LEU A 80 3.29 10.03 5.78
CA LEU A 80 3.37 10.50 4.39
C LEU A 80 4.79 10.99 4.02
N PRO A 81 5.20 10.84 2.74
CA PRO A 81 6.44 11.43 2.24
C PRO A 81 6.34 12.96 2.09
N LYS A 82 5.18 13.47 1.71
CA LYS A 82 4.83 14.89 1.57
C LYS A 82 3.40 15.15 2.08
N ASP A 83 3.12 16.38 2.54
CA ASP A 83 1.95 16.71 3.37
C ASP A 83 0.92 17.63 2.67
N GLN A 84 1.07 17.91 1.38
CA GLN A 84 0.25 18.90 0.68
C GLN A 84 -1.08 18.29 0.24
N PRO A 85 -2.21 19.03 0.29
CA PRO A 85 -3.52 18.54 -0.10
C PRO A 85 -3.64 18.20 -1.59
N ASP A 86 -2.58 18.37 -2.39
CA ASP A 86 -2.48 17.87 -3.76
C ASP A 86 -1.99 16.40 -3.81
N VAL A 87 -1.04 16.03 -2.95
CA VAL A 87 -0.44 14.69 -2.89
C VAL A 87 -1.08 13.79 -1.85
N VAL A 88 -1.68 14.38 -0.78
CA VAL A 88 -2.51 13.66 0.20
C VAL A 88 -3.68 12.92 -0.49
N GLU A 89 -4.13 13.43 -1.63
CA GLU A 89 -5.24 12.86 -2.40
C GLU A 89 -4.80 11.72 -3.36
N LYS A 90 -3.49 11.43 -3.47
CA LYS A 90 -2.96 10.35 -4.30
C LYS A 90 -2.65 9.10 -3.46
N LEU A 91 -1.91 9.29 -2.37
CA LEU A 91 -1.49 8.23 -1.46
C LEU A 91 -2.64 7.60 -0.67
N LYS A 92 -3.78 8.27 -0.54
CA LYS A 92 -4.95 7.73 0.15
C LYS A 92 -5.61 6.57 -0.61
N ASN A 93 -5.42 6.51 -1.93
CA ASN A 93 -5.96 5.47 -2.82
C ASN A 93 -4.83 4.79 -3.63
N ILE A 94 -4.18 3.80 -3.03
CA ILE A 94 -3.12 3.01 -3.67
C ILE A 94 -3.58 1.60 -4.00
N ASN A 95 -2.96 0.99 -5.02
CA ASN A 95 -2.96 -0.45 -5.15
C ASN A 95 -1.67 -1.04 -4.53
N LEU A 96 -1.81 -2.14 -3.79
CA LEU A 96 -0.73 -3.10 -3.55
C LEU A 96 -0.85 -4.19 -4.62
N THR A 97 0.19 -4.38 -5.44
CA THR A 97 0.21 -5.36 -6.53
C THR A 97 1.55 -6.08 -6.53
N VAL A 98 1.50 -7.41 -6.57
CA VAL A 98 2.65 -8.32 -6.45
C VAL A 98 2.55 -9.46 -7.48
N ALA A 99 3.65 -10.18 -7.70
CA ALA A 99 3.79 -11.25 -8.72
C ALA A 99 4.93 -12.25 -8.39
N PRO A 100 5.05 -13.38 -9.12
CA PRO A 100 5.81 -14.56 -8.67
C PRO A 100 7.29 -14.34 -8.33
N GLU A 101 7.96 -13.37 -8.96
CA GLU A 101 9.40 -13.17 -8.90
C GLU A 101 9.76 -11.71 -9.22
N ALA A 1 17.88 18.76 -14.14
CA ALA A 1 16.58 18.78 -13.46
C ALA A 1 15.48 18.66 -14.53
N ALA A 2 14.32 18.12 -14.18
CA ALA A 2 13.32 17.68 -15.17
C ALA A 2 11.88 17.69 -14.63
N ARG A 3 11.54 16.73 -13.75
CA ARG A 3 10.24 16.58 -13.06
C ARG A 3 9.11 16.09 -13.99
N GLN A 4 9.42 15.57 -15.19
CA GLN A 4 8.43 15.20 -16.22
C GLN A 4 8.09 13.70 -16.23
N GLN A 5 8.97 12.88 -15.64
CA GLN A 5 9.01 11.41 -15.76
C GLN A 5 9.30 10.71 -14.42
N PHE A 6 9.98 11.40 -13.51
CA PHE A 6 10.45 10.86 -12.22
C PHE A 6 9.33 10.45 -11.25
N VAL A 7 8.07 10.74 -11.59
CA VAL A 7 6.88 10.34 -10.82
C VAL A 7 6.78 8.82 -10.60
N THR A 8 7.37 8.01 -11.50
CA THR A 8 7.51 6.57 -11.29
C THR A 8 8.33 6.24 -10.03
N SER A 9 9.33 7.05 -9.70
CA SER A 9 10.13 6.90 -8.47
C SER A 9 9.41 7.47 -7.24
N GLU A 10 8.54 8.47 -7.40
CA GLU A 10 7.59 8.86 -6.34
C GLU A 10 6.60 7.72 -6.06
N VAL A 11 6.13 6.98 -7.07
CA VAL A 11 5.23 5.82 -6.86
C VAL A 11 5.96 4.70 -6.10
N GLY A 12 7.29 4.65 -6.26
CA GLY A 12 8.20 3.78 -5.52
C GLY A 12 8.38 4.17 -4.04
N ARG A 13 7.90 5.35 -3.63
CA ARG A 13 7.78 5.77 -2.22
C ARG A 13 6.33 5.74 -1.72
N TYR A 14 5.45 6.45 -2.41
CA TYR A 14 4.05 6.71 -2.06
C TYR A 14 3.26 5.46 -1.69
N GLY A 15 3.38 4.39 -2.45
CA GLY A 15 2.80 3.07 -2.19
C GLY A 15 3.67 2.18 -1.29
N ALA A 16 4.96 2.49 -1.15
CA ALA A 16 5.89 1.74 -0.31
C ALA A 16 5.65 1.99 1.18
N ILE A 17 5.22 3.19 1.57
CA ILE A 17 4.93 3.54 2.97
C ILE A 17 3.80 2.68 3.56
N TYR A 18 2.92 2.20 2.68
CA TYR A 18 1.85 1.27 3.01
C TYR A 18 2.39 -0.17 3.03
N THR A 19 2.95 -0.63 1.90
CA THR A 19 3.36 -2.04 1.71
C THR A 19 4.41 -2.48 2.74
N GLN A 20 5.30 -1.57 3.13
CA GLN A 20 6.34 -1.83 4.13
C GLN A 20 5.73 -1.95 5.53
N LEU A 21 4.78 -1.09 5.89
CA LEU A 21 4.11 -1.17 7.19
C LEU A 21 3.22 -2.41 7.31
N ILE A 22 2.73 -2.95 6.19
CA ILE A 22 1.97 -4.19 6.13
C ILE A 22 2.90 -5.38 6.27
N ARG A 23 3.92 -5.48 5.41
CA ARG A 23 4.80 -6.65 5.35
C ARG A 23 5.63 -6.77 6.63
N GLN A 24 5.83 -5.67 7.35
CA GLN A 24 6.52 -5.71 8.64
C GLN A 24 5.67 -6.38 9.74
N ASN A 25 4.36 -6.60 9.54
CA ASN A 25 3.58 -7.45 10.45
C ASN A 25 3.76 -8.94 10.15
N LEU A 26 3.88 -9.29 8.86
CA LEU A 26 3.83 -10.65 8.34
C LEU A 26 4.95 -10.85 7.30
N LEU A 27 6.17 -11.07 7.78
CA LEU A 27 7.39 -11.31 6.97
C LEU A 27 7.41 -12.71 6.34
N VAL A 28 6.33 -13.09 5.65
CA VAL A 28 6.12 -14.45 5.10
C VAL A 28 7.05 -14.71 3.91
N GLU A 29 6.98 -13.85 2.88
CA GLU A 29 7.93 -13.71 1.75
C GLU A 29 7.87 -14.85 0.71
N ASP A 30 7.95 -16.11 1.14
CA ASP A 30 8.03 -17.30 0.28
C ASP A 30 6.66 -17.76 -0.25
N SER A 31 5.59 -17.55 0.52
CA SER A 31 4.21 -17.78 0.08
C SER A 31 3.61 -16.57 -0.66
N PHE A 32 4.25 -15.40 -0.61
CA PHE A 32 3.81 -14.16 -1.24
C PHE A 32 4.34 -14.01 -2.68
N ARG A 33 5.24 -14.89 -3.09
CA ARG A 33 5.93 -14.89 -4.39
C ARG A 33 5.54 -16.08 -5.29
N GLY A 34 5.98 -16.06 -6.54
CA GLY A 34 5.71 -17.09 -7.58
C GLY A 34 4.33 -16.89 -8.23
N LYS A 35 3.31 -16.66 -7.42
CA LYS A 35 1.99 -16.18 -7.82
C LYS A 35 1.97 -14.63 -7.95
N GLN A 36 0.79 -14.05 -8.13
CA GLN A 36 0.56 -12.61 -8.02
C GLN A 36 -0.66 -12.30 -7.14
N CYS A 37 -0.80 -11.05 -6.69
CA CYS A 37 -1.99 -10.54 -6.02
C CYS A 37 -2.10 -9.03 -6.27
N ARG A 38 -3.34 -8.53 -6.41
CA ARG A 38 -3.67 -7.11 -6.45
C ARG A 38 -4.82 -6.79 -5.49
N VAL A 39 -4.65 -5.78 -4.65
CA VAL A 39 -5.70 -5.24 -3.78
C VAL A 39 -5.54 -3.72 -3.73
N ASN A 40 -6.48 -3.01 -3.13
CA ASN A 40 -6.48 -1.56 -3.07
C ASN A 40 -6.87 -1.04 -1.68
N LEU A 41 -6.10 -0.08 -1.17
CA LEU A 41 -6.41 0.61 0.10
C LEU A 41 -7.02 1.99 -0.15
N LYS A 42 -8.00 2.33 0.68
CA LYS A 42 -8.61 3.65 0.79
C LYS A 42 -8.43 4.17 2.22
N LEU A 43 -7.52 5.14 2.44
CA LEU A 43 -7.23 5.68 3.77
C LEU A 43 -7.92 7.03 3.99
N ILE A 44 -8.07 7.40 5.26
CA ILE A 44 -8.48 8.73 5.74
C ILE A 44 -7.25 9.49 6.28
N PRO A 45 -7.10 10.81 6.04
CA PRO A 45 -6.07 11.61 6.69
C PRO A 45 -6.28 11.69 8.21
N THR A 46 -5.19 11.56 8.98
CA THR A 46 -5.12 11.68 10.45
C THR A 46 -3.77 12.34 10.80
N GLY A 47 -3.63 12.86 12.03
CA GLY A 47 -2.46 13.68 12.43
C GLY A 47 -1.11 12.95 12.47
N THR A 48 -1.12 11.61 12.60
CA THR A 48 0.08 10.74 12.64
C THR A 48 0.44 10.15 11.27
N GLY A 49 -0.50 10.14 10.33
CA GLY A 49 -0.43 9.49 9.01
C GLY A 49 -1.82 9.20 8.46
N ALA A 50 -1.97 8.51 7.33
CA ALA A 50 -3.28 8.04 6.89
C ALA A 50 -3.73 6.83 7.76
N LEU A 51 -5.02 6.53 7.79
CA LEU A 51 -5.63 5.42 8.54
C LEU A 51 -6.60 4.60 7.67
N LEU A 52 -6.66 3.28 7.84
CA LEU A 52 -7.55 2.39 7.08
C LEU A 52 -9.02 2.80 7.21
N GLY A 53 -9.57 3.34 6.12
CA GLY A 53 -10.99 3.68 5.93
C GLY A 53 -11.74 2.56 5.22
N SER A 54 -11.11 1.87 4.26
CA SER A 54 -11.68 0.73 3.53
C SER A 54 -10.59 -0.03 2.77
N LEU A 55 -10.78 -1.34 2.60
CA LEU A 55 -9.95 -2.23 1.81
C LEU A 55 -10.81 -2.93 0.74
N THR A 56 -10.33 -2.89 -0.51
CA THR A 56 -10.93 -3.55 -1.67
C THR A 56 -9.98 -4.63 -2.16
N VAL A 57 -10.39 -5.90 -2.16
CA VAL A 57 -9.62 -6.96 -2.84
C VAL A 57 -10.00 -6.98 -4.32
N LEU A 58 -9.00 -7.11 -5.21
CA LEU A 58 -9.22 -7.15 -6.67
C LEU A 58 -8.98 -8.57 -7.21
N ASP A 59 -7.88 -9.22 -6.80
CA ASP A 59 -7.60 -10.65 -7.00
C ASP A 59 -6.34 -11.09 -6.23
N GLY A 60 -6.11 -12.39 -6.11
CA GLY A 60 -4.88 -12.97 -5.59
C GLY A 60 -4.91 -14.48 -5.39
N ASP A 61 -3.74 -15.04 -5.11
CA ASP A 61 -3.55 -16.46 -4.77
C ASP A 61 -2.78 -16.61 -3.43
N SER A 62 -2.50 -17.86 -3.06
CA SER A 62 -2.03 -18.32 -1.74
C SER A 62 -2.89 -17.80 -0.58
N ARG A 63 -2.49 -16.71 0.08
CA ARG A 63 -3.17 -16.09 1.23
C ARG A 63 -3.10 -14.54 1.23
N LEU A 64 -2.39 -13.88 0.29
CA LEU A 64 -1.91 -12.51 0.53
C LEU A 64 -3.04 -11.49 0.69
N CYS A 65 -4.09 -11.54 -0.14
CA CYS A 65 -5.27 -10.69 -0.05
C CYS A 65 -6.02 -10.75 1.30
N ALA A 66 -5.95 -11.88 2.02
CA ALA A 66 -6.45 -12.04 3.38
C ALA A 66 -5.42 -11.64 4.44
N ALA A 67 -4.15 -12.00 4.25
CA ALA A 67 -3.04 -11.70 5.17
C ALA A 67 -2.82 -10.18 5.32
N THR A 68 -2.64 -9.47 4.21
CA THR A 68 -2.58 -8.00 4.17
C THR A 68 -3.79 -7.40 4.85
N LYS A 69 -4.98 -7.91 4.54
CA LYS A 69 -6.26 -7.39 5.02
C LYS A 69 -6.41 -7.45 6.54
N ARG A 70 -5.78 -8.43 7.20
CA ARG A 70 -5.66 -8.42 8.67
C ARG A 70 -4.65 -7.38 9.18
N ALA A 71 -3.49 -7.26 8.53
CA ALA A 71 -2.44 -6.29 8.87
C ALA A 71 -2.94 -4.84 8.75
N VAL A 72 -3.57 -4.47 7.63
CA VAL A 72 -4.06 -3.09 7.41
C VAL A 72 -5.21 -2.73 8.37
N ALA A 73 -5.90 -3.73 8.90
CA ALA A 73 -6.93 -3.56 9.92
C ALA A 73 -6.35 -3.33 11.34
N GLN A 74 -5.03 -3.45 11.51
CA GLN A 74 -4.35 -3.39 12.82
C GLN A 74 -3.09 -2.50 12.86
N VAL A 75 -2.56 -2.07 11.70
CA VAL A 75 -1.47 -1.08 11.60
C VAL A 75 -1.83 0.26 12.25
N ASN A 76 -0.81 0.95 12.80
CA ASN A 76 -0.99 2.18 13.61
C ASN A 76 -1.33 3.45 12.79
N SER A 77 -0.71 3.64 11.61
CA SER A 77 -0.79 4.83 10.73
C SER A 77 0.31 4.82 9.68
N PHE A 78 0.01 5.24 8.45
CA PHE A 78 0.96 5.26 7.32
C PHE A 78 1.61 6.64 7.20
N PRO A 79 2.92 6.80 7.46
CA PRO A 79 3.57 8.11 7.44
C PRO A 79 3.87 8.52 5.99
N LEU A 80 3.31 9.65 5.56
CA LEU A 80 3.41 10.17 4.21
C LEU A 80 4.63 11.11 4.03
N PRO A 81 5.37 11.02 2.91
CA PRO A 81 6.64 11.73 2.71
C PRO A 81 6.41 13.22 2.38
N LYS A 82 5.51 13.51 1.44
CA LYS A 82 5.05 14.87 1.10
C LYS A 82 3.65 15.14 1.69
N ASP A 83 3.39 16.39 2.06
CA ASP A 83 2.27 16.79 2.93
C ASP A 83 1.31 17.81 2.27
N GLN A 84 1.39 18.02 0.95
CA GLN A 84 0.55 19.00 0.27
C GLN A 84 -0.85 18.41 0.06
N PRO A 85 -1.93 19.20 0.22
CA PRO A 85 -3.31 18.72 0.03
C PRO A 85 -3.61 18.28 -1.40
N ASP A 86 -2.68 18.46 -2.34
CA ASP A 86 -2.78 17.92 -3.69
C ASP A 86 -2.30 16.46 -3.78
N VAL A 87 -1.31 16.07 -2.96
CA VAL A 87 -0.70 14.74 -2.97
C VAL A 87 -1.16 13.85 -1.82
N VAL A 88 -1.61 14.44 -0.70
CA VAL A 88 -2.36 13.73 0.37
C VAL A 88 -3.58 13.00 -0.21
N GLU A 89 -4.13 13.52 -1.32
CA GLU A 89 -5.28 12.97 -2.03
C GLU A 89 -4.94 11.79 -2.96
N LYS A 90 -3.65 11.52 -3.20
CA LYS A 90 -3.18 10.48 -4.12
C LYS A 90 -2.72 9.23 -3.40
N LEU A 91 -1.95 9.41 -2.32
CA LEU A 91 -1.41 8.31 -1.49
C LEU A 91 -2.52 7.63 -0.67
N LYS A 92 -3.65 8.31 -0.42
CA LYS A 92 -4.80 7.71 0.27
C LYS A 92 -5.47 6.57 -0.51
N ASN A 93 -5.31 6.55 -1.83
CA ASN A 93 -5.94 5.57 -2.72
C ASN A 93 -4.88 4.82 -3.55
N ILE A 94 -4.23 3.82 -2.95
CA ILE A 94 -3.19 3.01 -3.60
C ILE A 94 -3.69 1.62 -3.96
N ASN A 95 -3.12 1.04 -5.02
CA ASN A 95 -3.15 -0.41 -5.22
C ASN A 95 -1.87 -1.04 -4.65
N LEU A 96 -2.01 -2.05 -3.79
CA LEU A 96 -0.93 -2.99 -3.50
C LEU A 96 -1.03 -4.12 -4.52
N THR A 97 -0.05 -4.21 -5.43
CA THR A 97 -0.02 -5.15 -6.54
C THR A 97 1.36 -5.75 -6.64
N VAL A 98 1.42 -7.08 -6.59
CA VAL A 98 2.67 -7.86 -6.44
C VAL A 98 2.70 -9.03 -7.42
N ALA A 99 3.91 -9.39 -7.86
CA ALA A 99 4.21 -10.55 -8.73
C ALA A 99 5.70 -10.99 -8.73
N PRO A 100 6.43 -10.98 -7.58
CA PRO A 100 7.86 -11.31 -7.56
C PRO A 100 8.08 -12.80 -7.88
N GLU A 101 9.14 -13.10 -8.64
CA GLU A 101 9.47 -14.44 -9.17
C GLU A 101 8.27 -15.12 -9.84
N ALA A 1 7.06 19.17 -18.49
CA ALA A 1 6.48 19.05 -17.14
C ALA A 1 6.67 17.64 -16.53
N ALA A 2 6.03 16.55 -16.98
CA ALA A 2 4.97 16.44 -18.00
C ALA A 2 3.57 16.50 -17.35
N ARG A 3 3.37 15.77 -16.24
CA ARG A 3 2.25 15.88 -15.29
C ARG A 3 0.93 15.26 -15.77
N GLN A 4 0.92 14.63 -16.96
CA GLN A 4 -0.28 14.01 -17.54
C GLN A 4 -0.47 12.56 -17.11
N GLN A 5 0.61 11.92 -16.64
CA GLN A 5 0.72 10.47 -16.44
C GLN A 5 1.65 10.05 -15.30
N PHE A 6 2.66 10.86 -14.98
CA PHE A 6 3.81 10.52 -14.13
C PHE A 6 3.45 9.99 -12.72
N VAL A 7 2.21 10.22 -12.25
CA VAL A 7 1.72 9.74 -10.95
C VAL A 7 1.84 8.23 -10.78
N THR A 8 1.78 7.48 -11.90
CA THR A 8 2.05 6.04 -11.93
C THR A 8 3.45 5.70 -11.44
N SER A 9 4.48 6.43 -11.87
CA SER A 9 5.86 6.25 -11.41
C SER A 9 6.01 6.55 -9.92
N GLU A 10 5.18 7.46 -9.38
CA GLU A 10 5.14 7.76 -7.96
C GLU A 10 4.42 6.68 -7.14
N VAL A 11 3.61 5.79 -7.73
CA VAL A 11 3.04 4.65 -6.97
C VAL A 11 4.14 3.73 -6.40
N GLY A 12 5.32 3.71 -7.06
CA GLY A 12 6.54 3.05 -6.57
C GLY A 12 7.10 3.65 -5.28
N ARG A 13 6.64 4.83 -4.86
CA ARG A 13 6.90 5.42 -3.54
C ARG A 13 5.62 5.48 -2.69
N TYR A 14 4.58 6.15 -3.18
CA TYR A 14 3.31 6.47 -2.53
C TYR A 14 2.54 5.23 -2.04
N GLY A 15 2.52 4.16 -2.82
CA GLY A 15 2.02 2.83 -2.42
C GLY A 15 3.06 1.97 -1.67
N ALA A 16 4.36 2.30 -1.76
CA ALA A 16 5.42 1.57 -1.07
C ALA A 16 5.47 1.92 0.42
N ILE A 17 5.01 3.10 0.85
CA ILE A 17 4.93 3.45 2.28
C ILE A 17 3.94 2.54 3.03
N TYR A 18 2.90 2.07 2.32
CA TYR A 18 1.89 1.16 2.83
C TYR A 18 2.43 -0.27 2.89
N THR A 19 2.93 -0.79 1.76
CA THR A 19 3.47 -2.16 1.65
C THR A 19 4.61 -2.42 2.64
N GLN A 20 5.43 -1.39 2.91
CA GLN A 20 6.54 -1.43 3.85
C GLN A 20 6.09 -1.49 5.30
N LEU A 21 4.94 -0.90 5.63
CA LEU A 21 4.37 -1.02 6.98
C LEU A 21 3.58 -2.32 7.16
N ILE A 22 2.96 -2.86 6.11
CA ILE A 22 2.19 -4.11 6.16
C ILE A 22 3.12 -5.30 6.39
N ARG A 23 4.21 -5.38 5.63
CA ARG A 23 5.20 -6.48 5.70
C ARG A 23 5.92 -6.56 7.05
N GLN A 24 5.94 -5.45 7.80
CA GLN A 24 6.44 -5.42 9.19
C GLN A 24 5.63 -6.38 10.07
N ASN A 25 4.31 -6.47 9.82
CA ASN A 25 3.48 -7.49 10.46
C ASN A 25 3.67 -8.86 9.79
N LEU A 26 3.65 -8.86 8.45
CA LEU A 26 3.61 -10.07 7.64
C LEU A 26 5.00 -10.54 7.24
N LEU A 27 5.67 -11.11 8.22
CA LEU A 27 7.02 -11.67 8.12
C LEU A 27 7.09 -13.02 7.34
N VAL A 28 6.17 -13.21 6.39
CA VAL A 28 5.86 -14.53 5.81
C VAL A 28 6.72 -14.83 4.57
N GLU A 29 6.46 -14.13 3.45
CA GLU A 29 7.27 -14.06 2.24
C GLU A 29 7.21 -15.33 1.36
N ASP A 30 7.37 -16.53 1.93
CA ASP A 30 7.39 -17.81 1.20
C ASP A 30 6.07 -18.11 0.48
N SER A 31 4.92 -17.78 1.10
CA SER A 31 3.58 -17.90 0.50
C SER A 31 3.11 -16.62 -0.24
N PHE A 32 3.93 -15.55 -0.26
CA PHE A 32 3.67 -14.31 -0.97
C PHE A 32 4.31 -14.30 -2.37
N ARG A 33 5.23 -15.26 -2.61
CA ARG A 33 6.04 -15.40 -3.82
C ARG A 33 5.63 -16.64 -4.62
N GLY A 34 5.91 -16.65 -5.94
CA GLY A 34 5.51 -17.70 -6.89
C GLY A 34 4.08 -17.54 -7.42
N LYS A 35 3.20 -16.89 -6.66
CA LYS A 35 1.87 -16.40 -7.06
C LYS A 35 1.88 -14.87 -7.21
N GLN A 36 0.72 -14.26 -7.43
CA GLN A 36 0.56 -12.80 -7.54
C GLN A 36 -0.67 -12.33 -6.73
N CYS A 37 -0.79 -11.03 -6.46
CA CYS A 37 -2.05 -10.40 -6.07
C CYS A 37 -2.11 -8.93 -6.53
N ARG A 38 -3.32 -8.41 -6.66
CA ARG A 38 -3.62 -6.99 -6.72
C ARG A 38 -4.80 -6.65 -5.80
N VAL A 39 -4.62 -5.70 -4.89
CA VAL A 39 -5.67 -5.24 -3.95
C VAL A 39 -5.53 -3.72 -3.82
N ASN A 40 -6.51 -3.04 -3.24
CA ASN A 40 -6.52 -1.59 -3.18
C ASN A 40 -6.92 -1.07 -1.79
N LEU A 41 -6.14 -0.13 -1.27
CA LEU A 41 -6.36 0.51 0.03
C LEU A 41 -6.96 1.91 -0.17
N LYS A 42 -8.03 2.20 0.58
CA LYS A 42 -8.64 3.52 0.71
C LYS A 42 -8.45 4.02 2.15
N LEU A 43 -7.57 5.02 2.36
CA LEU A 43 -7.32 5.58 3.67
C LEU A 43 -8.04 6.92 3.87
N ILE A 44 -8.21 7.29 5.14
CA ILE A 44 -8.60 8.62 5.60
C ILE A 44 -7.37 9.37 6.13
N PRO A 45 -7.27 10.71 6.03
CA PRO A 45 -6.18 11.47 6.63
C PRO A 45 -6.35 11.51 8.15
N THR A 46 -5.25 11.33 8.90
CA THR A 46 -5.21 11.32 10.37
C THR A 46 -3.86 11.86 10.84
N GLY A 47 -3.81 13.16 11.12
CA GLY A 47 -2.63 13.84 11.68
C GLY A 47 -1.41 13.74 10.76
N THR A 48 -0.38 13.02 11.22
CA THR A 48 0.91 12.79 10.54
C THR A 48 0.88 11.64 9.53
N GLY A 49 -0.24 10.92 9.37
CA GLY A 49 -0.38 9.80 8.43
C GLY A 49 -1.79 9.66 7.83
N ALA A 50 -2.06 8.50 7.22
CA ALA A 50 -3.41 8.05 6.88
C ALA A 50 -3.82 6.83 7.74
N LEU A 51 -5.11 6.49 7.76
CA LEU A 51 -5.70 5.35 8.48
C LEU A 51 -6.66 4.55 7.58
N LEU A 52 -6.75 3.23 7.77
CA LEU A 52 -7.62 2.35 6.96
C LEU A 52 -9.11 2.73 7.09
N GLY A 53 -9.67 3.24 5.99
CA GLY A 53 -11.09 3.58 5.82
C GLY A 53 -11.85 2.46 5.09
N SER A 54 -11.20 1.78 4.14
CA SER A 54 -11.75 0.62 3.41
C SER A 54 -10.64 -0.13 2.67
N LEU A 55 -10.84 -1.42 2.42
CA LEU A 55 -9.93 -2.28 1.66
C LEU A 55 -10.73 -3.12 0.64
N THR A 56 -10.29 -3.06 -0.61
CA THR A 56 -10.86 -3.77 -1.77
C THR A 56 -9.86 -4.84 -2.22
N VAL A 57 -10.32 -6.04 -2.57
CA VAL A 57 -9.50 -7.02 -3.30
C VAL A 57 -9.88 -6.99 -4.79
N LEU A 58 -8.89 -6.97 -5.68
CA LEU A 58 -9.11 -6.95 -7.14
C LEU A 58 -8.88 -8.35 -7.72
N ASP A 59 -7.81 -9.03 -7.27
CA ASP A 59 -7.50 -10.45 -7.55
C ASP A 59 -6.28 -10.92 -6.73
N GLY A 60 -6.02 -12.22 -6.72
CA GLY A 60 -4.82 -12.83 -6.14
C GLY A 60 -5.01 -14.25 -5.61
N ASP A 61 -3.94 -14.80 -5.07
CA ASP A 61 -3.97 -16.02 -4.27
C ASP A 61 -4.23 -15.62 -2.82
N SER A 62 -5.37 -16.07 -2.29
CA SER A 62 -6.08 -15.48 -1.14
C SER A 62 -5.26 -15.43 0.16
N ARG A 63 -4.19 -16.22 0.28
CA ARG A 63 -3.29 -16.21 1.45
C ARG A 63 -2.64 -14.84 1.68
N LEU A 64 -2.35 -14.06 0.62
CA LEU A 64 -1.83 -12.69 0.80
C LEU A 64 -2.98 -11.70 1.04
N CYS A 65 -4.06 -11.74 0.26
CA CYS A 65 -5.26 -10.92 0.47
C CYS A 65 -5.82 -10.99 1.90
N ALA A 66 -5.88 -12.19 2.50
CA ALA A 66 -6.28 -12.38 3.90
C ALA A 66 -5.28 -11.77 4.90
N ALA A 67 -3.98 -12.01 4.68
CA ALA A 67 -2.92 -11.51 5.55
C ALA A 67 -2.83 -9.98 5.57
N THR A 68 -2.75 -9.35 4.39
CA THR A 68 -2.69 -7.89 4.25
C THR A 68 -3.93 -7.24 4.84
N LYS A 69 -5.13 -7.76 4.52
CA LYS A 69 -6.41 -7.23 5.00
C LYS A 69 -6.42 -7.11 6.53
N ARG A 70 -5.89 -8.13 7.21
CA ARG A 70 -5.73 -8.15 8.66
C ARG A 70 -4.66 -7.17 9.16
N ALA A 71 -3.47 -7.16 8.56
CA ALA A 71 -2.39 -6.22 8.89
C ALA A 71 -2.82 -4.75 8.75
N VAL A 72 -3.43 -4.39 7.64
CA VAL A 72 -3.89 -3.02 7.34
C VAL A 72 -5.04 -2.59 8.27
N ALA A 73 -5.76 -3.57 8.83
CA ALA A 73 -6.81 -3.31 9.83
C ALA A 73 -6.24 -3.11 11.25
N GLN A 74 -4.93 -3.32 11.46
CA GLN A 74 -4.29 -3.26 12.78
C GLN A 74 -3.02 -2.39 12.83
N VAL A 75 -2.47 -1.97 11.67
CA VAL A 75 -1.36 -0.99 11.59
C VAL A 75 -1.72 0.36 12.25
N ASN A 76 -0.71 1.00 12.87
CA ASN A 76 -0.91 2.21 13.68
C ASN A 76 -1.33 3.45 12.88
N SER A 77 -0.72 3.66 11.71
CA SER A 77 -0.87 4.81 10.79
C SER A 77 0.26 4.79 9.75
N PHE A 78 -0.05 5.19 8.52
CA PHE A 78 0.89 5.21 7.40
C PHE A 78 1.58 6.58 7.31
N PRO A 79 2.89 6.70 7.62
CA PRO A 79 3.56 7.99 7.62
C PRO A 79 3.79 8.47 6.18
N LEU A 80 3.48 9.74 5.91
CA LEU A 80 3.50 10.30 4.55
C LEU A 80 4.94 10.62 4.08
N PRO A 81 5.25 10.52 2.77
CA PRO A 81 6.52 10.96 2.22
C PRO A 81 6.57 12.50 2.12
N LYS A 82 5.43 13.15 1.85
CA LYS A 82 5.22 14.59 1.74
C LYS A 82 3.83 14.97 2.31
N ASP A 83 3.61 16.23 2.67
CA ASP A 83 2.53 16.67 3.58
C ASP A 83 1.64 17.78 2.98
N GLN A 84 1.46 17.80 1.65
CA GLN A 84 0.62 18.77 0.97
C GLN A 84 -0.75 18.15 0.64
N PRO A 85 -1.86 18.92 0.70
CA PRO A 85 -3.19 18.44 0.37
C PRO A 85 -3.35 18.00 -1.10
N ASP A 86 -2.36 18.27 -1.97
CA ASP A 86 -2.31 17.75 -3.33
C ASP A 86 -1.77 16.32 -3.38
N VAL A 87 -0.80 15.96 -2.51
CA VAL A 87 -0.15 14.64 -2.47
C VAL A 87 -0.82 13.70 -1.46
N VAL A 88 -1.47 14.23 -0.41
CA VAL A 88 -2.35 13.44 0.48
C VAL A 88 -3.45 12.72 -0.33
N GLU A 89 -3.84 13.30 -1.47
CA GLU A 89 -4.86 12.76 -2.37
C GLU A 89 -4.36 11.62 -3.26
N LYS A 90 -3.04 11.37 -3.31
CA LYS A 90 -2.44 10.28 -4.09
C LYS A 90 -2.23 9.02 -3.26
N LEU A 91 -1.66 9.22 -2.07
CA LEU A 91 -1.37 8.15 -1.12
C LEU A 91 -2.65 7.54 -0.53
N LYS A 92 -3.78 8.26 -0.46
CA LYS A 92 -4.99 7.75 0.19
C LYS A 92 -5.69 6.64 -0.61
N ASN A 93 -5.49 6.61 -1.92
CA ASN A 93 -6.05 5.59 -2.82
C ASN A 93 -4.93 4.91 -3.62
N ILE A 94 -4.37 3.82 -3.10
CA ILE A 94 -3.30 3.04 -3.74
C ILE A 94 -3.76 1.62 -4.10
N ASN A 95 -3.14 1.05 -5.13
CA ASN A 95 -3.10 -0.40 -5.29
C ASN A 95 -1.83 -0.97 -4.66
N LEU A 96 -1.96 -2.04 -3.87
CA LEU A 96 -0.88 -2.98 -3.60
C LEU A 96 -0.96 -4.09 -4.64
N THR A 97 0.07 -4.24 -5.48
CA THR A 97 0.13 -5.21 -6.55
C THR A 97 1.51 -5.87 -6.54
N VAL A 98 1.53 -7.20 -6.54
CA VAL A 98 2.72 -8.03 -6.39
C VAL A 98 2.68 -9.22 -7.36
N ALA A 99 3.87 -9.76 -7.70
CA ALA A 99 4.06 -10.88 -8.63
C ALA A 99 5.50 -11.45 -8.53
N PRO A 100 5.80 -12.62 -9.13
CA PRO A 100 7.13 -13.21 -9.15
C PRO A 100 8.15 -12.34 -9.90
N GLU A 101 9.44 -12.55 -9.62
CA GLU A 101 10.55 -11.86 -10.29
C GLU A 101 10.70 -12.27 -11.76
N ALA A 1 14.47 19.05 -16.77
CA ALA A 1 14.35 18.82 -18.22
C ALA A 1 12.95 18.26 -18.62
N ALA A 2 12.00 18.19 -17.67
CA ALA A 2 10.72 17.50 -17.80
C ALA A 2 9.71 17.94 -16.72
N ARG A 3 9.47 17.09 -15.70
CA ARG A 3 8.43 17.24 -14.66
C ARG A 3 6.99 17.13 -15.21
N GLN A 4 6.79 16.41 -16.32
CA GLN A 4 5.48 16.26 -17.00
C GLN A 4 4.81 14.89 -16.72
N GLN A 5 5.58 13.89 -16.32
CA GLN A 5 5.19 12.48 -16.30
C GLN A 5 5.72 11.70 -15.09
N PHE A 6 6.71 12.25 -14.37
CA PHE A 6 7.52 11.54 -13.36
C PHE A 6 6.73 11.02 -12.15
N VAL A 7 5.48 11.45 -11.96
CA VAL A 7 4.59 11.04 -10.86
C VAL A 7 4.41 9.52 -10.79
N THR A 8 4.52 8.82 -11.93
CA THR A 8 4.55 7.35 -11.99
C THR A 8 5.67 6.76 -11.13
N SER A 9 6.83 7.39 -11.09
CA SER A 9 7.97 6.97 -10.25
C SER A 9 7.75 7.28 -8.76
N GLU A 10 6.94 8.30 -8.44
CA GLU A 10 6.46 8.53 -7.06
C GLU A 10 5.45 7.46 -6.63
N VAL A 11 4.64 6.88 -7.52
CA VAL A 11 3.66 5.82 -7.13
C VAL A 11 4.37 4.60 -6.55
N GLY A 12 5.61 4.33 -7.02
CA GLY A 12 6.47 3.26 -6.52
C GLY A 12 7.03 3.50 -5.11
N ARG A 13 6.90 4.72 -4.58
CA ARG A 13 7.24 5.09 -3.20
C ARG A 13 5.98 5.25 -2.35
N TYR A 14 4.99 5.96 -2.88
CA TYR A 14 3.70 6.29 -2.27
C TYR A 14 2.93 5.05 -1.80
N GLY A 15 2.90 3.99 -2.61
CA GLY A 15 2.31 2.70 -2.23
C GLY A 15 3.25 1.82 -1.41
N ALA A 16 4.56 2.11 -1.42
CA ALA A 16 5.54 1.36 -0.64
C ALA A 16 5.43 1.67 0.86
N ILE A 17 5.06 2.90 1.24
CA ILE A 17 4.92 3.30 2.65
C ILE A 17 3.84 2.47 3.37
N TYR A 18 2.86 2.00 2.61
CA TYR A 18 1.79 1.12 3.07
C TYR A 18 2.29 -0.33 3.14
N THR A 19 2.77 -0.87 2.01
CA THR A 19 3.18 -2.29 1.87
C THR A 19 4.32 -2.66 2.83
N GLN A 20 5.23 -1.72 3.08
CA GLN A 20 6.36 -1.89 4.00
C GLN A 20 5.93 -1.84 5.46
N LEU A 21 4.85 -1.15 5.80
CA LEU A 21 4.28 -1.21 7.16
C LEU A 21 3.50 -2.51 7.39
N ILE A 22 2.85 -3.04 6.35
CA ILE A 22 2.04 -4.26 6.43
C ILE A 22 2.92 -5.48 6.69
N ARG A 23 4.05 -5.57 5.98
CA ARG A 23 4.99 -6.71 6.06
C ARG A 23 5.77 -6.74 7.38
N GLN A 24 5.74 -5.64 8.14
CA GLN A 24 6.18 -5.64 9.53
C GLN A 24 5.38 -6.67 10.34
N ASN A 25 4.08 -6.80 10.05
CA ASN A 25 3.22 -7.76 10.77
C ASN A 25 3.38 -9.18 10.24
N LEU A 26 3.56 -9.31 8.91
CA LEU A 26 3.41 -10.54 8.18
C LEU A 26 4.78 -11.18 7.91
N LEU A 27 5.06 -12.21 8.69
CA LEU A 27 6.34 -12.92 8.71
C LEU A 27 6.41 -14.15 7.80
N VAL A 28 5.52 -14.22 6.80
CA VAL A 28 5.17 -15.47 6.11
C VAL A 28 6.13 -15.78 4.95
N GLU A 29 6.33 -14.82 4.05
CA GLU A 29 7.35 -14.78 2.99
C GLU A 29 7.11 -15.79 1.85
N ASP A 30 7.12 -17.10 2.12
CA ASP A 30 6.89 -18.15 1.12
C ASP A 30 5.48 -18.09 0.51
N SER A 31 4.48 -17.70 1.30
CA SER A 31 3.10 -17.47 0.86
C SER A 31 2.89 -16.14 0.12
N PHE A 32 3.92 -15.30 -0.05
CA PHE A 32 3.90 -14.01 -0.73
C PHE A 32 4.73 -14.02 -2.03
N ARG A 33 5.53 -15.07 -2.24
CA ARG A 33 6.46 -15.24 -3.36
C ARG A 33 6.00 -16.34 -4.34
N GLY A 34 6.42 -16.24 -5.61
CA GLY A 34 6.11 -17.21 -6.68
C GLY A 34 4.73 -17.04 -7.33
N LYS A 35 3.96 -16.02 -6.92
CA LYS A 35 2.62 -15.68 -7.39
C LYS A 35 2.41 -14.16 -7.51
N GLN A 36 1.21 -13.72 -7.90
CA GLN A 36 0.87 -12.30 -8.03
C GLN A 36 -0.33 -11.96 -7.13
N CYS A 37 -0.56 -10.68 -6.87
CA CYS A 37 -1.76 -10.16 -6.22
C CYS A 37 -1.96 -8.67 -6.56
N ARG A 38 -3.22 -8.22 -6.66
CA ARG A 38 -3.63 -6.82 -6.64
C ARG A 38 -4.75 -6.61 -5.62
N VAL A 39 -4.60 -5.63 -4.73
CA VAL A 39 -5.65 -5.17 -3.81
C VAL A 39 -5.53 -3.64 -3.70
N ASN A 40 -6.53 -2.96 -3.13
CA ASN A 40 -6.55 -1.52 -3.06
C ASN A 40 -6.89 -1.03 -1.65
N LEU A 41 -6.10 -0.06 -1.15
CA LEU A 41 -6.31 0.58 0.15
C LEU A 41 -6.93 1.96 -0.05
N LYS A 42 -8.01 2.24 0.70
CA LYS A 42 -8.61 3.57 0.82
C LYS A 42 -8.40 4.08 2.25
N LEU A 43 -7.51 5.05 2.44
CA LEU A 43 -7.21 5.64 3.74
C LEU A 43 -7.93 6.98 3.94
N ILE A 44 -8.08 7.36 5.20
CA ILE A 44 -8.52 8.68 5.67
C ILE A 44 -7.32 9.51 6.17
N PRO A 45 -7.36 10.86 6.10
CA PRO A 45 -6.29 11.71 6.65
C PRO A 45 -6.40 11.79 8.18
N THR A 46 -5.24 11.92 8.85
CA THR A 46 -5.03 11.97 10.31
C THR A 46 -3.70 12.70 10.58
N GLY A 47 -3.48 13.21 11.80
CA GLY A 47 -2.28 13.98 12.17
C GLY A 47 -0.95 13.19 12.15
N THR A 48 -1.02 11.86 12.08
CA THR A 48 0.12 10.91 12.00
C THR A 48 0.42 10.41 10.58
N GLY A 49 -0.39 10.80 9.59
CA GLY A 49 -0.42 10.23 8.24
C GLY A 49 -1.81 9.68 7.90
N ALA A 50 -1.92 8.67 7.03
CA ALA A 50 -3.21 8.11 6.67
C ALA A 50 -3.61 6.94 7.61
N LEU A 51 -4.92 6.64 7.71
CA LEU A 51 -5.51 5.55 8.50
C LEU A 51 -6.46 4.70 7.65
N LEU A 52 -6.53 3.39 7.88
CA LEU A 52 -7.43 2.50 7.13
C LEU A 52 -8.91 2.91 7.28
N GLY A 53 -9.50 3.35 6.17
CA GLY A 53 -10.93 3.65 6.02
C GLY A 53 -11.68 2.48 5.36
N SER A 54 -11.06 1.79 4.40
CA SER A 54 -11.59 0.60 3.71
C SER A 54 -10.49 -0.14 2.93
N LEU A 55 -10.64 -1.46 2.75
CA LEU A 55 -9.77 -2.27 1.89
C LEU A 55 -10.63 -3.07 0.91
N THR A 56 -10.20 -3.07 -0.34
CA THR A 56 -10.84 -3.71 -1.49
C THR A 56 -9.89 -4.77 -2.05
N VAL A 57 -10.28 -6.05 -2.08
CA VAL A 57 -9.52 -7.07 -2.82
C VAL A 57 -9.91 -7.05 -4.31
N LEU A 58 -8.93 -7.08 -5.22
CA LEU A 58 -9.17 -7.08 -6.67
C LEU A 58 -8.91 -8.48 -7.25
N ASP A 59 -7.75 -9.08 -6.93
CA ASP A 59 -7.37 -10.46 -7.26
C ASP A 59 -6.05 -10.88 -6.59
N GLY A 60 -5.70 -12.17 -6.66
CA GLY A 60 -4.40 -12.70 -6.29
C GLY A 60 -4.45 -14.17 -5.89
N ASP A 61 -3.30 -14.68 -5.45
CA ASP A 61 -3.23 -15.94 -4.72
C ASP A 61 -3.57 -15.64 -3.26
N SER A 62 -4.75 -16.12 -2.83
CA SER A 62 -5.54 -15.55 -1.73
C SER A 62 -4.84 -15.47 -0.37
N ARG A 63 -3.75 -16.22 -0.18
CA ARG A 63 -2.87 -16.15 0.99
C ARG A 63 -2.39 -14.73 1.28
N LEU A 64 -2.10 -13.92 0.24
CA LEU A 64 -1.67 -12.53 0.43
C LEU A 64 -2.88 -11.62 0.73
N CYS A 65 -3.96 -11.70 -0.06
CA CYS A 65 -5.23 -11.01 0.21
C CYS A 65 -5.72 -11.17 1.66
N ALA A 66 -5.71 -12.39 2.19
CA ALA A 66 -6.14 -12.68 3.57
C ALA A 66 -5.21 -12.06 4.62
N ALA A 67 -3.89 -12.15 4.41
CA ALA A 67 -2.88 -11.66 5.35
C ALA A 67 -2.82 -10.13 5.40
N THR A 68 -2.69 -9.46 4.25
CA THR A 68 -2.63 -7.99 4.15
C THR A 68 -3.86 -7.36 4.78
N LYS A 69 -5.06 -7.84 4.41
CA LYS A 69 -6.35 -7.36 4.87
C LYS A 69 -6.41 -7.24 6.39
N ARG A 70 -5.95 -8.30 7.07
CA ARG A 70 -5.87 -8.34 8.53
C ARG A 70 -4.83 -7.37 9.10
N ALA A 71 -3.63 -7.29 8.51
CA ALA A 71 -2.57 -6.36 8.90
C ALA A 71 -3.01 -4.89 8.76
N VAL A 72 -3.58 -4.51 7.63
CA VAL A 72 -4.02 -3.12 7.38
C VAL A 72 -5.16 -2.72 8.31
N ALA A 73 -5.91 -3.69 8.83
CA ALA A 73 -6.99 -3.47 9.80
C ALA A 73 -6.46 -3.28 11.23
N GLN A 74 -5.15 -3.47 11.46
CA GLN A 74 -4.54 -3.43 12.80
C GLN A 74 -3.26 -2.58 12.89
N VAL A 75 -2.67 -2.16 11.75
CA VAL A 75 -1.56 -1.19 11.71
C VAL A 75 -1.93 0.16 12.33
N ASN A 76 -0.96 0.85 12.93
CA ASN A 76 -1.18 2.11 13.65
C ASN A 76 -1.53 3.30 12.73
N SER A 77 -0.74 3.51 11.67
CA SER A 77 -0.75 4.71 10.80
C SER A 77 0.37 4.67 9.76
N PHE A 78 0.07 5.13 8.54
CA PHE A 78 1.01 5.16 7.42
C PHE A 78 1.68 6.53 7.30
N PRO A 79 2.97 6.69 7.60
CA PRO A 79 3.64 7.98 7.54
C PRO A 79 3.97 8.34 6.09
N LEU A 80 3.62 9.58 5.68
CA LEU A 80 3.73 10.04 4.29
C LEU A 80 5.19 10.42 3.94
N PRO A 81 5.60 10.28 2.66
CA PRO A 81 6.88 10.80 2.19
C PRO A 81 6.84 12.33 2.09
N LYS A 82 5.72 12.88 1.60
CA LYS A 82 5.47 14.30 1.30
C LYS A 82 4.27 14.84 2.12
N ASP A 83 3.98 16.14 2.02
CA ASP A 83 3.01 16.82 2.88
C ASP A 83 2.34 18.04 2.20
N GLN A 84 1.84 17.85 0.98
CA GLN A 84 1.02 18.86 0.29
C GLN A 84 -0.42 18.34 0.14
N PRO A 85 -1.47 19.15 0.42
CA PRO A 85 -2.87 18.79 0.20
C PRO A 85 -3.21 18.30 -1.22
N ASP A 86 -2.32 18.47 -2.21
CA ASP A 86 -2.49 17.92 -3.57
C ASP A 86 -2.06 16.45 -3.64
N VAL A 87 -1.01 16.05 -2.90
CA VAL A 87 -0.46 14.69 -2.93
C VAL A 87 -0.99 13.80 -1.81
N VAL A 88 -1.45 14.39 -0.69
CA VAL A 88 -2.24 13.68 0.34
C VAL A 88 -3.48 13.00 -0.30
N GLU A 89 -3.97 13.54 -1.42
CA GLU A 89 -5.11 12.99 -2.17
C GLU A 89 -4.76 11.85 -3.13
N LYS A 90 -3.47 11.55 -3.34
CA LYS A 90 -3.01 10.45 -4.19
C LYS A 90 -2.73 9.19 -3.38
N LEU A 91 -1.98 9.35 -2.29
CA LEU A 91 -1.51 8.27 -1.41
C LEU A 91 -2.64 7.63 -0.61
N LYS A 92 -3.77 8.32 -0.42
CA LYS A 92 -4.97 7.78 0.23
C LYS A 92 -5.61 6.63 -0.54
N ASN A 93 -5.42 6.56 -1.86
CA ASN A 93 -6.10 5.60 -2.74
C ASN A 93 -5.07 4.87 -3.62
N ILE A 94 -4.36 3.90 -3.05
CA ILE A 94 -3.34 3.10 -3.74
C ILE A 94 -3.86 1.72 -4.09
N ASN A 95 -3.36 1.16 -5.20
CA ASN A 95 -3.37 -0.28 -5.40
C ASN A 95 -2.03 -0.84 -4.92
N LEU A 96 -2.06 -1.78 -4.00
CA LEU A 96 -0.92 -2.67 -3.76
C LEU A 96 -1.02 -3.82 -4.76
N THR A 97 -0.10 -3.83 -5.72
CA THR A 97 -0.06 -4.78 -6.83
C THR A 97 1.35 -5.32 -6.96
N VAL A 98 1.46 -6.64 -6.98
CA VAL A 98 2.70 -7.41 -6.87
C VAL A 98 2.71 -8.56 -7.89
N ALA A 99 3.91 -8.97 -8.33
CA ALA A 99 4.14 -10.04 -9.31
C ALA A 99 5.63 -10.48 -9.32
N PRO A 100 5.95 -11.68 -9.84
CA PRO A 100 7.34 -12.14 -9.96
C PRO A 100 8.19 -11.30 -10.92
N GLU A 101 7.59 -10.77 -12.01
CA GLU A 101 8.22 -9.95 -13.05
C GLU A 101 9.49 -10.62 -13.61
N ALA A 1 15.53 13.53 -11.71
CA ALA A 1 14.16 13.00 -11.69
C ALA A 1 13.66 12.75 -13.12
N ALA A 2 13.69 13.80 -13.94
CA ALA A 2 13.29 13.93 -15.34
C ALA A 2 11.79 14.14 -15.50
N ARG A 3 11.45 15.39 -15.79
CA ARG A 3 10.10 15.97 -15.68
C ARG A 3 9.10 15.44 -16.74
N GLN A 4 9.54 14.48 -17.56
CA GLN A 4 8.78 13.88 -18.65
C GLN A 4 7.97 12.66 -18.17
N GLN A 5 8.36 12.03 -17.06
CA GLN A 5 7.67 10.84 -16.52
C GLN A 5 7.88 10.53 -15.04
N PHE A 6 8.77 11.23 -14.31
CA PHE A 6 9.22 10.90 -12.95
C PHE A 6 8.12 10.61 -11.90
N VAL A 7 6.87 11.06 -12.12
CA VAL A 7 5.71 10.74 -11.29
C VAL A 7 5.49 9.23 -11.13
N THR A 8 5.89 8.42 -12.12
CA THR A 8 5.92 6.95 -12.01
C THR A 8 6.82 6.49 -10.88
N SER A 9 7.93 7.19 -10.64
CA SER A 9 8.84 6.91 -9.53
C SER A 9 8.31 7.45 -8.20
N GLU A 10 7.54 8.54 -8.22
CA GLU A 10 6.79 8.98 -7.04
C GLU A 10 5.74 7.94 -6.65
N VAL A 11 5.06 7.29 -7.62
CA VAL A 11 4.10 6.20 -7.32
C VAL A 11 4.83 5.01 -6.67
N GLY A 12 6.12 4.83 -7.03
CA GLY A 12 7.04 3.85 -6.43
C GLY A 12 7.48 4.20 -5.00
N ARG A 13 7.27 5.43 -4.51
CA ARG A 13 7.40 5.77 -3.09
C ARG A 13 6.05 5.76 -2.37
N TYR A 14 5.05 6.42 -2.94
CA TYR A 14 3.72 6.70 -2.38
C TYR A 14 3.00 5.42 -1.94
N GLY A 15 3.05 4.36 -2.74
CA GLY A 15 2.52 3.03 -2.41
C GLY A 15 3.47 2.17 -1.58
N ALA A 16 4.76 2.52 -1.52
CA ALA A 16 5.75 1.80 -0.74
C ALA A 16 5.56 2.06 0.77
N ILE A 17 5.13 3.25 1.17
CA ILE A 17 4.91 3.61 2.58
C ILE A 17 3.84 2.72 3.23
N TYR A 18 2.91 2.23 2.41
CA TYR A 18 1.87 1.29 2.79
C TYR A 18 2.41 -0.15 2.83
N THR A 19 2.94 -0.63 1.70
CA THR A 19 3.39 -2.02 1.52
C THR A 19 4.47 -2.42 2.52
N GLN A 20 5.37 -1.50 2.85
CA GLN A 20 6.44 -1.70 3.82
C GLN A 20 5.91 -1.78 5.26
N LEU A 21 4.83 -1.06 5.59
CA LEU A 21 4.19 -1.18 6.89
C LEU A 21 3.35 -2.46 7.01
N ILE A 22 2.81 -2.98 5.91
CA ILE A 22 2.01 -4.21 5.90
C ILE A 22 2.91 -5.43 6.03
N ARG A 23 3.91 -5.55 5.15
CA ARG A 23 4.83 -6.70 5.13
C ARG A 23 5.67 -6.79 6.40
N GLN A 24 5.80 -5.71 7.15
CA GLN A 24 6.51 -5.73 8.43
C GLN A 24 5.67 -6.32 9.58
N ASN A 25 4.34 -6.46 9.42
CA ASN A 25 3.56 -7.36 10.28
C ASN A 25 3.71 -8.83 9.84
N LEU A 26 3.72 -9.06 8.53
CA LEU A 26 3.43 -10.35 7.92
C LEU A 26 4.71 -11.11 7.62
N LEU A 27 5.05 -11.99 8.56
CA LEU A 27 6.29 -12.76 8.59
C LEU A 27 6.24 -14.06 7.76
N VAL A 28 5.36 -14.11 6.77
CA VAL A 28 4.98 -15.35 6.06
C VAL A 28 5.93 -15.64 4.89
N GLU A 29 5.83 -14.86 3.81
CA GLU A 29 6.78 -14.72 2.70
C GLU A 29 6.76 -15.91 1.73
N ASP A 30 6.89 -17.14 2.20
CA ASP A 30 6.83 -18.36 1.37
C ASP A 30 5.43 -18.54 0.74
N SER A 31 4.36 -18.19 1.47
CA SER A 31 2.98 -18.16 0.99
C SER A 31 2.60 -16.87 0.24
N PHE A 32 3.54 -15.92 0.09
CA PHE A 32 3.40 -14.69 -0.70
C PHE A 32 4.14 -14.78 -2.06
N ARG A 33 5.17 -15.61 -2.14
CA ARG A 33 5.94 -15.97 -3.33
C ARG A 33 5.30 -17.13 -4.11
N GLY A 34 5.69 -17.31 -5.37
CA GLY A 34 5.22 -18.40 -6.26
C GLY A 34 3.86 -18.13 -6.93
N LYS A 35 3.19 -17.04 -6.58
CA LYS A 35 1.89 -16.61 -7.09
C LYS A 35 1.83 -15.07 -7.23
N GLN A 36 0.65 -14.52 -7.57
CA GLN A 36 0.43 -13.07 -7.67
C GLN A 36 -0.76 -12.64 -6.80
N CYS A 37 -0.86 -11.35 -6.49
CA CYS A 37 -2.04 -10.74 -5.87
C CYS A 37 -2.12 -9.25 -6.23
N ARG A 38 -3.32 -8.71 -6.43
CA ARG A 38 -3.60 -7.28 -6.45
C ARG A 38 -4.75 -6.93 -5.50
N VAL A 39 -4.57 -5.91 -4.65
CA VAL A 39 -5.62 -5.38 -3.78
C VAL A 39 -5.46 -3.86 -3.71
N ASN A 40 -6.36 -3.17 -3.01
CA ASN A 40 -6.49 -1.73 -3.08
C ASN A 40 -6.83 -1.17 -1.70
N LEU A 41 -6.03 -0.19 -1.25
CA LEU A 41 -6.21 0.50 0.01
C LEU A 41 -6.78 1.90 -0.24
N LYS A 42 -7.83 2.25 0.50
CA LYS A 42 -8.42 3.60 0.54
C LYS A 42 -8.32 4.13 1.99
N LEU A 43 -7.42 5.08 2.25
CA LEU A 43 -7.19 5.64 3.58
C LEU A 43 -7.91 6.97 3.75
N ILE A 44 -8.07 7.38 5.01
CA ILE A 44 -8.49 8.73 5.39
C ILE A 44 -7.37 9.45 6.17
N PRO A 45 -7.26 10.79 6.10
CA PRO A 45 -6.21 11.54 6.79
C PRO A 45 -6.50 11.62 8.29
N THR A 46 -5.48 11.36 9.11
CA THR A 46 -5.53 11.43 10.59
C THR A 46 -4.54 12.47 11.14
N GLY A 47 -3.40 12.65 10.49
CA GLY A 47 -2.36 13.63 10.83
C GLY A 47 -1.16 13.51 9.90
N THR A 48 0.02 13.26 10.48
CA THR A 48 1.24 12.85 9.75
C THR A 48 1.09 11.49 9.06
N GLY A 49 0.06 10.71 9.42
CA GLY A 49 -0.30 9.43 8.80
C GLY A 49 -1.73 9.39 8.24
N ALA A 50 -1.95 8.54 7.23
CA ALA A 50 -3.28 8.08 6.83
C ALA A 50 -3.72 6.87 7.70
N LEU A 51 -5.01 6.54 7.71
CA LEU A 51 -5.61 5.38 8.42
C LEU A 51 -6.57 4.62 7.52
N LEU A 52 -6.68 3.30 7.70
CA LEU A 52 -7.56 2.42 6.91
C LEU A 52 -9.04 2.84 7.02
N GLY A 53 -9.57 3.37 5.90
CA GLY A 53 -10.99 3.65 5.69
C GLY A 53 -11.69 2.45 5.05
N SER A 54 -11.08 1.87 4.01
CA SER A 54 -11.62 0.69 3.29
C SER A 54 -10.49 -0.09 2.61
N LEU A 55 -10.65 -1.41 2.47
CA LEU A 55 -9.76 -2.27 1.70
C LEU A 55 -10.58 -3.07 0.67
N THR A 56 -10.25 -2.90 -0.61
CA THR A 56 -10.86 -3.60 -1.74
C THR A 56 -9.92 -4.70 -2.22
N VAL A 57 -10.33 -5.96 -2.17
CA VAL A 57 -9.59 -7.04 -2.84
C VAL A 57 -9.94 -7.04 -4.33
N LEU A 58 -8.95 -7.08 -5.22
CA LEU A 58 -9.16 -7.09 -6.67
C LEU A 58 -9.00 -8.52 -7.21
N ASP A 59 -7.92 -9.21 -6.84
CA ASP A 59 -7.66 -10.64 -7.08
C ASP A 59 -6.38 -11.13 -6.38
N GLY A 60 -6.15 -12.43 -6.37
CA GLY A 60 -4.89 -13.06 -5.94
C GLY A 60 -5.06 -14.50 -5.48
N ASP A 61 -3.95 -15.10 -5.07
CA ASP A 61 -3.96 -16.34 -4.31
C ASP A 61 -4.21 -15.98 -2.84
N SER A 62 -5.36 -16.39 -2.32
CA SER A 62 -6.08 -15.76 -1.21
C SER A 62 -5.31 -15.70 0.12
N ARG A 63 -4.27 -16.52 0.28
CA ARG A 63 -3.33 -16.47 1.40
C ARG A 63 -2.77 -15.06 1.63
N LEU A 64 -2.54 -14.27 0.55
CA LEU A 64 -2.04 -12.89 0.66
C LEU A 64 -3.18 -11.91 0.96
N CYS A 65 -4.28 -11.92 0.20
CA CYS A 65 -5.51 -11.17 0.46
C CYS A 65 -5.98 -11.26 1.93
N ALA A 66 -6.00 -12.46 2.52
CA ALA A 66 -6.43 -12.65 3.91
C ALA A 66 -5.43 -12.04 4.92
N ALA A 67 -4.13 -12.15 4.66
CA ALA A 67 -3.06 -11.66 5.53
C ALA A 67 -2.96 -10.12 5.51
N THR A 68 -2.86 -9.51 4.32
CA THR A 68 -2.79 -8.06 4.13
C THR A 68 -4.00 -7.38 4.76
N LYS A 69 -5.20 -7.87 4.46
CA LYS A 69 -6.48 -7.34 4.94
C LYS A 69 -6.46 -7.17 6.46
N ARG A 70 -6.00 -8.20 7.16
CA ARG A 70 -5.86 -8.20 8.64
C ARG A 70 -4.76 -7.24 9.13
N ALA A 71 -3.58 -7.23 8.49
CA ALA A 71 -2.48 -6.31 8.82
C ALA A 71 -2.93 -4.84 8.67
N VAL A 72 -3.56 -4.47 7.56
CA VAL A 72 -4.01 -3.10 7.29
C VAL A 72 -5.14 -2.66 8.22
N ALA A 73 -5.86 -3.63 8.79
CA ALA A 73 -6.89 -3.37 9.80
C ALA A 73 -6.29 -3.15 11.22
N GLN A 74 -4.98 -3.36 11.40
CA GLN A 74 -4.33 -3.30 12.72
C GLN A 74 -3.04 -2.44 12.74
N VAL A 75 -2.51 -2.04 11.57
CA VAL A 75 -1.39 -1.08 11.46
C VAL A 75 -1.68 0.26 12.16
N ASN A 76 -0.64 0.89 12.70
CA ASN A 76 -0.75 2.12 13.48
C ASN A 76 -1.23 3.33 12.66
N SER A 77 -0.59 3.58 11.49
CA SER A 77 -0.76 4.74 10.59
C SER A 77 0.36 4.76 9.54
N PHE A 78 0.07 5.24 8.33
CA PHE A 78 0.99 5.23 7.19
C PHE A 78 1.66 6.60 7.01
N PRO A 79 2.94 6.81 7.40
CA PRO A 79 3.53 8.15 7.44
C PRO A 79 3.75 8.71 6.03
N LEU A 80 3.27 9.93 5.78
CA LEU A 80 3.47 10.69 4.54
C LEU A 80 4.42 11.89 4.79
N PRO A 81 5.46 12.10 3.94
CA PRO A 81 6.51 13.09 4.20
C PRO A 81 6.05 14.53 3.93
N LYS A 82 5.49 14.80 2.74
CA LYS A 82 4.78 16.03 2.42
C LYS A 82 3.31 15.93 2.90
N ASP A 83 2.72 17.08 3.26
CA ASP A 83 1.45 17.18 3.98
C ASP A 83 0.42 18.10 3.30
N GLN A 84 0.57 18.35 1.99
CA GLN A 84 -0.31 19.23 1.24
C GLN A 84 -1.51 18.43 0.69
N PRO A 85 -2.71 19.02 0.60
CA PRO A 85 -3.87 18.40 -0.04
C PRO A 85 -3.58 17.81 -1.44
N ASP A 86 -2.56 18.28 -2.15
CA ASP A 86 -2.23 17.83 -3.51
C ASP A 86 -1.48 16.50 -3.52
N VAL A 87 -0.79 16.18 -2.44
CA VAL A 87 -0.15 14.87 -2.22
C VAL A 87 -1.02 13.96 -1.34
N VAL A 88 -1.75 14.51 -0.36
CA VAL A 88 -2.62 13.77 0.56
C VAL A 88 -3.71 13.00 -0.21
N GLU A 89 -4.16 13.57 -1.34
CA GLU A 89 -5.19 12.99 -2.20
C GLU A 89 -4.66 11.88 -3.12
N LYS A 90 -3.33 11.72 -3.25
CA LYS A 90 -2.70 10.82 -4.23
C LYS A 90 -2.18 9.52 -3.61
N LEU A 91 -1.71 9.60 -2.37
CA LEU A 91 -1.24 8.43 -1.60
C LEU A 91 -2.38 7.67 -0.92
N LYS A 92 -3.53 8.31 -0.70
CA LYS A 92 -4.65 7.71 0.05
C LYS A 92 -5.33 6.55 -0.70
N ASN A 93 -5.23 6.51 -2.02
CA ASN A 93 -5.91 5.53 -2.87
C ASN A 93 -4.91 4.80 -3.75
N ILE A 94 -4.29 3.74 -3.20
CA ILE A 94 -3.28 2.92 -3.87
C ILE A 94 -3.81 1.54 -4.22
N ASN A 95 -3.15 0.88 -5.17
CA ASN A 95 -3.24 -0.56 -5.35
C ASN A 95 -1.90 -1.19 -4.96
N LEU A 96 -1.94 -2.18 -4.06
CA LEU A 96 -0.81 -3.06 -3.77
C LEU A 96 -0.89 -4.26 -4.71
N THR A 97 0.15 -4.48 -5.51
CA THR A 97 0.21 -5.53 -6.52
C THR A 97 1.55 -6.26 -6.42
N VAL A 98 1.47 -7.58 -6.37
CA VAL A 98 2.53 -8.54 -6.09
C VAL A 98 2.51 -9.58 -7.21
N ALA A 99 3.69 -10.03 -7.66
CA ALA A 99 3.90 -10.94 -8.79
C ALA A 99 5.31 -11.56 -8.99
N PRO A 100 6.45 -10.88 -8.71
CA PRO A 100 7.77 -11.41 -9.05
C PRO A 100 8.21 -12.53 -8.08
N GLU A 101 9.21 -13.32 -8.51
CA GLU A 101 9.67 -14.52 -7.80
C GLU A 101 11.16 -14.78 -8.11
N ALA A 1 19.21 17.37 -11.39
CA ALA A 1 17.77 17.57 -11.32
C ALA A 1 17.16 17.01 -12.61
N ALA A 2 15.92 16.54 -12.54
CA ALA A 2 15.25 15.88 -13.66
C ALA A 2 13.73 15.85 -13.47
N ARG A 3 13.05 16.26 -14.54
CA ARG A 3 11.60 16.52 -14.60
C ARG A 3 10.98 15.93 -15.88
N GLN A 4 11.71 15.04 -16.53
CA GLN A 4 11.36 14.42 -17.82
C GLN A 4 10.51 13.15 -17.63
N GLN A 5 10.73 12.40 -16.54
CA GLN A 5 10.10 11.07 -16.31
C GLN A 5 10.17 10.61 -14.85
N PHE A 6 10.49 11.51 -13.91
CA PHE A 6 10.80 11.21 -12.51
C PHE A 6 9.64 10.57 -11.70
N VAL A 7 8.42 10.60 -12.22
CA VAL A 7 7.19 10.11 -11.58
C VAL A 7 7.25 8.64 -11.18
N THR A 8 8.07 7.84 -11.89
CA THR A 8 8.39 6.46 -11.53
C THR A 8 8.98 6.33 -10.12
N SER A 9 9.77 7.30 -9.68
CA SER A 9 10.32 7.34 -8.32
C SER A 9 9.28 7.77 -7.28
N GLU A 10 8.24 8.52 -7.68
CA GLU A 10 7.08 8.75 -6.81
C GLU A 10 6.28 7.45 -6.59
N VAL A 11 6.18 6.55 -7.57
CA VAL A 11 5.53 5.23 -7.38
C VAL A 11 6.32 4.37 -6.39
N GLY A 12 7.64 4.58 -6.30
CA GLY A 12 8.54 3.99 -5.30
C GLY A 12 8.42 4.59 -3.88
N ARG A 13 7.49 5.53 -3.68
CA ARG A 13 7.15 6.14 -2.37
C ARG A 13 5.65 6.00 -2.09
N TYR A 14 4.79 6.63 -2.87
CA TYR A 14 3.36 6.88 -2.63
C TYR A 14 2.47 5.64 -2.44
N GLY A 15 2.95 4.47 -2.88
CA GLY A 15 2.42 3.13 -2.59
C GLY A 15 3.36 2.25 -1.75
N ALA A 16 4.62 2.64 -1.61
CA ALA A 16 5.65 1.93 -0.84
C ALA A 16 5.49 2.16 0.66
N ILE A 17 5.05 3.35 1.06
CA ILE A 17 4.80 3.68 2.48
C ILE A 17 3.74 2.75 3.12
N TYR A 18 2.84 2.24 2.28
CA TYR A 18 1.83 1.26 2.63
C TYR A 18 2.40 -0.15 2.66
N THR A 19 2.95 -0.62 1.52
CA THR A 19 3.42 -1.99 1.31
C THR A 19 4.52 -2.38 2.31
N GLN A 20 5.36 -1.43 2.69
CA GLN A 20 6.44 -1.63 3.65
C GLN A 20 5.88 -1.75 5.06
N LEU A 21 4.88 -0.93 5.44
CA LEU A 21 4.27 -1.01 6.77
C LEU A 21 3.44 -2.28 6.92
N ILE A 22 2.83 -2.79 5.85
CA ILE A 22 2.06 -4.05 5.87
C ILE A 22 2.98 -5.25 6.06
N ARG A 23 4.03 -5.36 5.25
CA ARG A 23 4.95 -6.52 5.28
C ARG A 23 5.76 -6.59 6.58
N GLN A 24 5.89 -5.47 7.30
CA GLN A 24 6.46 -5.46 8.67
C GLN A 24 5.68 -6.40 9.60
N ASN A 25 4.36 -6.49 9.41
CA ASN A 25 3.53 -7.36 10.26
C ASN A 25 3.62 -8.85 9.87
N LEU A 26 3.80 -9.12 8.58
CA LEU A 26 3.50 -10.41 7.97
C LEU A 26 4.78 -11.16 7.62
N LEU A 27 5.02 -12.22 8.39
CA LEU A 27 6.24 -13.05 8.36
C LEU A 27 6.11 -14.33 7.51
N VAL A 28 5.21 -14.31 6.54
CA VAL A 28 4.76 -15.51 5.81
C VAL A 28 5.79 -15.93 4.75
N GLU A 29 6.02 -15.08 3.74
CA GLU A 29 7.07 -15.17 2.71
C GLU A 29 6.82 -16.29 1.67
N ASP A 30 6.90 -17.55 2.09
CA ASP A 30 6.82 -18.74 1.22
C ASP A 30 5.44 -18.89 0.55
N SER A 31 4.38 -18.40 1.20
CA SER A 31 3.02 -18.35 0.64
C SER A 31 2.64 -16.96 0.09
N PHE A 32 3.57 -16.00 0.03
CA PHE A 32 3.45 -14.73 -0.69
C PHE A 32 4.18 -14.75 -2.05
N ARG A 33 5.24 -15.57 -2.16
CA ARG A 33 6.09 -15.72 -3.35
C ARG A 33 5.55 -16.81 -4.30
N GLY A 34 6.02 -16.78 -5.56
CA GLY A 34 5.70 -17.79 -6.60
C GLY A 34 4.34 -17.61 -7.27
N LYS A 35 3.40 -16.95 -6.61
CA LYS A 35 2.09 -16.51 -7.12
C LYS A 35 2.03 -14.97 -7.26
N GLN A 36 0.85 -14.41 -7.52
CA GLN A 36 0.61 -12.96 -7.62
C GLN A 36 -0.61 -12.56 -6.77
N CYS A 37 -0.78 -11.26 -6.52
CA CYS A 37 -1.99 -10.69 -5.92
C CYS A 37 -2.08 -9.20 -6.25
N ARG A 38 -3.31 -8.68 -6.44
CA ARG A 38 -3.63 -7.26 -6.46
C ARG A 38 -4.83 -6.95 -5.53
N VAL A 39 -4.67 -5.96 -4.66
CA VAL A 39 -5.74 -5.44 -3.79
C VAL A 39 -5.57 -3.93 -3.69
N ASN A 40 -6.53 -3.21 -3.13
CA ASN A 40 -6.55 -1.76 -3.15
C ASN A 40 -6.97 -1.17 -1.79
N LEU A 41 -6.20 -0.20 -1.32
CA LEU A 41 -6.43 0.49 -0.06
C LEU A 41 -6.99 1.89 -0.32
N LYS A 42 -8.09 2.22 0.35
CA LYS A 42 -8.62 3.58 0.45
C LYS A 42 -8.48 4.10 1.89
N LEU A 43 -7.58 5.08 2.12
CA LEU A 43 -7.34 5.64 3.45
C LEU A 43 -8.08 6.97 3.65
N ILE A 44 -8.28 7.32 4.91
CA ILE A 44 -8.73 8.65 5.37
C ILE A 44 -7.52 9.48 5.83
N PRO A 45 -7.56 10.83 5.72
CA PRO A 45 -6.46 11.69 6.16
C PRO A 45 -6.44 11.82 7.69
N THR A 46 -5.22 12.03 8.22
CA THR A 46 -4.88 12.21 9.64
C THR A 46 -3.45 12.73 9.72
N GLY A 47 -3.15 13.60 10.69
CA GLY A 47 -1.92 14.42 10.70
C GLY A 47 -0.61 13.64 10.92
N THR A 48 -0.68 12.44 11.52
CA THR A 48 0.46 11.51 11.71
C THR A 48 0.63 10.52 10.55
N GLY A 49 -0.33 10.45 9.63
CA GLY A 49 -0.41 9.45 8.56
C GLY A 49 -1.84 9.04 8.24
N ALA A 50 -2.09 8.52 7.03
CA ALA A 50 -3.41 8.06 6.62
C ALA A 50 -3.86 6.86 7.49
N LEU A 51 -5.17 6.57 7.51
CA LEU A 51 -5.78 5.47 8.28
C LEU A 51 -6.73 4.65 7.41
N LEU A 52 -6.79 3.33 7.62
CA LEU A 52 -7.66 2.43 6.84
C LEU A 52 -9.15 2.79 6.94
N GLY A 53 -9.70 3.30 5.83
CA GLY A 53 -11.12 3.61 5.63
C GLY A 53 -11.86 2.47 4.93
N SER A 54 -11.23 1.80 3.96
CA SER A 54 -11.76 0.62 3.26
C SER A 54 -10.64 -0.16 2.54
N LEU A 55 -10.81 -1.48 2.42
CA LEU A 55 -9.90 -2.37 1.68
C LEU A 55 -10.72 -3.22 0.70
N THR A 56 -10.33 -3.16 -0.58
CA THR A 56 -10.95 -3.87 -1.72
C THR A 56 -9.98 -4.93 -2.19
N VAL A 57 -10.40 -6.20 -2.32
CA VAL A 57 -9.62 -7.22 -3.03
C VAL A 57 -9.98 -7.22 -4.52
N LEU A 58 -8.99 -7.24 -5.41
CA LEU A 58 -9.22 -7.26 -6.87
C LEU A 58 -8.96 -8.67 -7.43
N ASP A 59 -7.85 -9.31 -7.03
CA ASP A 59 -7.54 -10.73 -7.28
C ASP A 59 -6.29 -11.19 -6.52
N GLY A 60 -6.04 -12.50 -6.49
CA GLY A 60 -4.80 -13.11 -6.02
C GLY A 60 -4.96 -14.54 -5.56
N ASP A 61 -3.86 -15.12 -5.10
CA ASP A 61 -3.87 -16.38 -4.36
C ASP A 61 -4.13 -16.04 -2.89
N SER A 62 -5.27 -16.50 -2.38
CA SER A 62 -6.03 -15.87 -1.29
C SER A 62 -5.27 -15.73 0.04
N ARG A 63 -4.22 -16.53 0.26
CA ARG A 63 -3.39 -16.45 1.46
C ARG A 63 -2.76 -15.06 1.69
N LEU A 64 -2.48 -14.27 0.62
CA LEU A 64 -2.00 -12.90 0.80
C LEU A 64 -3.16 -11.94 1.10
N CYS A 65 -4.26 -11.96 0.34
CA CYS A 65 -5.52 -11.26 0.64
C CYS A 65 -5.94 -11.42 2.12
N ALA A 66 -5.93 -12.66 2.64
CA ALA A 66 -6.29 -13.00 4.02
C ALA A 66 -5.31 -12.47 5.09
N ALA A 67 -4.05 -12.18 4.72
CA ALA A 67 -3.02 -11.69 5.61
C ALA A 67 -2.93 -10.15 5.60
N THR A 68 -2.82 -9.54 4.41
CA THR A 68 -2.73 -8.08 4.23
C THR A 68 -3.92 -7.38 4.85
N LYS A 69 -5.13 -7.86 4.57
CA LYS A 69 -6.41 -7.37 5.09
C LYS A 69 -6.36 -7.14 6.60
N ARG A 70 -5.82 -8.14 7.32
CA ARG A 70 -5.66 -8.10 8.77
C ARG A 70 -4.59 -7.11 9.21
N ALA A 71 -3.43 -7.06 8.53
CA ALA A 71 -2.35 -6.09 8.79
C ALA A 71 -2.85 -4.65 8.64
N VAL A 72 -3.50 -4.32 7.52
CA VAL A 72 -4.00 -2.96 7.23
C VAL A 72 -5.11 -2.53 8.20
N ALA A 73 -5.79 -3.49 8.81
CA ALA A 73 -6.81 -3.26 9.84
C ALA A 73 -6.19 -3.03 11.23
N GLN A 74 -4.88 -3.22 11.41
CA GLN A 74 -4.19 -3.13 12.71
C GLN A 74 -2.95 -2.22 12.69
N VAL A 75 -2.43 -1.83 11.52
CA VAL A 75 -1.34 -0.85 11.38
C VAL A 75 -1.69 0.51 12.01
N ASN A 76 -0.67 1.17 12.58
CA ASN A 76 -0.86 2.39 13.38
C ASN A 76 -1.29 3.61 12.56
N SER A 77 -0.68 3.82 11.39
CA SER A 77 -0.84 4.97 10.48
C SER A 77 0.28 4.98 9.43
N PHE A 78 -0.04 5.32 8.18
CA PHE A 78 0.90 5.29 7.05
C PHE A 78 1.64 6.63 6.93
N PRO A 79 2.97 6.71 7.18
CA PRO A 79 3.67 7.97 7.25
C PRO A 79 3.91 8.56 5.85
N LEU A 80 3.50 9.81 5.64
CA LEU A 80 3.52 10.46 4.34
C LEU A 80 4.97 10.85 3.92
N PRO A 81 5.35 10.72 2.62
CA PRO A 81 6.65 11.15 2.14
C PRO A 81 6.72 12.69 2.07
N LYS A 82 5.66 13.32 1.56
CA LYS A 82 5.32 14.74 1.75
C LYS A 82 3.90 14.85 2.36
N ASP A 83 3.65 15.91 3.13
CA ASP A 83 2.50 16.06 4.03
C ASP A 83 1.42 17.06 3.56
N GLN A 84 1.49 17.55 2.32
CA GLN A 84 0.66 18.64 1.85
C GLN A 84 -0.73 18.10 1.46
N PRO A 85 -1.82 18.86 1.69
CA PRO A 85 -3.18 18.44 1.33
C PRO A 85 -3.39 18.25 -0.19
N ASP A 86 -2.40 18.58 -1.03
CA ASP A 86 -2.39 18.25 -2.45
C ASP A 86 -1.85 16.84 -2.74
N VAL A 87 -0.89 16.35 -1.94
CA VAL A 87 -0.26 15.02 -2.09
C VAL A 87 -0.87 13.97 -1.18
N VAL A 88 -1.47 14.36 -0.05
CA VAL A 88 -2.26 13.46 0.82
C VAL A 88 -3.44 12.86 0.03
N GLU A 89 -3.89 13.55 -1.02
CA GLU A 89 -4.96 13.13 -1.92
C GLU A 89 -4.51 12.07 -2.96
N LYS A 90 -3.21 11.83 -3.10
CA LYS A 90 -2.63 10.91 -4.10
C LYS A 90 -2.24 9.56 -3.50
N LEU A 91 -1.72 9.59 -2.28
CA LEU A 91 -1.30 8.41 -1.51
C LEU A 91 -2.49 7.64 -0.91
N LYS A 92 -3.63 8.30 -0.69
CA LYS A 92 -4.79 7.71 -0.01
C LYS A 92 -5.45 6.58 -0.78
N ASN A 93 -5.29 6.53 -2.10
CA ASN A 93 -5.92 5.53 -2.97
C ASN A 93 -4.85 4.78 -3.79
N ILE A 94 -4.36 3.66 -3.26
CA ILE A 94 -3.32 2.83 -3.89
C ILE A 94 -3.78 1.41 -4.18
N ASN A 95 -3.15 0.76 -5.16
CA ASN A 95 -3.11 -0.69 -5.21
C ASN A 95 -1.85 -1.21 -4.48
N LEU A 96 -2.02 -2.26 -3.67
CA LEU A 96 -0.94 -3.20 -3.37
C LEU A 96 -1.02 -4.32 -4.41
N THR A 97 0.00 -4.43 -5.27
CA THR A 97 0.08 -5.41 -6.36
C THR A 97 1.46 -6.04 -6.36
N VAL A 98 1.49 -7.38 -6.36
CA VAL A 98 2.68 -8.21 -6.20
C VAL A 98 2.69 -9.36 -7.21
N ALA A 99 3.89 -9.88 -7.50
CA ALA A 99 4.17 -10.96 -8.45
C ALA A 99 5.58 -11.55 -8.22
N PRO A 100 5.96 -12.71 -8.83
CA PRO A 100 7.23 -13.38 -8.58
C PRO A 100 8.48 -12.54 -8.93
N GLU A 101 8.38 -11.65 -9.94
CA GLU A 101 9.45 -10.72 -10.32
C GLU A 101 9.46 -9.53 -9.35
N ALA A 1 18.43 16.20 -13.40
CA ALA A 1 17.49 17.34 -13.34
C ALA A 1 16.40 17.16 -14.42
N ALA A 2 15.13 17.21 -14.03
CA ALA A 2 13.99 16.99 -14.93
C ALA A 2 12.66 17.56 -14.42
N ARG A 3 11.96 16.83 -13.54
CA ARG A 3 10.70 17.19 -12.86
C ARG A 3 9.45 17.10 -13.76
N GLN A 4 9.58 16.50 -14.95
CA GLN A 4 8.48 16.39 -15.94
C GLN A 4 7.74 15.05 -15.87
N GLN A 5 8.36 14.03 -15.26
CA GLN A 5 7.94 12.62 -15.27
C GLN A 5 8.24 11.89 -13.94
N PHE A 6 9.04 12.48 -13.05
CA PHE A 6 9.63 11.85 -11.87
C PHE A 6 8.64 11.22 -10.87
N VAL A 7 7.36 11.57 -10.97
CA VAL A 7 6.25 10.97 -10.20
C VAL A 7 6.19 9.44 -10.30
N THR A 8 6.71 8.87 -11.40
CA THR A 8 6.91 7.42 -11.53
C THR A 8 7.85 6.87 -10.47
N SER A 9 9.00 7.49 -10.24
CA SER A 9 9.94 7.13 -9.18
C SER A 9 9.34 7.33 -7.79
N GLU A 10 8.45 8.32 -7.62
CA GLU A 10 7.68 8.51 -6.39
C GLU A 10 6.70 7.35 -6.12
N VAL A 11 6.25 6.57 -7.11
CA VAL A 11 5.42 5.37 -6.86
C VAL A 11 6.19 4.34 -6.01
N GLY A 12 7.52 4.34 -6.11
CA GLY A 12 8.41 3.51 -5.28
C GLY A 12 8.45 3.91 -3.80
N ARG A 13 7.88 5.08 -3.44
CA ARG A 13 7.56 5.48 -2.06
C ARG A 13 6.05 5.40 -1.77
N TYR A 14 5.22 6.09 -2.57
CA TYR A 14 3.82 6.44 -2.25
C TYR A 14 2.94 5.27 -1.85
N GLY A 15 3.03 4.15 -2.57
CA GLY A 15 2.41 2.87 -2.24
C GLY A 15 3.26 1.97 -1.34
N ALA A 16 4.56 2.23 -1.24
CA ALA A 16 5.51 1.46 -0.45
C ALA A 16 5.37 1.78 1.04
N ILE A 17 5.02 3.02 1.42
CA ILE A 17 4.81 3.39 2.83
C ILE A 17 3.69 2.57 3.48
N TYR A 18 2.77 2.07 2.67
CA TYR A 18 1.70 1.17 3.08
C TYR A 18 2.25 -0.27 3.16
N THR A 19 2.75 -0.80 2.03
CA THR A 19 3.16 -2.22 1.88
C THR A 19 4.29 -2.59 2.84
N GLN A 20 5.21 -1.67 3.09
CA GLN A 20 6.35 -1.86 3.98
C GLN A 20 5.92 -1.85 5.46
N LEU A 21 4.84 -1.17 5.82
CA LEU A 21 4.28 -1.24 7.18
C LEU A 21 3.46 -2.52 7.38
N ILE A 22 2.81 -3.03 6.34
CA ILE A 22 1.98 -4.24 6.38
C ILE A 22 2.85 -5.48 6.58
N ARG A 23 3.97 -5.55 5.88
CA ARG A 23 4.90 -6.70 5.91
C ARG A 23 5.68 -6.80 7.21
N GLN A 24 5.69 -5.73 8.01
CA GLN A 24 6.11 -5.79 9.41
C GLN A 24 5.32 -6.85 10.17
N ASN A 25 4.02 -6.96 9.87
CA ASN A 25 3.16 -7.95 10.54
C ASN A 25 3.30 -9.36 9.95
N LEU A 26 3.46 -9.44 8.62
CA LEU A 26 3.22 -10.64 7.84
C LEU A 26 4.52 -11.32 7.43
N LEU A 27 4.85 -12.35 8.19
CA LEU A 27 6.12 -13.08 8.12
C LEU A 27 6.13 -14.19 7.05
N VAL A 28 5.35 -14.02 5.97
CA VAL A 28 5.00 -15.10 5.03
C VAL A 28 6.03 -15.24 3.90
N GLU A 29 6.52 -14.11 3.36
CA GLU A 29 7.71 -14.00 2.51
C GLU A 29 7.60 -14.84 1.22
N ASP A 30 8.19 -16.04 1.17
CA ASP A 30 8.27 -16.89 -0.02
C ASP A 30 6.89 -17.33 -0.56
N SER A 31 5.86 -17.35 0.29
CA SER A 31 4.47 -17.64 -0.12
C SER A 31 3.63 -16.39 -0.46
N PHE A 32 4.22 -15.19 -0.40
CA PHE A 32 3.78 -13.98 -1.12
C PHE A 32 4.44 -13.91 -2.52
N ARG A 33 5.59 -14.57 -2.69
CA ARG A 33 6.31 -14.76 -3.96
C ARG A 33 5.77 -16.00 -4.71
N GLY A 34 6.21 -16.17 -5.96
CA GLY A 34 5.82 -17.30 -6.85
C GLY A 34 4.42 -17.17 -7.49
N LYS A 35 3.63 -16.19 -7.06
CA LYS A 35 2.28 -15.86 -7.52
C LYS A 35 2.07 -14.34 -7.54
N GLN A 36 0.86 -13.88 -7.88
CA GLN A 36 0.54 -12.45 -7.92
C GLN A 36 -0.67 -12.14 -7.00
N CYS A 37 -0.84 -10.88 -6.63
CA CYS A 37 -2.04 -10.36 -5.98
C CYS A 37 -2.16 -8.85 -6.24
N ARG A 38 -3.38 -8.36 -6.47
CA ARG A 38 -3.73 -6.93 -6.48
C ARG A 38 -4.85 -6.65 -5.48
N VAL A 39 -4.70 -5.62 -4.65
CA VAL A 39 -5.74 -5.13 -3.74
C VAL A 39 -5.64 -3.60 -3.69
N ASN A 40 -6.60 -2.92 -3.09
CA ASN A 40 -6.63 -1.47 -3.03
C ASN A 40 -6.98 -0.96 -1.63
N LEU A 41 -6.19 0.00 -1.14
CA LEU A 41 -6.38 0.63 0.16
C LEU A 41 -7.00 2.02 -0.02
N LYS A 42 -8.02 2.33 0.77
CA LYS A 42 -8.62 3.67 0.91
C LYS A 42 -8.40 4.18 2.33
N LEU A 43 -7.49 5.16 2.52
CA LEU A 43 -7.18 5.73 3.83
C LEU A 43 -7.90 7.06 4.06
N ILE A 44 -8.04 7.42 5.33
CA ILE A 44 -8.48 8.74 5.80
C ILE A 44 -7.27 9.57 6.27
N PRO A 45 -7.27 10.91 6.13
CA PRO A 45 -6.19 11.76 6.61
C PRO A 45 -6.20 11.84 8.15
N THR A 46 -5.01 11.83 8.75
CA THR A 46 -4.77 11.80 10.21
C THR A 46 -3.71 12.85 10.58
N GLY A 47 -3.71 13.29 11.84
CA GLY A 47 -2.73 14.29 12.35
C GLY A 47 -1.27 13.83 12.22
N THR A 48 -1.04 12.50 12.23
CA THR A 48 0.18 11.83 11.75
C THR A 48 -0.22 10.69 10.82
N GLY A 49 -0.05 10.90 9.51
CA GLY A 49 -0.16 9.88 8.46
C GLY A 49 -1.56 9.77 7.82
N ALA A 50 -1.85 8.62 7.20
CA ALA A 50 -3.20 8.18 6.87
C ALA A 50 -3.58 6.96 7.74
N LEU A 51 -4.88 6.65 7.83
CA LEU A 51 -5.46 5.53 8.61
C LEU A 51 -6.43 4.72 7.75
N LEU A 52 -6.51 3.41 7.95
CA LEU A 52 -7.43 2.54 7.18
C LEU A 52 -8.90 2.96 7.33
N GLY A 53 -9.48 3.44 6.23
CA GLY A 53 -10.91 3.75 6.08
C GLY A 53 -11.68 2.61 5.44
N SER A 54 -11.07 1.91 4.48
CA SER A 54 -11.61 0.72 3.81
C SER A 54 -10.52 -0.01 3.01
N LEU A 55 -10.69 -1.33 2.82
CA LEU A 55 -9.83 -2.16 1.96
C LEU A 55 -10.70 -2.95 0.97
N THR A 56 -10.31 -2.91 -0.30
CA THR A 56 -10.95 -3.62 -1.43
C THR A 56 -9.97 -4.68 -1.91
N VAL A 57 -10.37 -5.96 -1.94
CA VAL A 57 -9.60 -7.01 -2.63
C VAL A 57 -10.02 -7.03 -4.10
N LEU A 58 -9.06 -7.02 -5.03
CA LEU A 58 -9.31 -7.03 -6.47
C LEU A 58 -9.10 -8.45 -7.02
N ASP A 59 -7.97 -9.10 -6.72
CA ASP A 59 -7.67 -10.51 -7.02
C ASP A 59 -6.33 -10.96 -6.39
N GLY A 60 -6.08 -12.26 -6.33
CA GLY A 60 -4.78 -12.84 -6.00
C GLY A 60 -4.83 -14.31 -5.61
N ASP A 61 -3.65 -14.87 -5.31
CA ASP A 61 -3.54 -16.18 -4.69
C ASP A 61 -3.74 -16.02 -3.18
N SER A 62 -4.77 -16.69 -2.65
CA SER A 62 -5.62 -16.21 -1.55
C SER A 62 -4.88 -15.79 -0.27
N ARG A 63 -3.75 -16.43 0.04
CA ARG A 63 -2.95 -16.16 1.23
C ARG A 63 -2.54 -14.68 1.34
N LEU A 64 -2.27 -13.97 0.24
CA LEU A 64 -1.78 -12.58 0.30
C LEU A 64 -2.92 -11.59 0.58
N CYS A 65 -3.97 -11.55 -0.24
CA CYS A 65 -5.19 -10.77 0.03
C CYS A 65 -5.85 -11.09 1.38
N ALA A 66 -5.80 -12.34 1.87
CA ALA A 66 -6.30 -12.69 3.20
C ALA A 66 -5.42 -12.15 4.36
N ALA A 67 -4.10 -12.09 4.16
CA ALA A 67 -3.14 -11.63 5.17
C ALA A 67 -3.09 -10.10 5.28
N THR A 68 -2.90 -9.39 4.16
CA THR A 68 -2.82 -7.92 4.10
C THR A 68 -4.07 -7.27 4.68
N LYS A 69 -5.24 -7.77 4.29
CA LYS A 69 -6.56 -7.34 4.74
C LYS A 69 -6.62 -7.19 6.27
N ARG A 70 -6.08 -8.19 6.99
CA ARG A 70 -6.02 -8.21 8.45
C ARG A 70 -4.94 -7.29 9.02
N ALA A 71 -3.74 -7.26 8.43
CA ALA A 71 -2.64 -6.38 8.83
C ALA A 71 -3.01 -4.89 8.72
N VAL A 72 -3.59 -4.47 7.61
CA VAL A 72 -4.00 -3.07 7.35
C VAL A 72 -5.13 -2.63 8.31
N ALA A 73 -5.90 -3.61 8.80
CA ALA A 73 -6.96 -3.37 9.79
C ALA A 73 -6.40 -3.21 11.23
N GLN A 74 -5.09 -3.43 11.43
CA GLN A 74 -4.47 -3.43 12.76
C GLN A 74 -3.17 -2.60 12.84
N VAL A 75 -2.58 -2.19 11.71
CA VAL A 75 -1.47 -1.22 11.67
C VAL A 75 -1.80 0.13 12.32
N ASN A 76 -0.79 0.82 12.86
CA ASN A 76 -0.97 2.06 13.63
C ASN A 76 -1.31 3.28 12.75
N SER A 77 -0.56 3.51 11.67
CA SER A 77 -0.60 4.71 10.80
C SER A 77 0.51 4.68 9.75
N PHE A 78 0.19 5.17 8.53
CA PHE A 78 1.11 5.19 7.39
C PHE A 78 1.78 6.57 7.27
N PRO A 79 3.11 6.71 7.48
CA PRO A 79 3.79 8.00 7.45
C PRO A 79 4.05 8.43 6.00
N LEU A 80 3.64 9.65 5.63
CA LEU A 80 3.68 10.14 4.26
C LEU A 80 5.06 10.70 3.87
N PRO A 81 5.51 10.56 2.60
CA PRO A 81 6.72 11.18 2.11
C PRO A 81 6.55 12.70 1.87
N LYS A 82 5.32 13.13 1.55
CA LYS A 82 4.91 14.53 1.38
C LYS A 82 3.51 14.77 1.96
N ASP A 83 3.17 16.01 2.31
CA ASP A 83 1.99 16.37 3.12
C ASP A 83 1.13 17.50 2.49
N GLN A 84 1.23 17.74 1.18
CA GLN A 84 0.43 18.77 0.51
C GLN A 84 -0.93 18.19 0.10
N PRO A 85 -2.03 18.96 0.22
CA PRO A 85 -3.38 18.48 -0.10
C PRO A 85 -3.57 18.08 -1.58
N ASP A 86 -2.57 18.30 -2.45
CA ASP A 86 -2.59 17.79 -3.82
C ASP A 86 -2.09 16.34 -3.91
N VAL A 87 -1.10 15.96 -3.08
CA VAL A 87 -0.47 14.63 -3.09
C VAL A 87 -1.00 13.72 -1.99
N VAL A 88 -1.53 14.27 -0.89
CA VAL A 88 -2.31 13.52 0.11
C VAL A 88 -3.49 12.79 -0.56
N GLU A 89 -3.99 13.34 -1.67
CA GLU A 89 -5.10 12.79 -2.46
C GLU A 89 -4.69 11.64 -3.39
N LYS A 90 -3.39 11.37 -3.54
CA LYS A 90 -2.86 10.23 -4.33
C LYS A 90 -2.63 9.03 -3.44
N LEU A 91 -1.84 9.23 -2.38
CA LEU A 91 -1.44 8.20 -1.43
C LEU A 91 -2.61 7.62 -0.64
N LYS A 92 -3.73 8.32 -0.49
CA LYS A 92 -4.90 7.81 0.23
C LYS A 92 -5.65 6.71 -0.54
N ASN A 93 -5.54 6.68 -1.86
CA ASN A 93 -6.16 5.67 -2.74
C ASN A 93 -5.09 4.98 -3.60
N ILE A 94 -4.43 3.96 -3.04
CA ILE A 94 -3.43 3.15 -3.73
C ILE A 94 -3.95 1.76 -4.09
N ASN A 95 -3.43 1.21 -5.18
CA ASN A 95 -3.45 -0.23 -5.39
C ASN A 95 -2.10 -0.81 -4.91
N LEU A 96 -2.15 -1.81 -4.02
CA LEU A 96 -1.02 -2.68 -3.74
C LEU A 96 -1.10 -3.87 -4.71
N THR A 97 -0.10 -3.98 -5.59
CA THR A 97 -0.03 -5.01 -6.63
C THR A 97 1.34 -5.65 -6.62
N VAL A 98 1.36 -6.97 -6.49
CA VAL A 98 2.49 -7.85 -6.32
C VAL A 98 2.45 -8.87 -7.47
N ALA A 99 3.63 -9.20 -8.03
CA ALA A 99 3.79 -10.11 -9.17
C ALA A 99 5.28 -10.51 -9.36
N PRO A 100 5.58 -11.71 -9.92
CA PRO A 100 6.93 -12.12 -10.26
C PRO A 100 7.41 -11.47 -11.56
N GLU A 101 8.73 -11.40 -11.75
CA GLU A 101 9.36 -10.93 -12.99
C GLU A 101 9.40 -12.05 -14.05
N ALA A 1 15.68 17.79 -15.57
CA ALA A 1 14.45 18.52 -15.26
C ALA A 1 13.43 18.30 -16.38
N ALA A 2 12.16 18.05 -16.02
CA ALA A 2 11.12 17.64 -16.95
C ALA A 2 9.71 17.82 -16.35
N ARG A 3 9.39 17.05 -15.29
CA ARG A 3 8.20 17.14 -14.45
C ARG A 3 6.89 16.67 -15.13
N GLN A 4 6.99 15.99 -16.28
CA GLN A 4 5.83 15.54 -17.07
C GLN A 4 5.44 14.09 -16.79
N GLN A 5 6.37 13.28 -16.28
CA GLN A 5 6.31 11.82 -16.21
C GLN A 5 6.89 11.24 -14.92
N PHE A 6 7.80 11.97 -14.25
CA PHE A 6 8.58 11.52 -13.09
C PHE A 6 7.74 11.07 -11.88
N VAL A 7 6.45 11.40 -11.87
CA VAL A 7 5.45 10.91 -10.90
C VAL A 7 5.40 9.38 -10.82
N THR A 8 5.75 8.68 -11.90
CA THR A 8 5.94 7.21 -11.91
C THR A 8 6.97 6.74 -10.89
N SER A 9 8.01 7.54 -10.63
CA SER A 9 9.04 7.27 -9.62
C SER A 9 8.59 7.67 -8.21
N GLU A 10 7.70 8.65 -8.08
CA GLU A 10 6.99 8.93 -6.83
C GLU A 10 6.04 7.77 -6.48
N VAL A 11 5.37 7.15 -7.46
CA VAL A 11 4.46 6.01 -7.22
C VAL A 11 5.21 4.80 -6.65
N GLY A 12 6.50 4.68 -7.01
CA GLY A 12 7.42 3.69 -6.46
C GLY A 12 7.75 3.89 -4.98
N ARG A 13 7.52 5.10 -4.41
CA ARG A 13 7.64 5.39 -2.98
C ARG A 13 6.26 5.43 -2.28
N TYR A 14 5.31 6.16 -2.85
CA TYR A 14 4.00 6.48 -2.29
C TYR A 14 3.20 5.26 -1.86
N GLY A 15 3.18 4.20 -2.67
CA GLY A 15 2.58 2.92 -2.34
C GLY A 15 3.50 1.99 -1.52
N ALA A 16 4.80 2.28 -1.49
CA ALA A 16 5.77 1.51 -0.72
C ALA A 16 5.71 1.83 0.78
N ILE A 17 5.29 3.04 1.17
CA ILE A 17 5.13 3.41 2.60
C ILE A 17 4.04 2.55 3.28
N TYR A 18 3.04 2.12 2.49
CA TYR A 18 1.95 1.24 2.91
C TYR A 18 2.46 -0.21 2.97
N THR A 19 3.01 -0.72 1.86
CA THR A 19 3.47 -2.11 1.74
C THR A 19 4.56 -2.46 2.76
N GLN A 20 5.42 -1.50 3.11
CA GLN A 20 6.47 -1.64 4.13
C GLN A 20 5.88 -1.78 5.53
N LEU A 21 4.80 -1.07 5.82
CA LEU A 21 4.12 -1.17 7.12
C LEU A 21 3.30 -2.46 7.23
N ILE A 22 2.81 -2.99 6.11
CA ILE A 22 2.04 -4.25 6.08
C ILE A 22 2.97 -5.45 6.20
N ARG A 23 4.00 -5.52 5.35
CA ARG A 23 4.95 -6.64 5.31
C ARG A 23 5.74 -6.76 6.61
N GLN A 24 5.88 -5.66 7.36
CA GLN A 24 6.55 -5.69 8.66
C GLN A 24 5.69 -6.32 9.77
N ASN A 25 4.37 -6.51 9.55
CA ASN A 25 3.60 -7.49 10.34
C ASN A 25 3.79 -8.91 9.79
N LEU A 26 3.70 -9.03 8.45
CA LEU A 26 3.50 -10.30 7.75
C LEU A 26 4.81 -10.95 7.37
N LEU A 27 5.36 -11.67 8.34
CA LEU A 27 6.66 -12.35 8.27
C LEU A 27 6.64 -13.66 7.44
N VAL A 28 5.75 -13.75 6.44
CA VAL A 28 5.37 -15.02 5.80
C VAL A 28 6.30 -15.36 4.63
N GLU A 29 6.23 -14.59 3.54
CA GLU A 29 7.14 -14.58 2.38
C GLU A 29 6.97 -15.78 1.43
N ASP A 30 6.96 -17.01 1.96
CA ASP A 30 6.90 -18.25 1.17
C ASP A 30 5.61 -18.38 0.36
N SER A 31 4.46 -18.09 0.97
CA SER A 31 3.15 -18.07 0.30
C SER A 31 2.76 -16.68 -0.24
N PHE A 32 3.69 -15.72 -0.30
CA PHE A 32 3.54 -14.43 -0.98
C PHE A 32 4.24 -14.43 -2.35
N ARG A 33 5.15 -15.39 -2.58
CA ARG A 33 5.96 -15.55 -3.79
C ARG A 33 5.47 -16.72 -4.66
N GLY A 34 5.79 -16.68 -5.96
CA GLY A 34 5.40 -17.69 -6.95
C GLY A 34 3.99 -17.53 -7.52
N LYS A 35 3.22 -16.55 -7.02
CA LYS A 35 1.87 -16.18 -7.43
C LYS A 35 1.71 -14.65 -7.56
N GLN A 36 0.53 -14.17 -7.91
CA GLN A 36 0.24 -12.74 -8.05
C GLN A 36 -0.91 -12.33 -7.11
N CYS A 37 -1.05 -11.04 -6.83
CA CYS A 37 -2.17 -10.46 -6.08
C CYS A 37 -2.34 -8.97 -6.45
N ARG A 38 -3.58 -8.47 -6.40
CA ARG A 38 -3.93 -7.07 -6.57
C ARG A 38 -5.09 -6.68 -5.64
N VAL A 39 -4.82 -5.76 -4.73
CA VAL A 39 -5.79 -5.25 -3.77
C VAL A 39 -5.57 -3.76 -3.63
N ASN A 40 -6.52 -3.03 -3.06
CA ASN A 40 -6.49 -1.58 -3.03
C ASN A 40 -6.85 -1.03 -1.64
N LEU A 41 -6.02 -0.12 -1.15
CA LEU A 41 -6.19 0.52 0.15
C LEU A 41 -6.79 1.92 -0.04
N LYS A 42 -7.86 2.21 0.71
CA LYS A 42 -8.53 3.50 0.77
C LYS A 42 -8.34 4.08 2.18
N LEU A 43 -7.44 5.06 2.36
CA LEU A 43 -7.17 5.64 3.66
C LEU A 43 -7.89 6.98 3.85
N ILE A 44 -8.07 7.34 5.12
CA ILE A 44 -8.51 8.67 5.56
C ILE A 44 -7.30 9.49 6.08
N PRO A 45 -7.20 10.80 5.78
CA PRO A 45 -6.12 11.64 6.31
C PRO A 45 -6.37 11.93 7.80
N THR A 46 -5.37 11.63 8.65
CA THR A 46 -5.48 11.74 10.12
C THR A 46 -4.57 12.82 10.69
N GLY A 47 -3.40 13.05 10.08
CA GLY A 47 -2.41 14.05 10.52
C GLY A 47 -1.08 13.88 9.80
N THR A 48 -0.05 13.44 10.54
CA THR A 48 1.26 13.04 9.98
C THR A 48 1.15 11.85 9.01
N GLY A 49 0.09 11.03 9.14
CA GLY A 49 -0.23 9.90 8.27
C GLY A 49 -1.71 9.73 7.93
N ALA A 50 -2.00 8.68 7.15
CA ALA A 50 -3.35 8.20 6.84
C ALA A 50 -3.74 6.97 7.70
N LEU A 51 -5.03 6.61 7.73
CA LEU A 51 -5.61 5.46 8.47
C LEU A 51 -6.53 4.63 7.57
N LEU A 52 -6.58 3.31 7.77
CA LEU A 52 -7.46 2.41 7.00
C LEU A 52 -8.94 2.80 7.12
N GLY A 53 -9.50 3.31 6.02
CA GLY A 53 -10.93 3.61 5.83
C GLY A 53 -11.66 2.46 5.16
N SER A 54 -11.00 1.75 4.21
CA SER A 54 -11.51 0.54 3.55
C SER A 54 -10.39 -0.21 2.81
N LEU A 55 -10.54 -1.54 2.66
CA LEU A 55 -9.67 -2.38 1.83
C LEU A 55 -10.52 -3.17 0.83
N THR A 56 -10.19 -3.03 -0.45
CA THR A 56 -10.85 -3.68 -1.59
C THR A 56 -9.94 -4.78 -2.11
N VAL A 57 -10.40 -6.03 -2.16
CA VAL A 57 -9.69 -7.10 -2.90
C VAL A 57 -10.19 -7.11 -4.34
N LEU A 58 -9.28 -7.09 -5.32
CA LEU A 58 -9.62 -7.15 -6.75
C LEU A 58 -9.31 -8.53 -7.32
N ASP A 59 -8.17 -9.12 -6.95
CA ASP A 59 -7.77 -10.50 -7.26
C ASP A 59 -6.52 -10.92 -6.45
N GLY A 60 -6.13 -12.19 -6.53
CA GLY A 60 -4.91 -12.75 -5.95
C GLY A 60 -5.06 -14.18 -5.44
N ASP A 61 -3.93 -14.79 -5.11
CA ASP A 61 -3.88 -16.07 -4.41
C ASP A 61 -4.08 -15.79 -2.91
N SER A 62 -5.14 -16.36 -2.34
CA SER A 62 -5.84 -15.84 -1.14
C SER A 62 -4.97 -15.76 0.13
N ARG A 63 -3.86 -16.52 0.18
CA ARG A 63 -2.85 -16.44 1.24
C ARG A 63 -2.32 -15.00 1.45
N LEU A 64 -2.24 -14.16 0.40
CA LEU A 64 -1.83 -12.77 0.55
C LEU A 64 -3.03 -11.87 0.88
N CYS A 65 -4.12 -11.93 0.12
CA CYS A 65 -5.38 -11.21 0.40
C CYS A 65 -5.85 -11.31 1.85
N ALA A 66 -5.86 -12.51 2.45
CA ALA A 66 -6.29 -12.73 3.83
C ALA A 66 -5.31 -12.11 4.85
N ALA A 67 -4.01 -12.19 4.57
CA ALA A 67 -2.95 -11.69 5.46
C ALA A 67 -2.88 -10.15 5.46
N THR A 68 -2.81 -9.52 4.29
CA THR A 68 -2.77 -8.05 4.15
C THR A 68 -3.99 -7.41 4.78
N LYS A 69 -5.18 -7.93 4.46
CA LYS A 69 -6.48 -7.47 4.96
C LYS A 69 -6.48 -7.32 6.49
N ARG A 70 -5.93 -8.34 7.17
CA ARG A 70 -5.76 -8.32 8.63
C ARG A 70 -4.70 -7.34 9.11
N ALA A 71 -3.52 -7.31 8.50
CA ALA A 71 -2.43 -6.37 8.85
C ALA A 71 -2.90 -4.91 8.71
N VAL A 72 -3.51 -4.54 7.59
CA VAL A 72 -3.97 -3.17 7.32
C VAL A 72 -5.12 -2.75 8.24
N ALA A 73 -5.85 -3.72 8.80
CA ALA A 73 -6.89 -3.50 9.80
C ALA A 73 -6.31 -3.26 11.21
N GLN A 74 -4.99 -3.46 11.42
CA GLN A 74 -4.36 -3.41 12.74
C GLN A 74 -3.08 -2.54 12.78
N VAL A 75 -2.53 -2.13 11.62
CA VAL A 75 -1.45 -1.13 11.52
C VAL A 75 -1.83 0.20 12.18
N ASN A 76 -0.84 0.88 12.80
CA ASN A 76 -1.05 2.11 13.56
C ASN A 76 -1.47 3.31 12.69
N SER A 77 -0.81 3.53 11.54
CA SER A 77 -0.88 4.73 10.69
C SER A 77 0.26 4.75 9.66
N PHE A 78 0.00 5.28 8.46
CA PHE A 78 0.95 5.33 7.35
C PHE A 78 1.51 6.77 7.23
N PRO A 79 2.76 7.07 7.68
CA PRO A 79 3.29 8.43 7.64
C PRO A 79 3.52 8.89 6.19
N LEU A 80 3.07 10.09 5.83
CA LEU A 80 3.20 10.60 4.46
C LEU A 80 4.65 11.08 4.20
N PRO A 81 5.16 10.95 2.96
CA PRO A 81 6.40 11.60 2.57
C PRO A 81 6.21 13.12 2.44
N LYS A 82 5.09 13.55 1.84
CA LYS A 82 4.73 14.94 1.54
C LYS A 82 3.25 15.23 1.89
N ASP A 83 2.91 16.51 2.09
CA ASP A 83 1.67 16.93 2.77
C ASP A 83 0.82 17.94 1.96
N GLN A 84 1.02 18.03 0.63
CA GLN A 84 0.25 18.94 -0.22
C GLN A 84 -1.09 18.28 -0.60
N PRO A 85 -2.21 19.04 -0.62
CA PRO A 85 -3.52 18.48 -0.96
C PRO A 85 -3.62 17.96 -2.40
N ASP A 86 -2.57 18.11 -3.23
CA ASP A 86 -2.49 17.45 -4.53
C ASP A 86 -1.92 16.03 -4.42
N VAL A 87 -0.97 15.79 -3.49
CA VAL A 87 -0.29 14.50 -3.32
C VAL A 87 -0.92 13.63 -2.23
N VAL A 88 -1.58 14.24 -1.22
CA VAL A 88 -2.43 13.53 -0.26
C VAL A 88 -3.51 12.70 -0.99
N GLU A 89 -3.91 13.15 -2.19
CA GLU A 89 -4.93 12.49 -3.02
C GLU A 89 -4.40 11.28 -3.81
N LYS A 90 -3.09 11.07 -3.86
CA LYS A 90 -2.49 9.89 -4.52
C LYS A 90 -2.32 8.74 -3.54
N LEU A 91 -1.66 9.04 -2.42
CA LEU A 91 -1.32 8.07 -1.37
C LEU A 91 -2.55 7.49 -0.67
N LYS A 92 -3.68 8.20 -0.65
CA LYS A 92 -4.88 7.72 0.03
C LYS A 92 -5.60 6.58 -0.71
N ASN A 93 -5.41 6.48 -2.02
CA ASN A 93 -5.97 5.45 -2.89
C ASN A 93 -4.86 4.74 -3.69
N ILE A 94 -4.18 3.78 -3.06
CA ILE A 94 -3.14 2.96 -3.69
C ILE A 94 -3.63 1.55 -4.03
N ASN A 95 -3.07 0.96 -5.08
CA ASN A 95 -3.13 -0.49 -5.26
C ASN A 95 -1.83 -1.13 -4.71
N LEU A 96 -1.96 -2.14 -3.86
CA LEU A 96 -0.91 -3.14 -3.66
C LEU A 96 -1.10 -4.22 -4.72
N THR A 97 -0.19 -4.27 -5.69
CA THR A 97 -0.24 -5.17 -6.84
C THR A 97 1.13 -5.81 -7.03
N VAL A 98 1.17 -7.13 -7.06
CA VAL A 98 2.38 -7.95 -7.03
C VAL A 98 2.26 -9.12 -8.03
N ALA A 99 3.40 -9.56 -8.58
CA ALA A 99 3.49 -10.63 -9.59
C ALA A 99 4.93 -11.15 -9.75
N PRO A 100 5.13 -12.41 -10.21
CA PRO A 100 6.46 -12.98 -10.45
C PRO A 100 7.07 -12.47 -11.77
N GLU A 101 8.38 -12.64 -11.92
CA GLU A 101 9.17 -12.26 -13.10
C GLU A 101 10.44 -13.10 -13.22
N ALA A 1 20.81 17.28 -13.07
CA ALA A 1 20.63 17.81 -14.43
C ALA A 1 19.29 17.40 -15.08
N ALA A 2 18.32 16.94 -14.29
CA ALA A 2 17.10 16.29 -14.77
C ALA A 2 15.84 16.81 -14.04
N ARG A 3 15.22 15.98 -13.20
CA ARG A 3 13.95 16.25 -12.49
C ARG A 3 12.73 16.33 -13.43
N GLN A 4 12.78 15.58 -14.55
CA GLN A 4 11.76 15.58 -15.62
C GLN A 4 10.94 14.26 -15.66
N GLN A 5 11.46 13.19 -15.06
CA GLN A 5 11.04 11.79 -15.27
C GLN A 5 11.03 10.96 -13.99
N PHE A 6 11.62 11.47 -12.89
CA PHE A 6 11.95 10.72 -11.67
C PHE A 6 10.74 10.28 -10.82
N VAL A 7 9.50 10.60 -11.24
CA VAL A 7 8.24 10.20 -10.58
C VAL A 7 8.14 8.68 -10.34
N THR A 8 8.74 7.88 -11.22
CA THR A 8 8.86 6.42 -11.07
C THR A 8 9.61 6.02 -9.79
N SER A 9 10.60 6.80 -9.38
CA SER A 9 11.31 6.61 -8.10
C SER A 9 10.45 7.03 -6.90
N GLU A 10 9.56 8.03 -7.05
CA GLU A 10 8.58 8.38 -6.03
C GLU A 10 7.49 7.29 -5.86
N VAL A 11 7.18 6.49 -6.90
CA VAL A 11 6.26 5.32 -6.74
C VAL A 11 6.86 4.27 -5.80
N GLY A 12 8.20 4.25 -5.69
CA GLY A 12 8.96 3.44 -4.72
C GLY A 12 8.91 3.98 -3.29
N ARG A 13 8.18 5.08 -3.06
CA ARG A 13 7.82 5.62 -1.74
C ARG A 13 6.31 5.58 -1.52
N TYR A 14 5.54 6.28 -2.36
CA TYR A 14 4.11 6.60 -2.18
C TYR A 14 3.22 5.41 -1.83
N GLY A 15 3.39 4.30 -2.54
CA GLY A 15 2.76 2.99 -2.26
C GLY A 15 3.57 2.08 -1.36
N ALA A 16 4.87 2.37 -1.17
CA ALA A 16 5.78 1.59 -0.34
C ALA A 16 5.54 1.84 1.16
N ILE A 17 5.17 3.06 1.55
CA ILE A 17 4.88 3.41 2.96
C ILE A 17 3.72 2.58 3.52
N TYR A 18 2.85 2.09 2.64
CA TYR A 18 1.78 1.15 2.98
C TYR A 18 2.33 -0.29 3.01
N THR A 19 2.88 -0.77 1.88
CA THR A 19 3.28 -2.17 1.68
C THR A 19 4.35 -2.63 2.67
N GLN A 20 5.26 -1.72 3.05
CA GLN A 20 6.32 -1.97 4.02
C GLN A 20 5.73 -2.10 5.42
N LEU A 21 4.80 -1.21 5.81
CA LEU A 21 4.18 -1.28 7.13
C LEU A 21 3.29 -2.52 7.27
N ILE A 22 2.71 -3.01 6.17
CA ILE A 22 1.93 -4.25 6.16
C ILE A 22 2.83 -5.47 6.36
N ARG A 23 3.88 -5.60 5.55
CA ARG A 23 4.78 -6.78 5.60
C ARG A 23 5.61 -6.84 6.90
N GLN A 24 5.72 -5.72 7.62
CA GLN A 24 6.25 -5.71 8.99
C GLN A 24 5.48 -6.67 9.90
N ASN A 25 4.16 -6.76 9.69
CA ASN A 25 3.32 -7.69 10.46
C ASN A 25 3.45 -9.13 9.96
N LEU A 26 3.56 -9.31 8.64
CA LEU A 26 3.37 -10.58 7.96
C LEU A 26 4.71 -11.25 7.66
N LEU A 27 5.02 -12.23 8.48
CA LEU A 27 6.32 -12.92 8.51
C LEU A 27 6.43 -14.14 7.59
N VAL A 28 5.57 -14.22 6.57
CA VAL A 28 5.30 -15.47 5.83
C VAL A 28 6.27 -15.69 4.67
N GLU A 29 6.27 -14.77 3.69
CA GLU A 29 7.20 -14.67 2.55
C GLU A 29 6.94 -15.74 1.46
N ASP A 30 6.99 -17.03 1.82
CA ASP A 30 6.77 -18.16 0.90
C ASP A 30 5.36 -18.11 0.26
N SER A 31 4.35 -17.76 1.04
CA SER A 31 2.96 -17.59 0.58
C SER A 31 2.70 -16.26 -0.14
N PHE A 32 3.71 -15.39 -0.30
CA PHE A 32 3.61 -14.06 -0.94
C PHE A 32 4.38 -13.98 -2.27
N ARG A 33 5.41 -14.81 -2.46
CA ARG A 33 6.30 -14.80 -3.63
C ARG A 33 5.93 -15.87 -4.68
N GLY A 34 6.32 -15.64 -5.93
CA GLY A 34 6.15 -16.57 -7.06
C GLY A 34 4.76 -16.54 -7.72
N LYS A 35 3.73 -16.11 -6.98
CA LYS A 35 2.37 -15.84 -7.45
C LYS A 35 2.11 -14.33 -7.63
N GLN A 36 0.88 -13.94 -7.94
CA GLN A 36 0.47 -12.52 -8.05
C GLN A 36 -0.72 -12.20 -7.14
N CYS A 37 -0.92 -10.91 -6.85
CA CYS A 37 -2.09 -10.39 -6.16
C CYS A 37 -2.24 -8.89 -6.43
N ARG A 38 -3.48 -8.40 -6.49
CA ARG A 38 -3.85 -6.98 -6.45
C ARG A 38 -4.97 -6.75 -5.43
N VAL A 39 -4.79 -5.77 -4.55
CA VAL A 39 -5.83 -5.28 -3.64
C VAL A 39 -5.68 -3.75 -3.56
N ASN A 40 -6.62 -3.05 -2.94
CA ASN A 40 -6.64 -1.60 -2.92
C ASN A 40 -7.00 -1.06 -1.54
N LEU A 41 -6.21 -0.09 -1.06
CA LEU A 41 -6.40 0.58 0.23
C LEU A 41 -7.01 1.97 0.00
N LYS A 42 -8.12 2.26 0.69
CA LYS A 42 -8.68 3.60 0.85
C LYS A 42 -8.45 4.08 2.29
N LEU A 43 -7.53 5.03 2.50
CA LEU A 43 -7.23 5.59 3.82
C LEU A 43 -7.93 6.94 4.02
N ILE A 44 -8.06 7.33 5.29
CA ILE A 44 -8.44 8.69 5.72
C ILE A 44 -7.16 9.45 6.17
N PRO A 45 -6.84 10.60 5.56
CA PRO A 45 -5.79 11.48 6.04
C PRO A 45 -6.05 11.94 7.48
N THR A 46 -5.10 11.64 8.37
CA THR A 46 -5.20 11.91 9.82
C THR A 46 -4.20 13.00 10.26
N GLY A 47 -3.07 13.13 9.57
CA GLY A 47 -2.07 14.20 9.74
C GLY A 47 -0.69 13.67 10.13
N THR A 48 -0.64 12.85 11.19
CA THR A 48 0.56 12.04 11.54
C THR A 48 0.78 10.90 10.54
N GLY A 49 -0.32 10.38 9.96
CA GLY A 49 -0.34 9.43 8.86
C GLY A 49 -1.66 9.49 8.07
N ALA A 50 -1.90 8.53 7.20
CA ALA A 50 -3.25 8.11 6.85
C ALA A 50 -3.68 6.92 7.73
N LEU A 51 -4.97 6.61 7.83
CA LEU A 51 -5.56 5.51 8.60
C LEU A 51 -6.50 4.67 7.74
N LEU A 52 -6.57 3.35 7.95
CA LEU A 52 -7.48 2.46 7.21
C LEU A 52 -8.95 2.87 7.36
N GLY A 53 -9.53 3.34 6.25
CA GLY A 53 -10.97 3.60 6.11
C GLY A 53 -11.68 2.39 5.51
N SER A 54 -11.13 1.81 4.44
CA SER A 54 -11.67 0.62 3.76
C SER A 54 -10.57 -0.13 2.99
N LEU A 55 -10.70 -1.45 2.88
CA LEU A 55 -9.84 -2.28 2.03
C LEU A 55 -10.71 -3.08 1.05
N THR A 56 -10.32 -3.03 -0.23
CA THR A 56 -10.98 -3.67 -1.37
C THR A 56 -10.06 -4.73 -1.93
N VAL A 57 -10.45 -6.00 -1.90
CA VAL A 57 -9.70 -7.07 -2.60
C VAL A 57 -10.13 -7.10 -4.08
N LEU A 58 -9.15 -7.14 -5.00
CA LEU A 58 -9.42 -7.17 -6.44
C LEU A 58 -9.22 -8.59 -6.99
N ASP A 59 -8.05 -9.20 -6.71
CA ASP A 59 -7.71 -10.60 -7.04
C ASP A 59 -6.36 -11.03 -6.43
N GLY A 60 -6.07 -12.32 -6.47
CA GLY A 60 -4.75 -12.91 -6.16
C GLY A 60 -4.81 -14.37 -5.76
N ASP A 61 -3.65 -14.91 -5.39
CA ASP A 61 -3.57 -16.19 -4.69
C ASP A 61 -3.88 -15.90 -3.21
N SER A 62 -4.97 -16.49 -2.72
CA SER A 62 -5.79 -15.99 -1.59
C SER A 62 -5.03 -15.75 -0.29
N ARG A 63 -3.91 -16.45 -0.10
CA ARG A 63 -3.03 -16.33 1.07
C ARG A 63 -2.54 -14.89 1.30
N LEU A 64 -2.34 -14.06 0.25
CA LEU A 64 -1.88 -12.67 0.44
C LEU A 64 -3.04 -11.71 0.72
N CYS A 65 -4.12 -11.69 -0.07
CA CYS A 65 -5.27 -10.82 0.20
C CYS A 65 -5.94 -11.11 1.55
N ALA A 66 -5.93 -12.35 2.04
CA ALA A 66 -6.33 -12.71 3.40
C ALA A 66 -5.40 -12.10 4.47
N ALA A 67 -4.08 -12.19 4.29
CA ALA A 67 -3.09 -11.74 5.26
C ALA A 67 -2.99 -10.20 5.37
N THR A 68 -2.86 -9.51 4.22
CA THR A 68 -2.77 -8.04 4.16
C THR A 68 -3.98 -7.40 4.82
N LYS A 69 -5.18 -7.87 4.48
CA LYS A 69 -6.47 -7.39 4.97
C LYS A 69 -6.49 -7.27 6.50
N ARG A 70 -5.98 -8.31 7.18
CA ARG A 70 -5.86 -8.32 8.64
C ARG A 70 -4.79 -7.34 9.15
N ALA A 71 -3.61 -7.28 8.51
CA ALA A 71 -2.53 -6.36 8.84
C ALA A 71 -2.98 -4.89 8.73
N VAL A 72 -3.62 -4.50 7.63
CA VAL A 72 -4.09 -3.11 7.39
C VAL A 72 -5.21 -2.73 8.36
N ALA A 73 -5.93 -3.71 8.90
CA ALA A 73 -6.95 -3.52 9.93
C ALA A 73 -6.36 -3.34 11.34
N GLN A 74 -5.04 -3.51 11.52
CA GLN A 74 -4.37 -3.46 12.83
C GLN A 74 -3.11 -2.57 12.85
N VAL A 75 -2.59 -2.13 11.70
CA VAL A 75 -1.49 -1.14 11.60
C VAL A 75 -1.87 0.21 12.24
N ASN A 76 -0.88 0.90 12.83
CA ASN A 76 -1.10 2.13 13.59
C ASN A 76 -1.46 3.34 12.71
N SER A 77 -0.72 3.56 11.61
CA SER A 77 -0.74 4.77 10.76
C SER A 77 0.37 4.72 9.71
N PHE A 78 0.08 5.15 8.47
CA PHE A 78 1.03 5.14 7.36
C PHE A 78 1.74 6.51 7.26
N PRO A 79 3.06 6.61 7.55
CA PRO A 79 3.75 7.88 7.51
C PRO A 79 4.03 8.28 6.05
N LEU A 80 3.42 9.39 5.63
CA LEU A 80 3.51 9.93 4.29
C LEU A 80 4.71 10.90 4.13
N PRO A 81 5.46 10.82 3.00
CA PRO A 81 6.73 11.52 2.84
C PRO A 81 6.55 13.02 2.58
N LYS A 82 5.62 13.38 1.67
CA LYS A 82 5.22 14.75 1.38
C LYS A 82 3.91 15.11 2.10
N ASP A 83 3.55 16.41 2.12
CA ASP A 83 2.50 16.99 2.96
C ASP A 83 1.50 17.90 2.21
N GLN A 84 1.59 18.00 0.88
CA GLN A 84 0.78 18.95 0.13
C GLN A 84 -0.64 18.40 -0.03
N PRO A 85 -1.69 19.23 0.12
CA PRO A 85 -3.07 18.80 -0.05
C PRO A 85 -3.41 18.35 -1.48
N ASP A 86 -2.46 18.41 -2.42
CA ASP A 86 -2.59 17.78 -3.73
C ASP A 86 -2.15 16.30 -3.70
N VAL A 87 -1.06 15.98 -2.98
CA VAL A 87 -0.44 14.63 -2.96
C VAL A 87 -0.98 13.76 -1.82
N VAL A 88 -1.46 14.38 -0.73
CA VAL A 88 -2.22 13.68 0.33
C VAL A 88 -3.46 12.98 -0.26
N GLU A 89 -3.98 13.49 -1.38
CA GLU A 89 -5.13 12.94 -2.10
C GLU A 89 -4.79 11.80 -3.08
N LYS A 90 -3.49 11.52 -3.29
CA LYS A 90 -3.05 10.39 -4.12
C LYS A 90 -2.80 9.13 -3.30
N LEU A 91 -2.02 9.29 -2.24
CA LEU A 91 -1.53 8.20 -1.38
C LEU A 91 -2.66 7.55 -0.55
N LYS A 92 -3.77 8.28 -0.34
CA LYS A 92 -4.97 7.73 0.30
C LYS A 92 -5.62 6.57 -0.48
N ASN A 93 -5.40 6.49 -1.79
CA ASN A 93 -6.05 5.54 -2.69
C ASN A 93 -5.01 4.81 -3.54
N ILE A 94 -4.34 3.81 -2.96
CA ILE A 94 -3.34 2.99 -3.63
C ILE A 94 -3.87 1.60 -3.96
N ASN A 95 -3.33 0.98 -5.02
CA ASN A 95 -3.33 -0.47 -5.14
C ASN A 95 -2.03 -1.02 -4.52
N LEU A 96 -2.14 -2.08 -3.70
CA LEU A 96 -1.04 -3.01 -3.48
C LEU A 96 -1.15 -4.10 -4.56
N THR A 97 -0.18 -4.15 -5.48
CA THR A 97 -0.16 -5.06 -6.62
C THR A 97 1.22 -5.67 -6.76
N VAL A 98 1.28 -6.99 -6.80
CA VAL A 98 2.51 -7.80 -6.74
C VAL A 98 2.46 -8.94 -7.78
N ALA A 99 3.62 -9.37 -8.28
CA ALA A 99 3.78 -10.40 -9.33
C ALA A 99 5.26 -10.84 -9.44
N PRO A 100 5.56 -12.02 -10.03
CA PRO A 100 6.92 -12.54 -10.15
C PRO A 100 7.71 -11.93 -11.32
N GLU A 101 7.02 -11.35 -12.31
CA GLU A 101 7.61 -10.83 -13.55
C GLU A 101 6.63 -9.86 -14.23
N ALA A 1 14.44 17.97 -17.22
CA ALA A 1 13.24 18.75 -16.87
C ALA A 1 12.02 18.12 -17.58
N ALA A 2 10.91 17.95 -16.86
CA ALA A 2 9.72 17.22 -17.33
C ALA A 2 8.48 17.49 -16.44
N ARG A 3 8.21 16.58 -15.49
CA ARG A 3 7.08 16.60 -14.54
C ARG A 3 5.71 16.36 -15.21
N GLN A 4 5.71 15.71 -16.38
CA GLN A 4 4.49 15.42 -17.17
C GLN A 4 3.96 14.00 -16.94
N GLN A 5 4.81 13.11 -16.40
CA GLN A 5 4.63 11.65 -16.35
C GLN A 5 5.15 11.03 -15.04
N PHE A 6 6.08 11.70 -14.34
CA PHE A 6 6.86 11.19 -13.21
C PHE A 6 6.06 10.68 -12.00
N VAL A 7 4.75 10.97 -11.92
CA VAL A 7 3.85 10.45 -10.87
C VAL A 7 3.90 8.92 -10.77
N THR A 8 4.12 8.23 -11.89
CA THR A 8 4.35 6.78 -11.95
C THR A 8 5.57 6.33 -11.16
N SER A 9 6.63 7.14 -11.14
CA SER A 9 7.82 6.89 -10.32
C SER A 9 7.58 7.24 -8.85
N GLU A 10 6.74 8.24 -8.57
CA GLU A 10 6.31 8.54 -7.20
C GLU A 10 5.39 7.46 -6.63
N VAL A 11 4.63 6.71 -7.43
CA VAL A 11 3.84 5.56 -6.94
C VAL A 11 4.75 4.49 -6.33
N GLY A 12 6.00 4.41 -6.81
CA GLY A 12 7.07 3.57 -6.27
C GLY A 12 7.52 3.98 -4.86
N ARG A 13 7.21 5.19 -4.39
CA ARG A 13 7.39 5.62 -3.00
C ARG A 13 6.05 5.67 -2.23
N TYR A 14 5.05 6.35 -2.79
CA TYR A 14 3.74 6.63 -2.22
C TYR A 14 2.98 5.39 -1.77
N GLY A 15 2.98 4.33 -2.58
CA GLY A 15 2.44 3.01 -2.23
C GLY A 15 3.38 2.15 -1.40
N ALA A 16 4.69 2.47 -1.37
CA ALA A 16 5.68 1.74 -0.59
C ALA A 16 5.54 2.03 0.91
N ILE A 17 5.12 3.23 1.30
CA ILE A 17 4.93 3.60 2.72
C ILE A 17 3.87 2.73 3.40
N TYR A 18 2.90 2.26 2.60
CA TYR A 18 1.84 1.34 3.00
C TYR A 18 2.38 -0.10 3.04
N THR A 19 2.89 -0.60 1.91
CA THR A 19 3.29 -2.01 1.74
C THR A 19 4.41 -2.40 2.70
N GLN A 20 5.32 -1.48 3.03
CA GLN A 20 6.42 -1.70 3.98
C GLN A 20 5.91 -1.78 5.42
N LEU A 21 4.84 -1.06 5.76
CA LEU A 21 4.19 -1.20 7.07
C LEU A 21 3.36 -2.50 7.18
N ILE A 22 2.81 -2.99 6.08
CA ILE A 22 2.02 -4.23 6.05
C ILE A 22 2.93 -5.44 6.18
N ARG A 23 3.94 -5.54 5.31
CA ARG A 23 4.87 -6.68 5.28
C ARG A 23 5.68 -6.80 6.58
N GLN A 24 5.78 -5.73 7.35
CA GLN A 24 6.48 -5.76 8.64
C GLN A 24 5.63 -6.35 9.77
N ASN A 25 4.30 -6.50 9.60
CA ASN A 25 3.52 -7.44 10.41
C ASN A 25 3.67 -8.88 9.90
N LEU A 26 3.64 -9.04 8.57
CA LEU A 26 3.42 -10.33 7.91
C LEU A 26 4.73 -11.01 7.56
N LEU A 27 5.25 -11.72 8.56
CA LEU A 27 6.53 -12.42 8.52
C LEU A 27 6.52 -13.73 7.72
N VAL A 28 5.63 -13.83 6.73
CA VAL A 28 5.27 -15.11 6.07
C VAL A 28 6.17 -15.38 4.86
N GLU A 29 6.03 -14.59 3.79
CA GLU A 29 6.98 -14.40 2.67
C GLU A 29 6.97 -15.56 1.66
N ASP A 30 7.11 -16.81 2.10
CA ASP A 30 7.16 -17.99 1.24
C ASP A 30 5.80 -18.36 0.61
N SER A 31 4.71 -17.93 1.23
CA SER A 31 3.34 -17.99 0.68
C SER A 31 2.97 -16.74 -0.13
N PHE A 32 3.81 -15.69 -0.14
CA PHE A 32 3.62 -14.42 -0.82
C PHE A 32 4.34 -14.36 -2.19
N ARG A 33 5.30 -15.26 -2.40
CA ARG A 33 6.15 -15.39 -3.59
C ARG A 33 5.66 -16.47 -4.57
N GLY A 34 6.09 -16.37 -5.83
CA GLY A 34 5.76 -17.31 -6.91
C GLY A 34 4.37 -17.07 -7.51
N LYS A 35 3.38 -16.82 -6.66
CA LYS A 35 2.05 -16.32 -7.05
C LYS A 35 2.04 -14.78 -7.15
N GLN A 36 0.88 -14.20 -7.43
CA GLN A 36 0.68 -12.75 -7.50
C GLN A 36 -0.53 -12.31 -6.67
N CYS A 37 -0.65 -11.01 -6.40
CA CYS A 37 -1.92 -10.38 -6.03
C CYS A 37 -1.97 -8.92 -6.51
N ARG A 38 -3.18 -8.39 -6.66
CA ARG A 38 -3.47 -6.96 -6.67
C ARG A 38 -4.63 -6.65 -5.70
N VAL A 39 -4.44 -5.70 -4.80
CA VAL A 39 -5.48 -5.22 -3.88
C VAL A 39 -5.36 -3.71 -3.76
N ASN A 40 -6.23 -3.06 -2.99
CA ASN A 40 -6.41 -1.63 -3.02
C ASN A 40 -6.76 -1.10 -1.61
N LEU A 41 -5.97 -0.14 -1.14
CA LEU A 41 -6.16 0.51 0.15
C LEU A 41 -6.76 1.90 -0.05
N LYS A 42 -7.82 2.19 0.72
CA LYS A 42 -8.51 3.48 0.78
C LYS A 42 -8.40 4.04 2.21
N LEU A 43 -7.53 5.04 2.43
CA LEU A 43 -7.24 5.60 3.74
C LEU A 43 -7.96 6.94 3.96
N ILE A 44 -8.10 7.31 5.23
CA ILE A 44 -8.50 8.65 5.68
C ILE A 44 -7.25 9.42 6.17
N PRO A 45 -7.13 10.74 5.93
CA PRO A 45 -6.02 11.54 6.43
C PRO A 45 -6.20 11.83 7.93
N THR A 46 -5.19 11.49 8.74
CA THR A 46 -5.16 11.69 10.20
C THR A 46 -4.11 12.73 10.62
N GLY A 47 -3.04 12.88 9.84
CA GLY A 47 -2.02 13.94 9.99
C GLY A 47 -0.70 13.41 10.55
N THR A 48 -0.74 12.49 11.52
CA THR A 48 0.39 11.63 11.92
C THR A 48 0.66 10.58 10.84
N GLY A 49 -0.40 10.09 10.18
CA GLY A 49 -0.38 9.29 8.98
C GLY A 49 -1.70 9.37 8.21
N ALA A 50 -1.91 8.45 7.25
CA ALA A 50 -3.26 8.04 6.88
C ALA A 50 -3.70 6.85 7.77
N LEU A 51 -4.99 6.53 7.81
CA LEU A 51 -5.58 5.40 8.55
C LEU A 51 -6.54 4.59 7.68
N LEU A 52 -6.62 3.28 7.86
CA LEU A 52 -7.52 2.39 7.09
C LEU A 52 -8.99 2.82 7.21
N GLY A 53 -9.53 3.31 6.09
CA GLY A 53 -10.96 3.61 5.90
C GLY A 53 -11.70 2.46 5.21
N SER A 54 -11.05 1.76 4.27
CA SER A 54 -11.56 0.56 3.59
C SER A 54 -10.43 -0.16 2.83
N LEU A 55 -10.57 -1.48 2.66
CA LEU A 55 -9.68 -2.29 1.83
C LEU A 55 -10.50 -3.06 0.80
N THR A 56 -10.20 -2.82 -0.47
CA THR A 56 -10.79 -3.50 -1.64
C THR A 56 -9.80 -4.56 -2.12
N VAL A 57 -10.26 -5.77 -2.44
CA VAL A 57 -9.44 -6.79 -3.13
C VAL A 57 -9.80 -6.79 -4.62
N LEU A 58 -8.79 -6.86 -5.50
CA LEU A 58 -9.00 -6.86 -6.95
C LEU A 58 -8.80 -8.27 -7.51
N ASP A 59 -7.72 -8.96 -7.14
CA ASP A 59 -7.45 -10.38 -7.42
C ASP A 59 -6.19 -10.88 -6.68
N GLY A 60 -5.93 -12.19 -6.71
CA GLY A 60 -4.70 -12.83 -6.23
C GLY A 60 -4.90 -14.26 -5.76
N ASP A 61 -3.83 -14.83 -5.23
CA ASP A 61 -3.87 -16.06 -4.45
C ASP A 61 -4.21 -15.66 -3.01
N SER A 62 -5.42 -16.02 -2.58
CA SER A 62 -6.18 -15.33 -1.54
C SER A 62 -5.54 -15.33 -0.14
N ARG A 63 -4.54 -16.19 0.10
CA ARG A 63 -3.76 -16.22 1.34
C ARG A 63 -3.03 -14.88 1.59
N LEU A 64 -2.59 -14.16 0.54
CA LEU A 64 -2.02 -12.82 0.74
C LEU A 64 -3.13 -11.79 0.98
N CYS A 65 -4.20 -11.77 0.18
CA CYS A 65 -5.37 -10.93 0.40
C CYS A 65 -5.96 -11.03 1.82
N ALA A 66 -6.00 -12.23 2.41
CA ALA A 66 -6.42 -12.44 3.80
C ALA A 66 -5.41 -11.86 4.81
N ALA A 67 -4.11 -12.10 4.60
CA ALA A 67 -3.05 -11.63 5.48
C ALA A 67 -2.93 -10.09 5.50
N THR A 68 -2.83 -9.46 4.32
CA THR A 68 -2.74 -7.99 4.19
C THR A 68 -3.94 -7.32 4.84
N LYS A 69 -5.15 -7.78 4.50
CA LYS A 69 -6.42 -7.26 5.00
C LYS A 69 -6.42 -7.17 6.53
N ARG A 70 -5.98 -8.24 7.19
CA ARG A 70 -5.85 -8.29 8.65
C ARG A 70 -4.77 -7.34 9.18
N ALA A 71 -3.59 -7.28 8.56
CA ALA A 71 -2.51 -6.35 8.91
C ALA A 71 -2.96 -4.87 8.77
N VAL A 72 -3.58 -4.51 7.66
CA VAL A 72 -4.03 -3.12 7.40
C VAL A 72 -5.18 -2.71 8.34
N ALA A 73 -5.90 -3.70 8.89
CA ALA A 73 -6.94 -3.47 9.89
C ALA A 73 -6.36 -3.25 11.30
N GLN A 74 -5.04 -3.43 11.50
CA GLN A 74 -4.39 -3.38 12.82
C GLN A 74 -3.12 -2.52 12.87
N VAL A 75 -2.57 -2.09 11.71
CA VAL A 75 -1.45 -1.12 11.61
C VAL A 75 -1.76 0.21 12.32
N ASN A 76 -0.71 0.86 12.86
CA ASN A 76 -0.84 2.06 13.69
C ASN A 76 -1.20 3.34 12.89
N SER A 77 -0.57 3.56 11.73
CA SER A 77 -0.70 4.72 10.82
C SER A 77 0.40 4.71 9.74
N PHE A 78 0.07 5.18 8.54
CA PHE A 78 1.00 5.20 7.40
C PHE A 78 1.67 6.58 7.29
N PRO A 79 2.98 6.72 7.56
CA PRO A 79 3.63 8.01 7.56
C PRO A 79 3.85 8.52 6.13
N LEU A 80 3.16 9.60 5.81
CA LEU A 80 3.27 10.35 4.56
C LEU A 80 4.35 11.44 4.68
N PRO A 81 5.32 11.53 3.73
CA PRO A 81 6.42 12.48 3.81
C PRO A 81 5.96 13.90 3.47
N LYS A 82 5.18 14.05 2.39
CA LYS A 82 4.46 15.29 2.03
C LYS A 82 3.02 15.29 2.55
N ASP A 83 2.37 16.47 2.51
CA ASP A 83 1.12 16.76 3.22
C ASP A 83 0.27 17.84 2.53
N GLN A 84 0.44 18.03 1.21
CA GLN A 84 -0.39 18.98 0.44
C GLN A 84 -1.66 18.25 0.00
N PRO A 85 -2.85 18.91 0.02
CA PRO A 85 -4.11 18.36 -0.48
C PRO A 85 -4.07 17.81 -1.92
N ASP A 86 -3.04 18.13 -2.71
CA ASP A 86 -2.86 17.58 -4.06
C ASP A 86 -2.23 16.18 -4.05
N VAL A 87 -1.32 15.93 -3.12
CA VAL A 87 -0.57 14.65 -3.00
C VAL A 87 -1.15 13.74 -1.92
N VAL A 88 -1.80 14.29 -0.89
CA VAL A 88 -2.57 13.54 0.11
C VAL A 88 -3.67 12.71 -0.58
N GLU A 89 -4.19 13.22 -1.70
CA GLU A 89 -5.26 12.57 -2.48
C GLU A 89 -4.75 11.43 -3.37
N LYS A 90 -3.42 11.25 -3.46
CA LYS A 90 -2.81 10.19 -4.27
C LYS A 90 -2.38 8.98 -3.42
N LEU A 91 -1.76 9.27 -2.28
CA LEU A 91 -1.37 8.25 -1.31
C LEU A 91 -2.58 7.59 -0.63
N LYS A 92 -3.73 8.27 -0.48
CA LYS A 92 -4.87 7.69 0.23
C LYS A 92 -5.59 6.58 -0.54
N ASN A 93 -5.48 6.57 -1.86
CA ASN A 93 -6.07 5.56 -2.74
C ASN A 93 -4.97 4.90 -3.60
N ILE A 94 -4.31 3.89 -3.04
CA ILE A 94 -3.28 3.09 -3.74
C ILE A 94 -3.80 1.71 -4.11
N ASN A 95 -3.17 1.13 -5.13
CA ASN A 95 -3.24 -0.30 -5.41
C ASN A 95 -1.88 -0.95 -5.07
N LEU A 96 -1.89 -1.92 -4.15
CA LEU A 96 -0.73 -2.77 -3.87
C LEU A 96 -0.80 -4.00 -4.77
N THR A 97 0.20 -4.18 -5.63
CA THR A 97 0.24 -5.21 -6.68
C THR A 97 1.62 -5.86 -6.66
N VAL A 98 1.66 -7.18 -6.57
CA VAL A 98 2.87 -7.97 -6.31
C VAL A 98 2.93 -9.22 -7.19
N ALA A 99 4.14 -9.74 -7.40
CA ALA A 99 4.42 -10.99 -8.12
C ALA A 99 5.81 -11.62 -7.84
N PRO A 100 6.93 -10.86 -7.72
CA PRO A 100 8.25 -11.45 -7.43
C PRO A 100 8.36 -12.06 -6.01
N GLU A 101 7.66 -11.48 -5.03
CA GLU A 101 7.80 -11.77 -3.60
C GLU A 101 6.50 -11.44 -2.85
N ALA A 1 13.12 18.54 -12.58
CA ALA A 1 11.85 17.88 -12.23
C ALA A 1 11.48 16.79 -13.26
N ALA A 2 11.51 17.14 -14.56
CA ALA A 2 11.16 16.30 -15.73
C ALA A 2 9.64 16.08 -15.84
N ARG A 3 9.09 15.18 -15.00
CA ARG A 3 7.66 14.91 -14.80
C ARG A 3 7.00 14.14 -15.97
N GLN A 4 7.80 13.56 -16.87
CA GLN A 4 7.31 12.88 -18.08
C GLN A 4 7.17 11.36 -17.92
N GLN A 5 7.88 10.79 -16.94
CA GLN A 5 8.09 9.35 -16.78
C GLN A 5 8.00 8.87 -15.32
N PHE A 6 8.15 9.78 -14.36
CA PHE A 6 8.36 9.51 -12.94
C PHE A 6 7.20 8.82 -12.19
N VAL A 7 6.07 8.55 -12.84
CA VAL A 7 4.94 7.79 -12.27
C VAL A 7 5.38 6.41 -11.73
N THR A 8 6.40 5.82 -12.34
CA THR A 8 7.08 4.60 -11.86
C THR A 8 7.84 4.86 -10.55
N SER A 9 8.62 5.93 -10.48
CA SER A 9 9.36 6.34 -9.28
C SER A 9 8.44 6.61 -8.08
N GLU A 10 7.21 7.08 -8.33
CA GLU A 10 6.18 7.20 -7.30
C GLU A 10 5.76 5.83 -6.71
N VAL A 11 5.82 4.72 -7.45
CA VAL A 11 5.47 3.39 -6.91
C VAL A 11 6.47 2.95 -5.83
N GLY A 12 7.73 3.42 -5.91
CA GLY A 12 8.77 3.21 -4.90
C GLY A 12 8.57 4.02 -3.61
N ARG A 13 7.59 4.94 -3.59
CA ARG A 13 7.20 5.79 -2.45
C ARG A 13 5.72 5.57 -2.06
N TYR A 14 4.79 6.13 -2.82
CA TYR A 14 3.38 6.39 -2.49
C TYR A 14 2.65 5.18 -1.94
N GLY A 15 2.69 4.05 -2.66
CA GLY A 15 2.18 2.74 -2.24
C GLY A 15 3.18 1.92 -1.44
N ALA A 16 4.47 2.28 -1.43
CA ALA A 16 5.51 1.59 -0.68
C ALA A 16 5.37 1.84 0.83
N ILE A 17 4.97 3.05 1.22
CA ILE A 17 4.81 3.41 2.65
C ILE A 17 3.74 2.55 3.35
N TYR A 18 2.77 2.07 2.57
CA TYR A 18 1.72 1.15 3.01
C TYR A 18 2.26 -0.28 3.05
N THR A 19 2.74 -0.81 1.91
CA THR A 19 3.15 -2.20 1.74
C THR A 19 4.31 -2.59 2.67
N GLN A 20 5.22 -1.65 2.93
CA GLN A 20 6.35 -1.83 3.81
C GLN A 20 5.98 -1.75 5.29
N LEU A 21 4.85 -1.12 5.66
CA LEU A 21 4.31 -1.22 7.01
C LEU A 21 3.56 -2.54 7.22
N ILE A 22 2.88 -3.04 6.20
CA ILE A 22 2.07 -4.27 6.26
C ILE A 22 2.96 -5.50 6.48
N ARG A 23 4.09 -5.57 5.76
CA ARG A 23 5.05 -6.68 5.80
C ARG A 23 5.83 -6.76 7.11
N GLN A 24 5.80 -5.68 7.91
CA GLN A 24 6.27 -5.69 9.30
C GLN A 24 5.46 -6.71 10.11
N ASN A 25 4.14 -6.76 9.87
CA ASN A 25 3.29 -7.75 10.55
C ASN A 25 3.45 -9.11 9.89
N LEU A 26 3.45 -9.10 8.55
CA LEU A 26 3.44 -10.29 7.72
C LEU A 26 4.86 -10.72 7.36
N LEU A 27 5.53 -11.23 8.37
CA LEU A 27 6.88 -11.81 8.29
C LEU A 27 6.93 -13.18 7.57
N VAL A 28 6.00 -13.42 6.64
CA VAL A 28 5.68 -14.75 6.11
C VAL A 28 6.55 -15.08 4.89
N GLU A 29 6.29 -14.40 3.76
CA GLU A 29 7.10 -14.37 2.53
C GLU A 29 6.96 -15.65 1.68
N ASP A 30 7.05 -16.83 2.29
CA ASP A 30 6.93 -18.13 1.61
C ASP A 30 5.49 -18.42 1.11
N SER A 31 4.50 -17.80 1.76
CA SER A 31 3.10 -17.77 1.34
C SER A 31 2.78 -16.65 0.33
N PHE A 32 3.74 -15.76 0.05
CA PHE A 32 3.59 -14.56 -0.79
C PHE A 32 4.33 -14.68 -2.12
N ARG A 33 5.33 -15.56 -2.21
CA ARG A 33 6.14 -15.86 -3.40
C ARG A 33 5.58 -17.02 -4.23
N GLY A 34 5.95 -17.06 -5.53
CA GLY A 34 5.53 -18.08 -6.51
C GLY A 34 4.16 -17.82 -7.15
N LYS A 35 3.43 -16.81 -6.66
CA LYS A 35 2.13 -16.33 -7.15
C LYS A 35 2.11 -14.79 -7.24
N GLN A 36 0.96 -14.20 -7.54
CA GLN A 36 0.78 -12.75 -7.56
C GLN A 36 -0.46 -12.35 -6.73
N CYS A 37 -0.59 -11.06 -6.42
CA CYS A 37 -1.79 -10.47 -5.81
C CYS A 37 -1.87 -8.98 -6.14
N ARG A 38 -3.07 -8.47 -6.39
CA ARG A 38 -3.42 -7.05 -6.46
C ARG A 38 -4.61 -6.74 -5.53
N VAL A 39 -4.49 -5.70 -4.71
CA VAL A 39 -5.58 -5.19 -3.85
C VAL A 39 -5.45 -3.68 -3.78
N ASN A 40 -6.44 -2.99 -3.21
CA ASN A 40 -6.48 -1.54 -3.12
C ASN A 40 -6.84 -1.05 -1.72
N LEU A 41 -6.06 -0.11 -1.20
CA LEU A 41 -6.28 0.52 0.11
C LEU A 41 -6.93 1.89 -0.07
N LYS A 42 -7.96 2.16 0.74
CA LYS A 42 -8.64 3.45 0.84
C LYS A 42 -8.44 3.99 2.27
N LEU A 43 -7.54 4.96 2.47
CA LEU A 43 -7.24 5.53 3.77
C LEU A 43 -7.96 6.87 3.97
N ILE A 44 -8.07 7.26 5.23
CA ILE A 44 -8.44 8.63 5.66
C ILE A 44 -7.17 9.41 6.07
N PRO A 45 -6.84 10.55 5.44
CA PRO A 45 -5.75 11.42 5.88
C PRO A 45 -5.94 11.81 7.35
N THR A 46 -4.90 11.57 8.15
CA THR A 46 -4.93 11.65 9.63
C THR A 46 -3.60 12.22 10.11
N GLY A 47 -3.54 13.54 10.27
CA GLY A 47 -2.34 14.26 10.70
C GLY A 47 -1.20 14.11 9.69
N THR A 48 -0.05 13.62 10.15
CA THR A 48 1.16 13.31 9.36
C THR A 48 1.11 11.95 8.64
N GLY A 49 -0.01 11.22 8.74
CA GLY A 49 -0.23 9.91 8.11
C GLY A 49 -1.59 9.76 7.42
N ALA A 50 -1.96 8.52 7.10
CA ALA A 50 -3.33 8.09 6.82
C ALA A 50 -3.71 6.86 7.69
N LEU A 51 -5.00 6.53 7.78
CA LEU A 51 -5.56 5.41 8.54
C LEU A 51 -6.53 4.59 7.69
N LEU A 52 -6.61 3.26 7.90
CA LEU A 52 -7.50 2.38 7.12
C LEU A 52 -8.98 2.77 7.27
N GLY A 53 -9.56 3.26 6.18
CA GLY A 53 -10.99 3.55 6.02
C GLY A 53 -11.74 2.41 5.34
N SER A 54 -11.12 1.73 4.36
CA SER A 54 -11.65 0.56 3.65
C SER A 54 -10.54 -0.15 2.86
N LEU A 55 -10.71 -1.46 2.63
CA LEU A 55 -9.81 -2.27 1.80
C LEU A 55 -10.64 -3.05 0.77
N THR A 56 -10.23 -2.94 -0.50
CA THR A 56 -10.87 -3.56 -1.67
C THR A 56 -9.94 -4.63 -2.22
N VAL A 57 -10.36 -5.90 -2.23
CA VAL A 57 -9.61 -6.96 -2.93
C VAL A 57 -9.93 -6.93 -4.43
N LEU A 58 -8.91 -6.98 -5.28
CA LEU A 58 -9.08 -6.96 -6.74
C LEU A 58 -8.93 -8.38 -7.30
N ASP A 59 -7.82 -9.06 -6.99
CA ASP A 59 -7.56 -10.50 -7.24
C ASP A 59 -6.19 -10.93 -6.71
N GLY A 60 -5.97 -12.23 -6.55
CA GLY A 60 -4.70 -12.80 -6.11
C GLY A 60 -4.82 -14.25 -5.66
N ASP A 61 -3.73 -14.83 -5.18
CA ASP A 61 -3.76 -16.11 -4.47
C ASP A 61 -4.08 -15.79 -3.01
N SER A 62 -5.30 -16.13 -2.61
CA SER A 62 -6.09 -15.41 -1.61
C SER A 62 -5.53 -15.39 -0.19
N ARG A 63 -4.55 -16.26 0.11
CA ARG A 63 -3.79 -16.22 1.35
C ARG A 63 -3.10 -14.87 1.59
N LEU A 64 -2.64 -14.16 0.54
CA LEU A 64 -2.10 -12.80 0.69
C LEU A 64 -3.22 -11.76 0.89
N CYS A 65 -4.29 -11.77 0.09
CA CYS A 65 -5.51 -10.98 0.33
C CYS A 65 -6.00 -11.07 1.78
N ALA A 66 -6.05 -12.27 2.37
CA ALA A 66 -6.42 -12.49 3.76
C ALA A 66 -5.42 -11.88 4.75
N ALA A 67 -4.12 -12.14 4.55
CA ALA A 67 -3.06 -11.67 5.44
C ALA A 67 -2.93 -10.13 5.46
N THR A 68 -2.85 -9.49 4.28
CA THR A 68 -2.76 -8.02 4.16
C THR A 68 -3.98 -7.36 4.80
N LYS A 69 -5.18 -7.83 4.47
CA LYS A 69 -6.46 -7.29 4.96
C LYS A 69 -6.47 -7.20 6.49
N ARG A 70 -6.01 -8.26 7.16
CA ARG A 70 -5.89 -8.30 8.61
C ARG A 70 -4.82 -7.33 9.14
N ALA A 71 -3.63 -7.29 8.54
CA ALA A 71 -2.54 -6.38 8.91
C ALA A 71 -2.97 -4.91 8.77
N VAL A 72 -3.55 -4.53 7.65
CA VAL A 72 -4.00 -3.14 7.37
C VAL A 72 -5.14 -2.71 8.30
N ALA A 73 -5.89 -3.69 8.84
CA ALA A 73 -6.95 -3.44 9.81
C ALA A 73 -6.38 -3.24 11.25
N GLN A 74 -5.08 -3.46 11.47
CA GLN A 74 -4.46 -3.41 12.80
C GLN A 74 -3.17 -2.56 12.86
N VAL A 75 -2.59 -2.15 11.72
CA VAL A 75 -1.45 -1.21 11.66
C VAL A 75 -1.75 0.13 12.34
N ASN A 76 -0.72 0.75 12.91
CA ASN A 76 -0.85 1.99 13.71
C ASN A 76 -1.26 3.21 12.86
N SER A 77 -0.58 3.45 11.74
CA SER A 77 -0.70 4.61 10.84
C SER A 77 0.42 4.60 9.79
N PHE A 78 0.11 5.06 8.58
CA PHE A 78 1.04 5.09 7.44
C PHE A 78 1.66 6.50 7.33
N PRO A 79 2.96 6.71 7.62
CA PRO A 79 3.56 8.04 7.60
C PRO A 79 3.84 8.47 6.15
N LEU A 80 3.40 9.68 5.78
CA LEU A 80 3.53 10.19 4.41
C LEU A 80 4.96 10.74 4.16
N PRO A 81 5.52 10.60 2.95
CA PRO A 81 6.80 11.21 2.60
C PRO A 81 6.65 12.73 2.36
N LYS A 82 5.48 13.18 1.91
CA LYS A 82 5.15 14.57 1.61
C LYS A 82 4.06 15.12 2.57
N ASP A 83 3.57 16.36 2.34
CA ASP A 83 2.59 17.04 3.22
C ASP A 83 1.69 18.07 2.48
N GLN A 84 1.56 17.97 1.15
CA GLN A 84 0.74 18.92 0.37
C GLN A 84 -0.66 18.33 0.16
N PRO A 85 -1.75 19.09 0.41
CA PRO A 85 -3.14 18.68 0.17
C PRO A 85 -3.48 18.20 -1.26
N ASP A 86 -2.56 18.28 -2.21
CA ASP A 86 -2.70 17.62 -3.53
C ASP A 86 -2.26 16.15 -3.42
N VAL A 87 -1.01 15.89 -3.05
CA VAL A 87 -0.42 14.54 -3.03
C VAL A 87 -0.93 13.71 -1.85
N VAL A 88 -1.36 14.36 -0.76
CA VAL A 88 -2.05 13.71 0.37
C VAL A 88 -3.37 13.05 -0.09
N GLU A 89 -3.96 13.56 -1.18
CA GLU A 89 -5.17 13.00 -1.80
C GLU A 89 -4.87 11.97 -2.92
N LYS A 90 -3.59 11.63 -3.17
CA LYS A 90 -3.20 10.54 -4.08
C LYS A 90 -2.88 9.25 -3.30
N LEU A 91 -2.04 9.37 -2.27
CA LEU A 91 -1.60 8.28 -1.38
C LEU A 91 -2.74 7.62 -0.61
N LYS A 92 -3.88 8.30 -0.41
CA LYS A 92 -5.04 7.73 0.29
C LYS A 92 -5.72 6.59 -0.52
N ASN A 93 -5.57 6.59 -1.83
CA ASN A 93 -6.14 5.57 -2.74
C ASN A 93 -5.04 4.93 -3.59
N ILE A 94 -4.40 3.89 -3.07
CA ILE A 94 -3.35 3.12 -3.75
C ILE A 94 -3.81 1.71 -4.11
N ASN A 95 -3.26 1.16 -5.19
CA ASN A 95 -3.27 -0.28 -5.42
C ASN A 95 -1.91 -0.87 -4.97
N LEU A 96 -1.95 -1.87 -4.09
CA LEU A 96 -0.80 -2.73 -3.81
C LEU A 96 -0.87 -3.94 -4.74
N THR A 97 0.14 -4.11 -5.61
CA THR A 97 0.22 -5.20 -6.59
C THR A 97 1.62 -5.80 -6.55
N VAL A 98 1.68 -7.12 -6.45
CA VAL A 98 2.90 -7.90 -6.21
C VAL A 98 2.96 -9.14 -7.11
N ALA A 99 4.18 -9.62 -7.40
CA ALA A 99 4.47 -10.86 -8.13
C ALA A 99 5.89 -11.43 -7.86
N PRO A 100 6.31 -11.62 -6.58
CA PRO A 100 7.68 -12.02 -6.24
C PRO A 100 7.94 -13.50 -6.55
N GLU A 101 9.19 -13.80 -6.95
CA GLU A 101 9.64 -15.15 -7.32
C GLU A 101 9.92 -16.03 -6.10
N ALA A 1 8.33 17.93 -20.80
CA ALA A 1 9.29 17.09 -20.09
C ALA A 1 9.01 16.96 -18.57
N ALA A 2 7.79 16.78 -18.07
CA ALA A 2 6.50 16.52 -18.75
C ALA A 2 5.30 16.67 -17.81
N ARG A 3 5.33 16.02 -16.65
CA ARG A 3 4.37 16.11 -15.54
C ARG A 3 3.01 15.43 -15.80
N GLN A 4 2.88 14.68 -16.91
CA GLN A 4 1.60 14.07 -17.33
C GLN A 4 1.45 12.61 -16.88
N GLN A 5 2.56 11.95 -16.56
CA GLN A 5 2.68 10.50 -16.42
C GLN A 5 3.65 10.07 -15.31
N PHE A 6 4.63 10.92 -14.96
CA PHE A 6 5.73 10.63 -14.03
C PHE A 6 5.28 10.15 -12.63
N VAL A 7 4.01 10.39 -12.27
CA VAL A 7 3.35 9.86 -11.06
C VAL A 7 3.46 8.35 -10.94
N THR A 8 3.58 7.64 -12.06
CA THR A 8 3.88 6.19 -12.09
C THR A 8 5.18 5.85 -11.37
N SER A 9 6.22 6.68 -11.51
CA SER A 9 7.50 6.50 -10.82
C SER A 9 7.41 6.88 -9.33
N GLU A 10 6.53 7.82 -8.96
CA GLU A 10 6.21 8.11 -7.56
C GLU A 10 5.36 7.00 -6.93
N VAL A 11 4.58 6.23 -7.69
CA VAL A 11 3.67 5.20 -7.11
C VAL A 11 4.44 4.09 -6.39
N GLY A 12 5.67 3.85 -6.87
CA GLY A 12 6.66 2.93 -6.29
C GLY A 12 7.25 3.40 -4.96
N ARG A 13 6.99 4.66 -4.56
CA ARG A 13 7.24 5.17 -3.19
C ARG A 13 5.93 5.32 -2.41
N TYR A 14 4.94 6.02 -3.00
CA TYR A 14 3.64 6.36 -2.41
C TYR A 14 2.86 5.15 -1.90
N GLY A 15 2.81 4.07 -2.66
CA GLY A 15 2.23 2.79 -2.26
C GLY A 15 3.19 1.91 -1.44
N ALA A 16 4.49 2.19 -1.45
CA ALA A 16 5.48 1.44 -0.70
C ALA A 16 5.41 1.77 0.81
N ILE A 17 5.05 3.00 1.19
CA ILE A 17 4.90 3.41 2.59
C ILE A 17 3.83 2.57 3.32
N TYR A 18 2.86 2.08 2.56
CA TYR A 18 1.80 1.18 3.03
C TYR A 18 2.30 -0.27 3.07
N THR A 19 2.77 -0.80 1.93
CA THR A 19 3.20 -2.22 1.79
C THR A 19 4.32 -2.58 2.76
N GLN A 20 5.22 -1.65 3.03
CA GLN A 20 6.36 -1.84 3.94
C GLN A 20 5.92 -1.85 5.39
N LEU A 21 4.86 -1.12 5.76
CA LEU A 21 4.28 -1.19 7.10
C LEU A 21 3.48 -2.49 7.31
N ILE A 22 2.81 -2.99 6.27
CA ILE A 22 1.99 -4.22 6.34
C ILE A 22 2.87 -5.45 6.58
N ARG A 23 3.99 -5.54 5.86
CA ARG A 23 4.91 -6.69 5.92
C ARG A 23 5.72 -6.75 7.21
N GLN A 24 5.71 -5.65 7.98
CA GLN A 24 6.18 -5.66 9.38
C GLN A 24 5.38 -6.69 10.19
N ASN A 25 4.07 -6.80 9.93
CA ASN A 25 3.22 -7.75 10.66
C ASN A 25 3.37 -9.18 10.11
N LEU A 26 3.47 -9.27 8.78
CA LEU A 26 3.28 -10.52 8.05
C LEU A 26 4.60 -11.20 7.73
N LEU A 27 5.04 -11.98 8.70
CA LEU A 27 6.30 -12.72 8.69
C LEU A 27 6.28 -14.01 7.82
N VAL A 28 5.42 -14.02 6.79
CA VAL A 28 5.01 -15.25 6.10
C VAL A 28 6.01 -15.67 5.01
N GLU A 29 6.34 -14.75 4.10
CA GLU A 29 7.37 -14.86 3.06
C GLU A 29 6.99 -15.86 1.96
N ASP A 30 7.08 -17.17 2.22
CA ASP A 30 6.99 -18.20 1.17
C ASP A 30 5.59 -18.32 0.53
N SER A 31 4.52 -18.03 1.28
CA SER A 31 3.16 -17.92 0.74
C SER A 31 2.85 -16.57 0.07
N PHE A 32 3.82 -15.64 0.03
CA PHE A 32 3.80 -14.38 -0.73
C PHE A 32 4.66 -14.47 -2.02
N ARG A 33 5.55 -15.47 -2.10
CA ARG A 33 6.39 -15.79 -3.28
C ARG A 33 5.70 -16.80 -4.21
N GLY A 34 6.15 -16.83 -5.48
CA GLY A 34 5.72 -17.80 -6.50
C GLY A 34 4.38 -17.48 -7.17
N LYS A 35 3.68 -16.43 -6.72
CA LYS A 35 2.39 -15.96 -7.22
C LYS A 35 2.31 -14.43 -7.28
N GLN A 36 1.17 -13.88 -7.67
CA GLN A 36 0.93 -12.44 -7.74
C GLN A 36 -0.31 -12.07 -6.91
N CYS A 37 -0.48 -10.77 -6.61
CA CYS A 37 -1.70 -10.23 -6.01
C CYS A 37 -1.81 -8.73 -6.31
N ARG A 38 -3.04 -8.24 -6.51
CA ARG A 38 -3.38 -6.82 -6.50
C ARG A 38 -4.57 -6.57 -5.56
N VAL A 39 -4.45 -5.62 -4.65
CA VAL A 39 -5.55 -5.15 -3.80
C VAL A 39 -5.42 -3.64 -3.66
N ASN A 40 -6.41 -2.97 -3.07
CA ASN A 40 -6.46 -1.51 -3.01
C ASN A 40 -6.86 -1.01 -1.63
N LEU A 41 -6.09 -0.05 -1.11
CA LEU A 41 -6.31 0.58 0.18
C LEU A 41 -6.92 1.97 0.01
N LYS A 42 -7.97 2.26 0.79
CA LYS A 42 -8.62 3.55 0.88
C LYS A 42 -8.46 4.10 2.32
N LEU A 43 -7.56 5.06 2.53
CA LEU A 43 -7.25 5.60 3.85
C LEU A 43 -7.93 6.96 4.08
N ILE A 44 -8.04 7.33 5.35
CA ILE A 44 -8.41 8.68 5.82
C ILE A 44 -7.15 9.43 6.29
N PRO A 45 -6.82 10.61 5.73
CA PRO A 45 -5.75 11.46 6.24
C PRO A 45 -6.02 11.87 7.70
N THR A 46 -5.06 11.61 8.59
CA THR A 46 -5.18 11.78 10.05
C THR A 46 -4.18 12.80 10.60
N GLY A 47 -3.00 12.93 9.97
CA GLY A 47 -1.98 13.94 10.30
C GLY A 47 -0.71 13.34 10.93
N THR A 48 -0.87 12.31 11.77
CA THR A 48 0.21 11.39 12.15
C THR A 48 0.58 10.47 10.98
N GLY A 49 -0.42 10.14 10.16
CA GLY A 49 -0.33 9.42 8.89
C GLY A 49 -1.67 9.44 8.16
N ALA A 50 -1.92 8.46 7.27
CA ALA A 50 -3.29 8.04 6.93
C ALA A 50 -3.69 6.83 7.81
N LEU A 51 -4.99 6.52 7.88
CA LEU A 51 -5.58 5.40 8.63
C LEU A 51 -6.53 4.60 7.76
N LEU A 52 -6.63 3.28 7.97
CA LEU A 52 -7.52 2.41 7.18
C LEU A 52 -8.98 2.79 7.35
N GLY A 53 -9.57 3.30 6.26
CA GLY A 53 -11.01 3.57 6.12
C GLY A 53 -11.71 2.38 5.47
N SER A 54 -11.17 1.83 4.38
CA SER A 54 -11.72 0.69 3.65
C SER A 54 -10.62 -0.06 2.87
N LEU A 55 -10.83 -1.37 2.62
CA LEU A 55 -9.94 -2.21 1.82
C LEU A 55 -10.75 -2.98 0.78
N THR A 56 -10.28 -2.95 -0.46
CA THR A 56 -10.86 -3.61 -1.64
C THR A 56 -9.86 -4.65 -2.11
N VAL A 57 -10.28 -5.90 -2.33
CA VAL A 57 -9.45 -6.91 -3.04
C VAL A 57 -9.78 -6.85 -4.54
N LEU A 58 -8.76 -6.90 -5.41
CA LEU A 58 -8.96 -6.87 -6.86
C LEU A 58 -8.73 -8.26 -7.45
N ASP A 59 -7.60 -8.91 -7.10
CA ASP A 59 -7.27 -10.32 -7.41
C ASP A 59 -5.99 -10.79 -6.67
N GLY A 60 -5.71 -12.08 -6.71
CA GLY A 60 -4.45 -12.68 -6.24
C GLY A 60 -4.60 -14.13 -5.82
N ASP A 61 -3.50 -14.68 -5.29
CA ASP A 61 -3.51 -15.95 -4.59
C ASP A 61 -3.83 -15.67 -3.12
N SER A 62 -5.00 -16.15 -2.68
CA SER A 62 -5.77 -15.62 -1.54
C SER A 62 -5.04 -15.59 -0.19
N ARG A 63 -3.96 -16.38 -0.05
CA ARG A 63 -3.07 -16.37 1.12
C ARG A 63 -2.50 -14.99 1.42
N LEU A 64 -2.31 -14.11 0.42
CA LEU A 64 -1.88 -12.73 0.66
C LEU A 64 -3.07 -11.82 0.97
N CYS A 65 -4.14 -11.81 0.17
CA CYS A 65 -5.40 -11.10 0.46
C CYS A 65 -5.90 -11.29 1.91
N ALA A 66 -5.94 -12.52 2.41
CA ALA A 66 -6.40 -12.85 3.76
C ALA A 66 -5.48 -12.30 4.87
N ALA A 67 -4.18 -12.17 4.60
CA ALA A 67 -3.16 -11.70 5.54
C ALA A 67 -3.05 -10.16 5.56
N THR A 68 -2.89 -9.53 4.39
CA THR A 68 -2.81 -8.06 4.26
C THR A 68 -4.03 -7.39 4.85
N LYS A 69 -5.23 -7.87 4.51
CA LYS A 69 -6.52 -7.36 4.97
C LYS A 69 -6.54 -7.19 6.49
N ARG A 70 -6.08 -8.24 7.19
CA ARG A 70 -5.98 -8.24 8.65
C ARG A 70 -4.89 -7.31 9.18
N ALA A 71 -3.69 -7.29 8.59
CA ALA A 71 -2.61 -6.38 8.96
C ALA A 71 -3.02 -4.90 8.81
N VAL A 72 -3.61 -4.52 7.70
CA VAL A 72 -4.04 -3.14 7.42
C VAL A 72 -5.17 -2.70 8.36
N ALA A 73 -5.92 -3.66 8.91
CA ALA A 73 -6.98 -3.41 9.88
C ALA A 73 -6.43 -3.24 11.32
N GLN A 74 -5.12 -3.41 11.52
CA GLN A 74 -4.47 -3.36 12.84
C GLN A 74 -3.19 -2.51 12.89
N VAL A 75 -2.62 -2.11 11.74
CA VAL A 75 -1.48 -1.16 11.68
C VAL A 75 -1.80 0.20 12.33
N ASN A 76 -0.77 0.86 12.88
CA ASN A 76 -0.92 2.10 13.65
C ASN A 76 -1.27 3.34 12.79
N SER A 77 -0.58 3.54 11.67
CA SER A 77 -0.67 4.72 10.78
C SER A 77 0.44 4.73 9.71
N PHE A 78 0.12 5.20 8.50
CA PHE A 78 1.03 5.23 7.35
C PHE A 78 1.64 6.63 7.19
N PRO A 79 2.94 6.84 7.44
CA PRO A 79 3.55 8.17 7.41
C PRO A 79 3.80 8.62 5.96
N LEU A 80 3.37 9.86 5.63
CA LEU A 80 3.41 10.41 4.27
C LEU A 80 4.84 10.82 3.84
N PRO A 81 5.23 10.65 2.56
CA PRO A 81 6.51 11.12 2.03
C PRO A 81 6.51 12.64 1.83
N LYS A 82 5.44 13.19 1.22
CA LYS A 82 5.13 14.62 1.11
C LYS A 82 3.72 14.93 1.62
N ASP A 83 3.49 16.17 2.07
CA ASP A 83 2.37 16.56 2.93
C ASP A 83 1.43 17.62 2.31
N GLN A 84 1.51 17.89 1.00
CA GLN A 84 0.71 18.93 0.34
C GLN A 84 -0.70 18.40 0.07
N PRO A 85 -1.76 19.24 0.20
CA PRO A 85 -3.15 18.83 -0.03
C PRO A 85 -3.45 18.38 -1.46
N ASP A 86 -2.48 18.43 -2.39
CA ASP A 86 -2.60 17.78 -3.71
C ASP A 86 -2.17 16.31 -3.66
N VAL A 87 -1.04 16.00 -2.98
CA VAL A 87 -0.45 14.65 -2.93
C VAL A 87 -1.01 13.80 -1.80
N VAL A 88 -1.56 14.43 -0.75
CA VAL A 88 -2.36 13.76 0.29
C VAL A 88 -3.54 12.99 -0.34
N GLU A 89 -4.01 13.45 -1.52
CA GLU A 89 -5.10 12.83 -2.26
C GLU A 89 -4.65 11.66 -3.18
N LYS A 90 -3.34 11.38 -3.29
CA LYS A 90 -2.83 10.27 -4.09
C LYS A 90 -2.59 9.02 -3.24
N LEU A 91 -1.82 9.21 -2.17
CA LEU A 91 -1.45 8.17 -1.21
C LEU A 91 -2.65 7.57 -0.47
N LYS A 92 -3.76 8.28 -0.33
CA LYS A 92 -4.95 7.75 0.34
C LYS A 92 -5.65 6.65 -0.44
N ASN A 93 -5.50 6.60 -1.77
CA ASN A 93 -6.08 5.60 -2.66
C ASN A 93 -4.99 4.93 -3.52
N ILE A 94 -4.33 3.91 -2.96
CA ILE A 94 -3.28 3.13 -3.62
C ILE A 94 -3.74 1.73 -3.97
N ASN A 95 -3.10 1.11 -4.96
CA ASN A 95 -3.04 -0.34 -5.06
C ASN A 95 -1.77 -0.86 -4.34
N LEU A 96 -1.90 -1.93 -3.57
CA LEU A 96 -0.81 -2.85 -3.27
C LEU A 96 -0.82 -3.92 -4.36
N THR A 97 0.25 -3.98 -5.17
CA THR A 97 0.37 -4.90 -6.30
C THR A 97 1.74 -5.55 -6.28
N VAL A 98 1.76 -6.89 -6.34
CA VAL A 98 2.95 -7.73 -6.19
C VAL A 98 2.96 -8.85 -7.24
N ALA A 99 4.14 -9.43 -7.50
CA ALA A 99 4.39 -10.47 -8.50
C ALA A 99 5.74 -11.19 -8.24
N PRO A 100 5.97 -12.41 -8.79
CA PRO A 100 7.13 -13.23 -8.44
C PRO A 100 8.41 -12.85 -9.21
N GLU A 101 8.31 -12.03 -10.26
CA GLU A 101 9.45 -11.57 -11.07
C GLU A 101 10.28 -10.52 -10.30
N ALA A 1 15.29 16.89 -6.63
CA ALA A 1 14.07 16.22 -7.10
C ALA A 1 13.92 16.22 -8.62
N ALA A 2 14.27 17.35 -9.26
CA ALA A 2 14.31 17.61 -10.71
C ALA A 2 12.90 17.87 -11.28
N ARG A 3 11.99 16.92 -11.05
CA ARG A 3 10.53 17.05 -11.18
C ARG A 3 10.04 17.04 -12.65
N GLN A 4 10.93 16.72 -13.60
CA GLN A 4 10.61 16.67 -15.03
C GLN A 4 10.19 15.26 -15.49
N GLN A 5 10.52 14.23 -14.70
CA GLN A 5 10.41 12.82 -15.05
C GLN A 5 10.06 11.92 -13.84
N PHE A 6 10.41 12.35 -12.61
CA PHE A 6 10.40 11.55 -11.39
C PHE A 6 9.04 10.99 -10.92
N VAL A 7 7.93 11.33 -11.58
CA VAL A 7 6.56 10.93 -11.18
C VAL A 7 6.39 9.42 -11.12
N THR A 8 7.12 8.69 -11.97
CA THR A 8 7.23 7.22 -11.92
C THR A 8 7.95 6.73 -10.67
N SER A 9 9.08 7.32 -10.33
CA SER A 9 9.87 7.03 -9.13
C SER A 9 9.08 7.25 -7.83
N GLU A 10 8.13 8.20 -7.84
CA GLU A 10 7.21 8.39 -6.72
C GLU A 10 6.23 7.21 -6.56
N VAL A 11 5.88 6.45 -7.60
CA VAL A 11 5.06 5.22 -7.43
C VAL A 11 5.83 4.17 -6.61
N GLY A 12 7.18 4.22 -6.68
CA GLY A 12 8.08 3.41 -5.86
C GLY A 12 8.16 3.83 -4.40
N ARG A 13 7.64 5.02 -4.03
CA ARG A 13 7.52 5.48 -2.63
C ARG A 13 6.07 5.47 -2.12
N TYR A 14 5.17 6.16 -2.82
CA TYR A 14 3.78 6.48 -2.40
C TYR A 14 2.97 5.26 -1.99
N GLY A 15 3.07 4.16 -2.74
CA GLY A 15 2.49 2.85 -2.43
C GLY A 15 3.38 1.97 -1.55
N ALA A 16 4.68 2.27 -1.44
CA ALA A 16 5.62 1.51 -0.63
C ALA A 16 5.49 1.82 0.87
N ILE A 17 5.11 3.04 1.24
CA ILE A 17 4.87 3.42 2.65
C ILE A 17 3.78 2.56 3.29
N TYR A 18 2.85 2.06 2.47
CA TYR A 18 1.80 1.14 2.88
C TYR A 18 2.35 -0.29 2.95
N THR A 19 2.87 -0.80 1.83
CA THR A 19 3.30 -2.21 1.67
C THR A 19 4.38 -2.60 2.67
N GLN A 20 5.28 -1.68 2.99
CA GLN A 20 6.35 -1.87 3.96
C GLN A 20 5.78 -1.94 5.38
N LEU A 21 4.83 -1.07 5.73
CA LEU A 21 4.21 -1.13 7.05
C LEU A 21 3.36 -2.39 7.24
N ILE A 22 2.77 -2.93 6.17
CA ILE A 22 2.02 -4.18 6.21
C ILE A 22 2.94 -5.35 6.47
N ARG A 23 4.01 -5.50 5.68
CA ARG A 23 4.93 -6.64 5.77
C ARG A 23 5.77 -6.64 7.06
N GLN A 24 5.87 -5.49 7.73
CA GLN A 24 6.38 -5.42 9.12
C GLN A 24 5.60 -6.35 10.06
N ASN A 25 4.29 -6.52 9.82
CA ASN A 25 3.46 -7.36 10.68
C ASN A 25 3.63 -8.85 10.38
N LEU A 26 3.85 -9.17 9.10
CA LEU A 26 3.90 -10.53 8.58
C LEU A 26 5.10 -10.66 7.61
N LEU A 27 6.29 -10.87 8.18
CA LEU A 27 7.55 -11.07 7.43
C LEU A 27 7.66 -12.47 6.81
N VAL A 28 6.57 -12.95 6.20
CA VAL A 28 6.36 -14.37 5.82
C VAL A 28 7.12 -14.73 4.54
N GLU A 29 6.84 -14.01 3.45
CA GLU A 29 7.48 -14.11 2.11
C GLU A 29 7.07 -15.37 1.34
N ASP A 30 7.16 -16.56 1.96
CA ASP A 30 6.95 -17.86 1.30
C ASP A 30 5.52 -18.06 0.77
N SER A 31 4.51 -17.47 1.44
CA SER A 31 3.11 -17.45 0.97
C SER A 31 2.77 -16.22 0.10
N PHE A 32 3.74 -15.33 -0.15
CA PHE A 32 3.59 -14.09 -0.92
C PHE A 32 4.35 -14.14 -2.27
N ARG A 33 5.38 -14.99 -2.37
CA ARG A 33 6.24 -15.20 -3.55
C ARG A 33 5.69 -16.30 -4.48
N GLY A 34 6.15 -16.32 -5.73
CA GLY A 34 5.85 -17.35 -6.75
C GLY A 34 4.48 -17.19 -7.43
N LYS A 35 3.62 -16.32 -6.89
CA LYS A 35 2.29 -15.97 -7.41
C LYS A 35 2.12 -14.45 -7.55
N GLN A 36 0.91 -13.96 -7.81
CA GLN A 36 0.60 -12.54 -7.89
C GLN A 36 -0.61 -12.19 -7.01
N CYS A 37 -0.80 -10.90 -6.70
CA CYS A 37 -2.01 -10.37 -6.09
C CYS A 37 -2.15 -8.88 -6.40
N ARG A 38 -3.39 -8.41 -6.59
CA ARG A 38 -3.76 -7.00 -6.62
C ARG A 38 -4.90 -6.73 -5.63
N VAL A 39 -4.76 -5.72 -4.77
CA VAL A 39 -5.81 -5.21 -3.88
C VAL A 39 -5.67 -3.70 -3.79
N ASN A 40 -6.63 -3.00 -3.21
CA ASN A 40 -6.65 -1.55 -3.14
C ASN A 40 -7.00 -1.05 -1.74
N LEU A 41 -6.19 -0.12 -1.24
CA LEU A 41 -6.38 0.52 0.07
C LEU A 41 -6.99 1.91 -0.11
N LYS A 42 -8.03 2.18 0.70
CA LYS A 42 -8.69 3.48 0.78
C LYS A 42 -8.51 4.04 2.20
N LEU A 43 -7.59 4.99 2.38
CA LEU A 43 -7.29 5.58 3.68
C LEU A 43 -8.01 6.92 3.87
N ILE A 44 -8.14 7.31 5.13
CA ILE A 44 -8.52 8.66 5.58
C ILE A 44 -7.28 9.41 6.09
N PRO A 45 -7.17 10.75 5.93
CA PRO A 45 -6.05 11.51 6.48
C PRO A 45 -6.19 11.65 8.00
N THR A 46 -5.10 11.40 8.74
CA THR A 46 -5.00 11.58 10.20
C THR A 46 -4.09 12.75 10.62
N GLY A 47 -3.46 13.42 9.64
CA GLY A 47 -2.56 14.56 9.82
C GLY A 47 -1.08 14.15 9.79
N THR A 48 -0.70 13.21 10.66
CA THR A 48 0.65 12.59 10.71
C THR A 48 0.84 11.51 9.65
N GLY A 49 -0.25 10.89 9.20
CA GLY A 49 -0.29 9.85 8.17
C GLY A 49 -1.69 9.68 7.58
N ALA A 50 -1.96 8.53 6.98
CA ALA A 50 -3.30 8.06 6.67
C ALA A 50 -3.72 6.88 7.58
N LEU A 51 -5.01 6.54 7.64
CA LEU A 51 -5.59 5.45 8.44
C LEU A 51 -6.58 4.62 7.60
N LEU A 52 -6.66 3.30 7.81
CA LEU A 52 -7.57 2.42 7.05
C LEU A 52 -9.05 2.83 7.19
N GLY A 53 -9.63 3.30 6.09
CA GLY A 53 -11.06 3.60 5.95
C GLY A 53 -11.81 2.46 5.27
N SER A 54 -11.19 1.78 4.29
CA SER A 54 -11.73 0.60 3.60
C SER A 54 -10.63 -0.15 2.81
N LEU A 55 -10.82 -1.44 2.59
CA LEU A 55 -9.94 -2.28 1.79
C LEU A 55 -10.78 -3.08 0.77
N THR A 56 -10.39 -2.96 -0.50
CA THR A 56 -11.03 -3.60 -1.65
C THR A 56 -10.09 -4.67 -2.18
N VAL A 57 -10.48 -5.94 -2.20
CA VAL A 57 -9.70 -7.00 -2.88
C VAL A 57 -10.09 -7.05 -4.36
N LEU A 58 -9.10 -7.13 -5.26
CA LEU A 58 -9.35 -7.14 -6.71
C LEU A 58 -9.10 -8.55 -7.27
N ASP A 59 -7.96 -9.18 -6.94
CA ASP A 59 -7.63 -10.59 -7.25
C ASP A 59 -6.31 -11.02 -6.58
N GLY A 60 -6.03 -12.32 -6.54
CA GLY A 60 -4.74 -12.90 -6.15
C GLY A 60 -4.82 -14.35 -5.70
N ASP A 61 -3.67 -14.88 -5.29
CA ASP A 61 -3.60 -16.16 -4.59
C ASP A 61 -3.89 -15.90 -3.10
N SER A 62 -5.00 -16.49 -2.63
CA SER A 62 -5.81 -15.97 -1.51
C SER A 62 -5.07 -15.73 -0.19
N ARG A 63 -3.97 -16.44 0.03
CA ARG A 63 -3.08 -16.28 1.18
C ARG A 63 -2.65 -14.82 1.39
N LEU A 64 -2.38 -14.05 0.33
CA LEU A 64 -1.91 -12.66 0.47
C LEU A 64 -3.05 -11.69 0.77
N CYS A 65 -4.13 -11.64 -0.02
CA CYS A 65 -5.27 -10.76 0.27
C CYS A 65 -5.94 -11.01 1.62
N ALA A 66 -5.91 -12.24 2.14
CA ALA A 66 -6.34 -12.56 3.51
C ALA A 66 -5.36 -12.01 4.58
N ALA A 67 -4.06 -12.16 4.36
CA ALA A 67 -3.00 -11.74 5.30
C ALA A 67 -2.84 -10.21 5.40
N THR A 68 -2.64 -9.54 4.26
CA THR A 68 -2.48 -8.08 4.20
C THR A 68 -3.66 -7.38 4.88
N LYS A 69 -4.88 -7.78 4.53
CA LYS A 69 -6.13 -7.20 5.01
C LYS A 69 -6.18 -7.13 6.55
N ARG A 70 -5.79 -8.23 7.21
CA ARG A 70 -5.71 -8.29 8.68
C ARG A 70 -4.66 -7.32 9.24
N ALA A 71 -3.49 -7.21 8.61
CA ALA A 71 -2.44 -6.23 8.94
C ALA A 71 -2.93 -4.78 8.76
N VAL A 72 -3.51 -4.43 7.62
CA VAL A 72 -4.04 -3.07 7.35
C VAL A 72 -5.16 -2.68 8.31
N ALA A 73 -5.87 -3.66 8.87
CA ALA A 73 -6.92 -3.45 9.87
C ALA A 73 -6.34 -3.19 11.28
N GLN A 74 -5.03 -3.34 11.47
CA GLN A 74 -4.38 -3.24 12.79
C GLN A 74 -3.12 -2.34 12.80
N VAL A 75 -2.57 -1.94 11.65
CA VAL A 75 -1.45 -0.99 11.53
C VAL A 75 -1.77 0.37 12.18
N ASN A 76 -0.75 1.02 12.75
CA ASN A 76 -0.89 2.27 13.52
C ASN A 76 -1.29 3.50 12.68
N SER A 77 -0.70 3.66 11.49
CA SER A 77 -0.76 4.86 10.62
C SER A 77 0.35 4.83 9.57
N PHE A 78 0.03 5.23 8.33
CA PHE A 78 0.98 5.17 7.20
C PHE A 78 1.73 6.50 7.08
N PRO A 79 3.06 6.55 7.32
CA PRO A 79 3.81 7.80 7.33
C PRO A 79 4.04 8.26 5.89
N LEU A 80 3.52 9.44 5.56
CA LEU A 80 3.56 10.04 4.22
C LEU A 80 4.77 10.98 4.04
N PRO A 81 5.44 10.97 2.86
CA PRO A 81 6.74 11.62 2.66
C PRO A 81 6.63 13.14 2.44
N LYS A 82 5.53 13.60 1.82
CA LYS A 82 5.23 15.02 1.59
C LYS A 82 3.84 15.35 2.16
N ASP A 83 3.66 16.58 2.66
CA ASP A 83 2.53 17.00 3.50
C ASP A 83 1.45 17.83 2.77
N GLN A 84 1.53 17.97 1.45
CA GLN A 84 0.67 18.88 0.70
C GLN A 84 -0.72 18.25 0.52
N PRO A 85 -1.81 19.01 0.72
CA PRO A 85 -3.17 18.50 0.53
C PRO A 85 -3.48 18.09 -0.92
N ASP A 86 -2.56 18.32 -1.87
CA ASP A 86 -2.65 17.80 -3.23
C ASP A 86 -2.09 16.37 -3.34
N VAL A 87 -1.02 16.04 -2.61
CA VAL A 87 -0.34 14.73 -2.66
C VAL A 87 -0.86 13.75 -1.61
N VAL A 88 -1.38 14.25 -0.48
CA VAL A 88 -2.11 13.44 0.52
C VAL A 88 -3.34 12.75 -0.13
N GLU A 89 -3.87 13.35 -1.19
CA GLU A 89 -5.02 12.82 -1.96
C GLU A 89 -4.65 11.75 -2.99
N LYS A 90 -3.35 11.48 -3.20
CA LYS A 90 -2.90 10.38 -4.07
C LYS A 90 -2.66 9.11 -3.28
N LEU A 91 -1.81 9.22 -2.25
CA LEU A 91 -1.42 8.13 -1.38
C LEU A 91 -2.62 7.49 -0.65
N LYS A 92 -3.72 8.21 -0.41
CA LYS A 92 -4.88 7.64 0.27
C LYS A 92 -5.62 6.58 -0.55
N ASN A 93 -5.48 6.58 -1.88
CA ASN A 93 -6.06 5.60 -2.78
C ASN A 93 -4.97 4.91 -3.63
N ILE A 94 -4.36 3.85 -3.10
CA ILE A 94 -3.35 3.03 -3.79
C ILE A 94 -3.89 1.65 -4.15
N ASN A 95 -3.37 1.07 -5.22
CA ASN A 95 -3.36 -0.38 -5.36
C ASN A 95 -2.06 -0.94 -4.75
N LEU A 96 -2.17 -1.95 -3.88
CA LEU A 96 -1.07 -2.88 -3.62
C LEU A 96 -1.16 -3.98 -4.68
N THR A 97 -0.19 -4.03 -5.59
CA THR A 97 -0.13 -4.99 -6.69
C THR A 97 1.28 -5.58 -6.74
N VAL A 98 1.34 -6.92 -6.71
CA VAL A 98 2.57 -7.72 -6.61
C VAL A 98 2.56 -8.86 -7.64
N ALA A 99 3.75 -9.28 -8.06
CA ALA A 99 3.99 -10.34 -9.06
C ALA A 99 5.48 -10.77 -9.03
N PRO A 100 5.85 -11.93 -9.63
CA PRO A 100 7.24 -12.43 -9.64
C PRO A 100 8.24 -11.47 -10.29
N GLU A 101 7.83 -10.71 -11.32
CA GLU A 101 8.62 -9.64 -11.95
C GLU A 101 8.25 -8.29 -11.36
#